data_4B6M
# 
_entry.id   4B6M 
# 
_audit_conform.dict_name       mmcif_pdbx.dic 
_audit_conform.dict_version    5.383 
_audit_conform.dict_location   http://mmcif.pdb.org/dictionaries/ascii/mmcif_pdbx.dic 
# 
loop_
_database_2.database_id 
_database_2.database_code 
_database_2.pdbx_database_accession 
_database_2.pdbx_DOI 
PDB   4B6M         pdb_00004b6m 10.2210/pdb4b6m/pdb 
PDBE  EBI-53643    ?            ?                   
WWPDB D_1290053643 ?            ?                   
# 
_pdbx_database_status.status_code                     REL 
_pdbx_database_status.entry_id                        4B6M 
_pdbx_database_status.deposit_site                    PDBE 
_pdbx_database_status.process_site                    PDBE 
_pdbx_database_status.SG_entry                        . 
_pdbx_database_status.recvd_initial_deposition_date   2012-08-14 
_pdbx_database_status.pdb_format_compatible           Y 
_pdbx_database_status.status_code_sf                  REL 
_pdbx_database_status.status_code_mr                  ? 
_pdbx_database_status.status_code_cs                  ? 
_pdbx_database_status.methods_development_category    ? 
_pdbx_database_status.status_code_nmr_data            ? 
# 
loop_
_audit_author.name 
_audit_author.pdbx_ordinal 
'Fleming, J.R.' 1 
'Morgan, R.E.'  2 
'Hunter, W.N.'  3 
# 
_citation.id                        primary 
_citation.title                     
'The Architecture of Trypanosoma Brucei Tubulin-Binding Cofactor B and Implications for Function.' 
_citation.journal_abbrev            'FEBS J.' 
_citation.journal_volume            280 
_citation.page_first                3270 
_citation.page_last                 ? 
_citation.year                      2013 
_citation.journal_id_ASTM           ? 
_citation.country                   UK 
_citation.journal_id_ISSN           1742-464X 
_citation.journal_id_CSD            ? 
_citation.book_publisher            ? 
_citation.pdbx_database_id_PubMed   23627368 
_citation.pdbx_database_id_DOI      10.1111/FEBS.12308 
# 
loop_
_citation_author.citation_id 
_citation_author.name 
_citation_author.ordinal 
_citation_author.identifier_ORCID 
primary 'Fleming, J.R.' 1 ? 
primary 'Morgan, R.E.'  2 ? 
primary 'Fyfe, P.K.'    3 ? 
primary 'Kelly, S.M.'   4 ? 
primary 'Hunter, W.N.'  5 ? 
# 
_cell.entry_id           4B6M 
_cell.length_a           32.660 
_cell.length_b           55.730 
_cell.length_c           80.350 
_cell.angle_alpha        90.00 
_cell.angle_beta         90.00 
_cell.angle_gamma        90.00 
_cell.Z_PDB              8 
_cell.pdbx_unique_axis   ? 
# 
_symmetry.entry_id                         4B6M 
_symmetry.space_group_name_H-M             'P 21 21 21' 
_symmetry.pdbx_full_space_group_name_H-M   ? 
_symmetry.cell_setting                     ? 
_symmetry.Int_Tables_number                19 
# 
loop_
_entity.id 
_entity.type 
_entity.src_method 
_entity.pdbx_description 
_entity.formula_weight 
_entity.pdbx_number_of_molecules 
_entity.pdbx_ec 
_entity.pdbx_mutation 
_entity.pdbx_fragment 
_entity.details 
1 polymer     man 'TUBULIN-SPECIFIC CHAPERONE, PUTATIVE' 9235.447 2   ? ? 'CAP-GLY DOMAIN, RESIDUES 152-232' ? 
2 non-polymer syn 'FORMIC ACID'                          46.025   7   ? ? ?                                  ? 
3 water       nat water                                  18.015   229 ? ? ?                                  ? 
# 
_entity_name_com.entity_id   1 
_entity_name_com.name        'TUBULIN BINDING COFACTOR B' 
# 
_entity_poly.entity_id                      1 
_entity_poly.type                           'polypeptide(L)' 
_entity_poly.nstd_linkage                   no 
_entity_poly.nstd_monomer                   no 
_entity_poly.pdbx_seq_one_letter_code       
;GHMETIHVGDRCLCRPGDRLGSVRFVGRVASLKPGYWVGVEFDEPVGKGDGTVKGTRVFQCQPNYGGFLRPDQVEVGDFP
PEVF
;
_entity_poly.pdbx_seq_one_letter_code_can   
;GHMETIHVGDRCLCRPGDRLGSVRFVGRVASLKPGYWVGVEFDEPVGKGDGTVKGTRVFQCQPNYGGFLRPDQVEVGDFP
PEVF
;
_entity_poly.pdbx_strand_id                 A,B 
_entity_poly.pdbx_target_identifier         ? 
# 
loop_
_entity_poly_seq.entity_id 
_entity_poly_seq.num 
_entity_poly_seq.mon_id 
_entity_poly_seq.hetero 
1 1  GLY n 
1 2  HIS n 
1 3  MET n 
1 4  GLU n 
1 5  THR n 
1 6  ILE n 
1 7  HIS n 
1 8  VAL n 
1 9  GLY n 
1 10 ASP n 
1 11 ARG n 
1 12 CYS n 
1 13 LEU n 
1 14 CYS n 
1 15 ARG n 
1 16 PRO n 
1 17 GLY n 
1 18 ASP n 
1 19 ARG n 
1 20 LEU n 
1 21 GLY n 
1 22 SER n 
1 23 VAL n 
1 24 ARG n 
1 25 PHE n 
1 26 VAL n 
1 27 GLY n 
1 28 ARG n 
1 29 VAL n 
1 30 ALA n 
1 31 SER n 
1 32 LEU n 
1 33 LYS n 
1 34 PRO n 
1 35 GLY n 
1 36 TYR n 
1 37 TRP n 
1 38 VAL n 
1 39 GLY n 
1 40 VAL n 
1 41 GLU n 
1 42 PHE n 
1 43 ASP n 
1 44 GLU n 
1 45 PRO n 
1 46 VAL n 
1 47 GLY n 
1 48 LYS n 
1 49 GLY n 
1 50 ASP n 
1 51 GLY n 
1 52 THR n 
1 53 VAL n 
1 54 LYS n 
1 55 GLY n 
1 56 THR n 
1 57 ARG n 
1 58 VAL n 
1 59 PHE n 
1 60 GLN n 
1 61 CYS n 
1 62 GLN n 
1 63 PRO n 
1 64 ASN n 
1 65 TYR n 
1 66 GLY n 
1 67 GLY n 
1 68 PHE n 
1 69 LEU n 
1 70 ARG n 
1 71 PRO n 
1 72 ASP n 
1 73 GLN n 
1 74 VAL n 
1 75 GLU n 
1 76 VAL n 
1 77 GLY n 
1 78 ASP n 
1 79 PHE n 
1 80 PRO n 
1 81 PRO n 
1 82 GLU n 
1 83 VAL n 
1 84 PHE n 
# 
_entity_src_gen.entity_id                          1 
_entity_src_gen.pdbx_src_id                        1 
_entity_src_gen.pdbx_alt_source_flag               sample 
_entity_src_gen.pdbx_seq_type                      ? 
_entity_src_gen.pdbx_beg_seq_num                   ? 
_entity_src_gen.pdbx_end_seq_num                   ? 
_entity_src_gen.gene_src_common_name               ? 
_entity_src_gen.gene_src_genus                     ? 
_entity_src_gen.pdbx_gene_src_gene                 ? 
_entity_src_gen.gene_src_species                   ? 
_entity_src_gen.gene_src_strain                    947 
_entity_src_gen.gene_src_tissue                    ? 
_entity_src_gen.gene_src_tissue_fraction           ? 
_entity_src_gen.gene_src_details                   ? 
_entity_src_gen.pdbx_gene_src_fragment             ? 
_entity_src_gen.pdbx_gene_src_scientific_name      'TRYPANOSOMA BRUCEI' 
_entity_src_gen.pdbx_gene_src_ncbi_taxonomy_id     5691 
_entity_src_gen.pdbx_gene_src_variant              ? 
_entity_src_gen.pdbx_gene_src_cell_line            ? 
_entity_src_gen.pdbx_gene_src_atcc                 ? 
_entity_src_gen.pdbx_gene_src_organ                ? 
_entity_src_gen.pdbx_gene_src_organelle            ? 
_entity_src_gen.pdbx_gene_src_cell                 ? 
_entity_src_gen.pdbx_gene_src_cellular_location    ? 
_entity_src_gen.host_org_common_name               ? 
_entity_src_gen.pdbx_host_org_scientific_name      'ESCHERICHIA COLI' 
_entity_src_gen.pdbx_host_org_ncbi_taxonomy_id     469008 
_entity_src_gen.host_org_genus                     ? 
_entity_src_gen.pdbx_host_org_gene                 ? 
_entity_src_gen.pdbx_host_org_organ                ? 
_entity_src_gen.host_org_species                   ? 
_entity_src_gen.pdbx_host_org_tissue               ? 
_entity_src_gen.pdbx_host_org_tissue_fraction      ? 
_entity_src_gen.pdbx_host_org_strain               'BL21(DE3)' 
_entity_src_gen.pdbx_host_org_variant              'ROSETTA PLYSS' 
_entity_src_gen.pdbx_host_org_cell_line            ? 
_entity_src_gen.pdbx_host_org_atcc                 ? 
_entity_src_gen.pdbx_host_org_culture_collection   ? 
_entity_src_gen.pdbx_host_org_cell                 ? 
_entity_src_gen.pdbx_host_org_organelle            ? 
_entity_src_gen.pdbx_host_org_cellular_location    ? 
_entity_src_gen.pdbx_host_org_vector_type          PLASMID 
_entity_src_gen.pdbx_host_org_vector               ? 
_entity_src_gen.host_org_details                   ? 
_entity_src_gen.expression_system_id               ? 
_entity_src_gen.plasmid_name                       PET15B 
_entity_src_gen.plasmid_details                    ? 
_entity_src_gen.pdbx_description                   ? 
# 
_struct_ref.id                         1 
_struct_ref.db_name                    UNP 
_struct_ref.db_code                    D0A053_TRYB9 
_struct_ref.entity_id                  1 
_struct_ref.pdbx_seq_one_letter_code   ? 
_struct_ref.pdbx_align_begin           ? 
_struct_ref.pdbx_db_accession          D0A053 
_struct_ref.pdbx_db_isoform            ? 
# 
loop_
_struct_ref_seq.align_id 
_struct_ref_seq.ref_id 
_struct_ref_seq.pdbx_PDB_id_code 
_struct_ref_seq.pdbx_strand_id 
_struct_ref_seq.seq_align_beg 
_struct_ref_seq.pdbx_seq_align_beg_ins_code 
_struct_ref_seq.seq_align_end 
_struct_ref_seq.pdbx_seq_align_end_ins_code 
_struct_ref_seq.pdbx_db_accession 
_struct_ref_seq.db_align_beg 
_struct_ref_seq.pdbx_db_align_beg_ins_code 
_struct_ref_seq.db_align_end 
_struct_ref_seq.pdbx_db_align_end_ins_code 
_struct_ref_seq.pdbx_auth_seq_align_beg 
_struct_ref_seq.pdbx_auth_seq_align_end 
1 1 4B6M A 4 ? 84 ? D0A053 152 ? 232 ? 152 232 
2 1 4B6M B 4 ? 84 ? D0A053 152 ? 232 ? 152 232 
# 
loop_
_struct_ref_seq_dif.align_id 
_struct_ref_seq_dif.pdbx_pdb_id_code 
_struct_ref_seq_dif.mon_id 
_struct_ref_seq_dif.pdbx_pdb_strand_id 
_struct_ref_seq_dif.seq_num 
_struct_ref_seq_dif.pdbx_pdb_ins_code 
_struct_ref_seq_dif.pdbx_seq_db_name 
_struct_ref_seq_dif.pdbx_seq_db_accession_code 
_struct_ref_seq_dif.db_mon_id 
_struct_ref_seq_dif.pdbx_seq_db_seq_num 
_struct_ref_seq_dif.details 
_struct_ref_seq_dif.pdbx_auth_seq_num 
_struct_ref_seq_dif.pdbx_ordinal 
1 4B6M GLY A 1  ? UNP D0A053 ?   ?   'expression tag' 149 1 
1 4B6M HIS A 2  ? UNP D0A053 ?   ?   'expression tag' 150 2 
1 4B6M MET A 3  ? UNP D0A053 ?   ?   'expression tag' 151 3 
1 4B6M VAL A 83 ? UNP D0A053 MET 231 'SEE REMARK 999' 231 4 
2 4B6M GLY B 1  ? UNP D0A053 ?   ?   'expression tag' 149 5 
2 4B6M HIS B 2  ? UNP D0A053 ?   ?   'expression tag' 150 6 
2 4B6M MET B 3  ? UNP D0A053 ?   ?   'expression tag' 151 7 
2 4B6M VAL B 83 ? UNP D0A053 MET 231 'SEE REMARK 999' 231 8 
# 
loop_
_chem_comp.id 
_chem_comp.type 
_chem_comp.mon_nstd_flag 
_chem_comp.name 
_chem_comp.pdbx_synonyms 
_chem_comp.formula 
_chem_comp.formula_weight 
ALA 'L-peptide linking' y ALANINE         ? 'C3 H7 N O2'     89.093  
ARG 'L-peptide linking' y ARGININE        ? 'C6 H15 N4 O2 1' 175.209 
ASN 'L-peptide linking' y ASPARAGINE      ? 'C4 H8 N2 O3'    132.118 
ASP 'L-peptide linking' y 'ASPARTIC ACID' ? 'C4 H7 N O4'     133.103 
CYS 'L-peptide linking' y CYSTEINE        ? 'C3 H7 N O2 S'   121.158 
FMT non-polymer         . 'FORMIC ACID'   ? 'C H2 O2'        46.025  
GLN 'L-peptide linking' y GLUTAMINE       ? 'C5 H10 N2 O3'   146.144 
GLU 'L-peptide linking' y 'GLUTAMIC ACID' ? 'C5 H9 N O4'     147.129 
GLY 'peptide linking'   y GLYCINE         ? 'C2 H5 N O2'     75.067  
HIS 'L-peptide linking' y HISTIDINE       ? 'C6 H10 N3 O2 1' 156.162 
HOH non-polymer         . WATER           ? 'H2 O'           18.015  
ILE 'L-peptide linking' y ISOLEUCINE      ? 'C6 H13 N O2'    131.173 
LEU 'L-peptide linking' y LEUCINE         ? 'C6 H13 N O2'    131.173 
LYS 'L-peptide linking' y LYSINE          ? 'C6 H15 N2 O2 1' 147.195 
MET 'L-peptide linking' y METHIONINE      ? 'C5 H11 N O2 S'  149.211 
PHE 'L-peptide linking' y PHENYLALANINE   ? 'C9 H11 N O2'    165.189 
PRO 'L-peptide linking' y PROLINE         ? 'C5 H9 N O2'     115.130 
SER 'L-peptide linking' y SERINE          ? 'C3 H7 N O3'     105.093 
THR 'L-peptide linking' y THREONINE       ? 'C4 H9 N O3'     119.119 
TRP 'L-peptide linking' y TRYPTOPHAN      ? 'C11 H12 N2 O2'  204.225 
TYR 'L-peptide linking' y TYROSINE        ? 'C9 H11 N O3'    181.189 
VAL 'L-peptide linking' y VALINE          ? 'C5 H11 N O2'    117.146 
# 
_exptl.entry_id          4B6M 
_exptl.method            'X-RAY DIFFRACTION' 
_exptl.crystals_number   1 
# 
_exptl_crystal.id                    1 
_exptl_crystal.density_meas          ? 
_exptl_crystal.density_Matthews      2.1 
_exptl_crystal.density_percent_sol   41.45 
_exptl_crystal.description           NONE 
_exptl_crystal.preparation           ? 
# 
_exptl_crystal_grow.crystal_id      1 
_exptl_crystal_grow.method          ? 
_exptl_crystal_grow.temp            ? 
_exptl_crystal_grow.temp_details    ? 
_exptl_crystal_grow.pH              ? 
_exptl_crystal_grow.pdbx_pH_range   ? 
_exptl_crystal_grow.pdbx_details    
;0.2 M POTASSIUM FORMATE, 30% PEG 3350 AND A PROTEIN SOLUTION CONSISTING OF 50 MM TRIS-HCL PH 7.5, 250 MM NABR WITH THE PROTEIN AT 7.5 MG ML-1.
;
# 
_diffrn.id                               1 
_diffrn.ambient_temp                     100 
_diffrn.ambient_temp_details             ? 
_diffrn.crystal_id                       1 
_diffrn.pdbx_serial_crystal_experiment   ? 
# 
_diffrn_detector.diffrn_id              1 
_diffrn_detector.detector               CCD 
_diffrn_detector.type                   'ADSC CCD' 
_diffrn_detector.pdbx_collection_date   2010-07-17 
_diffrn_detector.details                ? 
# 
_diffrn_radiation.diffrn_id                        1 
_diffrn_radiation.wavelength_id                    1 
_diffrn_radiation.pdbx_monochromatic_or_laue_m_l   M 
_diffrn_radiation.monochromator                    ? 
_diffrn_radiation.pdbx_diffrn_protocol             'SINGLE WAVELENGTH' 
_diffrn_radiation.pdbx_scattering_type             x-ray 
# 
_diffrn_radiation_wavelength.id           1 
_diffrn_radiation_wavelength.wavelength   0.9199 
_diffrn_radiation_wavelength.wt           1.0 
# 
_diffrn_source.diffrn_id                   1 
_diffrn_source.source                      SYNCHROTRON 
_diffrn_source.type                        'DIAMOND BEAMLINE I02' 
_diffrn_source.pdbx_synchrotron_site       Diamond 
_diffrn_source.pdbx_synchrotron_beamline   I02 
_diffrn_source.pdbx_wavelength             0.9199 
_diffrn_source.pdbx_wavelength_list        ? 
# 
_reflns.pdbx_diffrn_id               1 
_reflns.pdbx_ordinal                 1 
_reflns.entry_id                     4B6M 
_reflns.observed_criterion_sigma_I   0.0 
_reflns.observed_criterion_sigma_F   ? 
_reflns.d_resolution_low             40.18 
_reflns.d_resolution_high            1.59 
_reflns.number_obs                   20384 
_reflns.number_all                   ? 
_reflns.percent_possible_obs         100.0 
_reflns.pdbx_Rmerge_I_obs            0.07 
_reflns.pdbx_Rsym_value              ? 
_reflns.pdbx_netI_over_sigmaI        28.20 
_reflns.B_iso_Wilson_estimate        ? 
_reflns.pdbx_redundancy              13.9 
_reflns.pdbx_CC_half                 ? 
_reflns.pdbx_Rpim_I_all              ? 
_reflns.pdbx_Rrim_I_all              ? 
# 
_reflns_shell.pdbx_diffrn_id         1 
_reflns_shell.pdbx_ordinal           1 
_reflns_shell.d_res_high             1.59 
_reflns_shell.d_res_low              1.68 
_reflns_shell.percent_possible_all   99.4 
_reflns_shell.Rmerge_I_obs           0.28 
_reflns_shell.pdbx_Rsym_value        ? 
_reflns_shell.meanI_over_sigI_obs    9.60 
_reflns_shell.pdbx_redundancy        14.1 
_reflns_shell.number_measured_obs    ? 
_reflns_shell.number_unique_all      ? 
_reflns_shell.number_unique_obs      ? 
_reflns_shell.pdbx_CC_half           ? 
_reflns_shell.pdbx_Rpim_I_all        ? 
_reflns_shell.pdbx_Rrim_I_all        ? 
# 
_refine.pdbx_refine_id                           'X-RAY DIFFRACTION' 
_refine.entry_id                                 4B6M 
_refine.pdbx_diffrn_id                           1 
_refine.pdbx_TLS_residual_ADP_flag               ? 
_refine.ls_number_reflns_obs                     19291 
_refine.ls_number_reflns_all                     ? 
_refine.pdbx_ls_sigma_I                          ? 
_refine.pdbx_ls_sigma_F                          . 
_refine.pdbx_data_cutoff_high_absF               ? 
_refine.pdbx_data_cutoff_low_absF                ? 
_refine.pdbx_data_cutoff_high_rms_absF           ? 
_refine.ls_d_res_low                             45.79 
_refine.ls_d_res_high                            1.59 
_refine.ls_percent_reflns_obs                    99.96 
_refine.ls_R_factor_obs                          0.20286 
_refine.ls_R_factor_all                          ? 
_refine.ls_R_factor_R_work                       0.20094 
_refine.ls_R_factor_R_free                       0.24034 
_refine.ls_R_factor_R_free_error                 ? 
_refine.ls_R_factor_R_free_error_details         ? 
_refine.ls_percent_reflns_R_free                 5.1 
_refine.ls_number_reflns_R_free                  1042 
_refine.ls_number_parameters                     ? 
_refine.ls_number_restraints                     ? 
_refine.occupancy_min                            ? 
_refine.occupancy_max                            ? 
_refine.correlation_coeff_Fo_to_Fc               0.946 
_refine.correlation_coeff_Fo_to_Fc_free          0.921 
_refine.B_iso_mean                               14.840 
_refine.aniso_B[1][1]                            -0.55 
_refine.aniso_B[2][2]                            0.56 
_refine.aniso_B[3][3]                            -0.02 
_refine.aniso_B[1][2]                            0.00 
_refine.aniso_B[1][3]                            0.00 
_refine.aniso_B[2][3]                            0.00 
_refine.solvent_model_details                    MASK 
_refine.solvent_model_param_ksol                 ? 
_refine.solvent_model_param_bsol                 ? 
_refine.pdbx_solvent_vdw_probe_radii             1.20 
_refine.pdbx_solvent_ion_probe_radii             0.80 
_refine.pdbx_solvent_shrinkage_radii             0.80 
_refine.pdbx_ls_cross_valid_method               THROUGHOUT 
_refine.details                                  
;HYDROGENS HAVE BEEN ADDED IN THE RIDING POSITIONS. RESIDUES 149 TO 152 AND TWO RESIDUES LEFT OVER FROM THE TAG DISORDERED IN BOTH CHAINS. FINAL RESIDUE 232 OF CHAIN B DISORDERED
;
_refine.pdbx_starting_model                      'PDB ENTRY 1WHG' 
_refine.pdbx_method_to_determine_struct          'MOLECULAR REPLACEMENT' 
_refine.pdbx_isotropic_thermal_model             ? 
_refine.pdbx_stereochemistry_target_values       'MAXIMUM LIKELIHOOD' 
_refine.pdbx_stereochem_target_val_spec_case     ? 
_refine.pdbx_R_Free_selection_details            RANDOM 
_refine.pdbx_overall_ESU_R                       0.112 
_refine.pdbx_overall_ESU_R_Free                  0.110 
_refine.overall_SU_ML                            0.070 
_refine.pdbx_overall_phase_error                 ? 
_refine.overall_SU_B                             1.930 
_refine.overall_SU_R_Cruickshank_DPI             ? 
_refine.pdbx_overall_SU_R_free_Cruickshank_DPI   ? 
_refine.pdbx_overall_SU_R_Blow_DPI               ? 
_refine.pdbx_overall_SU_R_free_Blow_DPI          ? 
# 
_refine_hist.pdbx_refine_id                   'X-RAY DIFFRACTION' 
_refine_hist.cycle_id                         LAST 
_refine_hist.pdbx_number_atoms_protein        1224 
_refine_hist.pdbx_number_atoms_nucleic_acid   0 
_refine_hist.pdbx_number_atoms_ligand         21 
_refine_hist.number_atoms_solvent             229 
_refine_hist.number_atoms_total               1474 
_refine_hist.d_res_high                       1.59 
_refine_hist.d_res_low                        45.79 
# 
loop_
_refine_ls_restr.type 
_refine_ls_restr.dev_ideal 
_refine_ls_restr.dev_ideal_target 
_refine_ls_restr.weight 
_refine_ls_restr.number 
_refine_ls_restr.pdbx_refine_id 
_refine_ls_restr.pdbx_restraint_function 
r_bond_refined_d             0.010  0.019  ? 1359 'X-RAY DIFFRACTION' ? 
r_bond_other_d               ?      ?      ? ?    'X-RAY DIFFRACTION' ? 
r_angle_refined_deg          1.444  1.969  ? 1853 'X-RAY DIFFRACTION' ? 
r_angle_other_deg            ?      ?      ? ?    'X-RAY DIFFRACTION' ? 
r_dihedral_angle_1_deg       6.130  5.000  ? 182  'X-RAY DIFFRACTION' ? 
r_dihedral_angle_2_deg       30.196 22.899 ? 69   'X-RAY DIFFRACTION' ? 
r_dihedral_angle_3_deg       12.162 15.000 ? 208  'X-RAY DIFFRACTION' ? 
r_dihedral_angle_4_deg       20.389 15.000 ? 15   'X-RAY DIFFRACTION' ? 
r_chiral_restr               0.088  0.200  ? 190  'X-RAY DIFFRACTION' ? 
r_gen_planes_refined         0.007  0.022  ? 1108 'X-RAY DIFFRACTION' ? 
r_gen_planes_other           ?      ?      ? ?    'X-RAY DIFFRACTION' ? 
r_nbd_refined                ?      ?      ? ?    'X-RAY DIFFRACTION' ? 
r_nbd_other                  ?      ?      ? ?    'X-RAY DIFFRACTION' ? 
r_nbtor_refined              ?      ?      ? ?    'X-RAY DIFFRACTION' ? 
r_nbtor_other                ?      ?      ? ?    'X-RAY DIFFRACTION' ? 
r_xyhbond_nbd_refined        ?      ?      ? ?    'X-RAY DIFFRACTION' ? 
r_xyhbond_nbd_other          ?      ?      ? ?    'X-RAY DIFFRACTION' ? 
r_metal_ion_refined          ?      ?      ? ?    'X-RAY DIFFRACTION' ? 
r_metal_ion_other            ?      ?      ? ?    'X-RAY DIFFRACTION' ? 
r_symmetry_vdw_refined       ?      ?      ? ?    'X-RAY DIFFRACTION' ? 
r_symmetry_vdw_other         ?      ?      ? ?    'X-RAY DIFFRACTION' ? 
r_symmetry_hbond_refined     ?      ?      ? ?    'X-RAY DIFFRACTION' ? 
r_symmetry_hbond_other       ?      ?      ? ?    'X-RAY DIFFRACTION' ? 
r_symmetry_metal_ion_refined ?      ?      ? ?    'X-RAY DIFFRACTION' ? 
r_symmetry_metal_ion_other   ?      ?      ? ?    'X-RAY DIFFRACTION' ? 
r_mcbond_it                  ?      ?      ? ?    'X-RAY DIFFRACTION' ? 
r_mcbond_other               ?      ?      ? ?    'X-RAY DIFFRACTION' ? 
r_mcangle_it                 ?      ?      ? ?    'X-RAY DIFFRACTION' ? 
r_mcangle_other              ?      ?      ? ?    'X-RAY DIFFRACTION' ? 
r_scbond_it                  ?      ?      ? ?    'X-RAY DIFFRACTION' ? 
r_scbond_other               ?      ?      ? ?    'X-RAY DIFFRACTION' ? 
r_scangle_it                 ?      ?      ? ?    'X-RAY DIFFRACTION' ? 
r_scangle_other              ?      ?      ? ?    'X-RAY DIFFRACTION' ? 
r_long_range_B_refined       ?      ?      ? ?    'X-RAY DIFFRACTION' ? 
r_long_range_B_other         ?      ?      ? ?    'X-RAY DIFFRACTION' ? 
r_rigid_bond_restr           ?      ?      ? ?    'X-RAY DIFFRACTION' ? 
r_sphericity_free            ?      ?      ? ?    'X-RAY DIFFRACTION' ? 
r_sphericity_bonded          ?      ?      ? ?    'X-RAY DIFFRACTION' ? 
# 
_refine_ls_shell.pdbx_refine_id                   'X-RAY DIFFRACTION' 
_refine_ls_shell.pdbx_total_number_of_bins_used   20 
_refine_ls_shell.d_res_high                       1.592 
_refine_ls_shell.d_res_low                        1.633 
_refine_ls_shell.number_reflns_R_work             1281 
_refine_ls_shell.R_factor_R_work                  0.231 
_refine_ls_shell.percent_reflns_obs               99.93 
_refine_ls_shell.R_factor_R_free                  0.275 
_refine_ls_shell.R_factor_R_free_error            ? 
_refine_ls_shell.percent_reflns_R_free            ? 
_refine_ls_shell.number_reflns_R_free             75 
_refine_ls_shell.number_reflns_all                ? 
_refine_ls_shell.R_factor_all                     ? 
_refine_ls_shell.R_factor_obs                     ? 
_refine_ls_shell.number_reflns_obs                ? 
# 
_struct.entry_id                  4B6M 
_struct.title                     'Trypansoma brucei tubulin binding cofactor B CAP-Gly domain' 
_struct.pdbx_model_details        ? 
_struct.pdbx_CASP_flag            ? 
_struct.pdbx_model_type_details   ? 
# 
_struct_keywords.entry_id        4B6M 
_struct_keywords.pdbx_keywords   'STRUCTURAL PROTEIN' 
_struct_keywords.text            'STRUCTURAL PROTEIN' 
# 
loop_
_struct_asym.id 
_struct_asym.pdbx_blank_PDB_chainid_flag 
_struct_asym.pdbx_modified 
_struct_asym.entity_id 
_struct_asym.details 
A N N 1 ? 
B N N 1 ? 
C N N 2 ? 
D N N 2 ? 
E N N 2 ? 
F N N 2 ? 
G N N 2 ? 
H N N 2 ? 
I N N 2 ? 
J N N 3 ? 
K N N 3 ? 
# 
loop_
_struct_conf.conf_type_id 
_struct_conf.id 
_struct_conf.pdbx_PDB_helix_id 
_struct_conf.beg_label_comp_id 
_struct_conf.beg_label_asym_id 
_struct_conf.beg_label_seq_id 
_struct_conf.pdbx_beg_PDB_ins_code 
_struct_conf.end_label_comp_id 
_struct_conf.end_label_asym_id 
_struct_conf.end_label_seq_id 
_struct_conf.pdbx_end_PDB_ins_code 
_struct_conf.beg_auth_comp_id 
_struct_conf.beg_auth_asym_id 
_struct_conf.beg_auth_seq_id 
_struct_conf.end_auth_comp_id 
_struct_conf.end_auth_asym_id 
_struct_conf.end_auth_seq_id 
_struct_conf.pdbx_PDB_helix_class 
_struct_conf.details 
_struct_conf.pdbx_PDB_helix_length 
HELX_P HELX_P1 1 ARG A 70 ? ASP A 72 ? ARG A 218 ASP A 220 5 ? 3 
HELX_P HELX_P2 2 ARG B 70 ? ASP B 72 ? ARG B 218 ASP B 220 5 ? 3 
# 
_struct_conf_type.id          HELX_P 
_struct_conf_type.criteria    ? 
_struct_conf_type.reference   ? 
# 
loop_
_struct_mon_prot_cis.pdbx_id 
_struct_mon_prot_cis.label_comp_id 
_struct_mon_prot_cis.label_seq_id 
_struct_mon_prot_cis.label_asym_id 
_struct_mon_prot_cis.label_alt_id 
_struct_mon_prot_cis.pdbx_PDB_ins_code 
_struct_mon_prot_cis.auth_comp_id 
_struct_mon_prot_cis.auth_seq_id 
_struct_mon_prot_cis.auth_asym_id 
_struct_mon_prot_cis.pdbx_label_comp_id_2 
_struct_mon_prot_cis.pdbx_label_seq_id_2 
_struct_mon_prot_cis.pdbx_label_asym_id_2 
_struct_mon_prot_cis.pdbx_PDB_ins_code_2 
_struct_mon_prot_cis.pdbx_auth_comp_id_2 
_struct_mon_prot_cis.pdbx_auth_seq_id_2 
_struct_mon_prot_cis.pdbx_auth_asym_id_2 
_struct_mon_prot_cis.pdbx_PDB_model_num 
_struct_mon_prot_cis.pdbx_omega_angle 
1 ARG 15 A . ? ARG 163 A PRO 16 A ? PRO 164 A 1 -7.94 
2 ARG 15 B . ? ARG 163 B PRO 16 B ? PRO 164 B 1 -7.31 
# 
loop_
_struct_sheet.id 
_struct_sheet.type 
_struct_sheet.number_strands 
_struct_sheet.details 
AA ? 5 ? 
AB ? 2 ? 
BA ? 5 ? 
BB ? 2 ? 
# 
loop_
_struct_sheet_order.sheet_id 
_struct_sheet_order.range_id_1 
_struct_sheet_order.range_id_2 
_struct_sheet_order.offset 
_struct_sheet_order.sense 
AA 1 2 ? anti-parallel 
AA 2 3 ? anti-parallel 
AA 3 4 ? anti-parallel 
AA 4 5 ? anti-parallel 
AB 1 2 ? anti-parallel 
BA 1 2 ? anti-parallel 
BA 2 3 ? anti-parallel 
BA 3 4 ? anti-parallel 
BA 4 5 ? anti-parallel 
BB 1 2 ? anti-parallel 
# 
loop_
_struct_sheet_range.sheet_id 
_struct_sheet_range.id 
_struct_sheet_range.beg_label_comp_id 
_struct_sheet_range.beg_label_asym_id 
_struct_sheet_range.beg_label_seq_id 
_struct_sheet_range.pdbx_beg_PDB_ins_code 
_struct_sheet_range.end_label_comp_id 
_struct_sheet_range.end_label_asym_id 
_struct_sheet_range.end_label_seq_id 
_struct_sheet_range.pdbx_end_PDB_ins_code 
_struct_sheet_range.beg_auth_comp_id 
_struct_sheet_range.beg_auth_asym_id 
_struct_sheet_range.beg_auth_seq_id 
_struct_sheet_range.end_auth_comp_id 
_struct_sheet_range.end_auth_asym_id 
_struct_sheet_range.end_auth_seq_id 
AA 1 GLY A 66 ? LEU A 69 ? GLY A 214 LEU A 217 
AA 2 TYR A 36 ? PHE A 42 ? TYR A 184 PHE A 190 
AA 3 ARG A 19 ? ARG A 28 ? ARG A 167 ARG A 176 
AA 4 ARG A 11 ? CYS A 14 ? ARG A 159 CYS A 162 
AA 5 VAL A 74 ? VAL A 76 ? VAL A 222 VAL A 224 
AB 1 THR A 52 ? VAL A 53 ? THR A 200 VAL A 201 
AB 2 THR A 56 ? ARG A 57 ? THR A 204 ARG A 205 
BA 1 GLY B 66 ? LEU B 69 ? GLY B 214 LEU B 217 
BA 2 TRP B 37 ? PHE B 42 ? TRP B 185 PHE B 190 
BA 3 ARG B 19 ? GLY B 27 ? ARG B 167 GLY B 175 
BA 4 ARG B 11 ? CYS B 14 ? ARG B 159 CYS B 162 
BA 5 VAL B 74 ? VAL B 76 ? VAL B 222 VAL B 224 
BB 1 THR B 52 ? VAL B 53 ? THR B 200 VAL B 201 
BB 2 THR B 56 ? ARG B 57 ? THR B 204 ARG B 205 
# 
loop_
_pdbx_struct_sheet_hbond.sheet_id 
_pdbx_struct_sheet_hbond.range_id_1 
_pdbx_struct_sheet_hbond.range_id_2 
_pdbx_struct_sheet_hbond.range_1_label_atom_id 
_pdbx_struct_sheet_hbond.range_1_label_comp_id 
_pdbx_struct_sheet_hbond.range_1_label_asym_id 
_pdbx_struct_sheet_hbond.range_1_label_seq_id 
_pdbx_struct_sheet_hbond.range_1_PDB_ins_code 
_pdbx_struct_sheet_hbond.range_1_auth_atom_id 
_pdbx_struct_sheet_hbond.range_1_auth_comp_id 
_pdbx_struct_sheet_hbond.range_1_auth_asym_id 
_pdbx_struct_sheet_hbond.range_1_auth_seq_id 
_pdbx_struct_sheet_hbond.range_2_label_atom_id 
_pdbx_struct_sheet_hbond.range_2_label_comp_id 
_pdbx_struct_sheet_hbond.range_2_label_asym_id 
_pdbx_struct_sheet_hbond.range_2_label_seq_id 
_pdbx_struct_sheet_hbond.range_2_PDB_ins_code 
_pdbx_struct_sheet_hbond.range_2_auth_atom_id 
_pdbx_struct_sheet_hbond.range_2_auth_comp_id 
_pdbx_struct_sheet_hbond.range_2_auth_asym_id 
_pdbx_struct_sheet_hbond.range_2_auth_seq_id 
AA 1 2 N LEU A 69 ? N LEU A 217 O VAL A 38 ? O VAL A 186 
AA 2 3 N GLU A 41 ? N GLU A 189 O SER A 22 ? O SER A 170 
AA 3 4 N GLY A 21 ? N GLY A 169 O CYS A 12 ? O CYS A 160 
AA 4 5 N LEU A 13 ? N LEU A 161 O GLU A 75 ? O GLU A 223 
AB 1 2 N VAL A 53 ? N VAL A 201 O THR A 56 ? O THR A 204 
BA 1 2 N LEU B 69 ? N LEU B 217 O VAL B 38 ? O VAL B 186 
BA 2 3 N GLU B 41 ? N GLU B 189 O SER B 22 ? O SER B 170 
BA 3 4 N GLY B 21 ? N GLY B 169 O CYS B 12 ? O CYS B 160 
BA 4 5 N LEU B 13 ? N LEU B 161 O GLU B 75 ? O GLU B 223 
BB 1 2 N VAL B 53 ? N VAL B 201 O THR B 56 ? O THR B 204 
# 
loop_
_struct_site.id 
_struct_site.pdbx_evidence_code 
_struct_site.pdbx_auth_asym_id 
_struct_site.pdbx_auth_comp_id 
_struct_site.pdbx_auth_seq_id 
_struct_site.pdbx_auth_ins_code 
_struct_site.pdbx_num_residues 
_struct_site.details 
AC1 Software A FMT 1233 ? 9 'BINDING SITE FOR RESIDUE FMT A 1233' 
AC2 Software A FMT 1234 ? 5 'BINDING SITE FOR RESIDUE FMT A 1234' 
AC3 Software A FMT 1235 ? 6 'BINDING SITE FOR RESIDUE FMT A 1235' 
AC4 Software A FMT 1236 ? 9 'BINDING SITE FOR RESIDUE FMT A 1236' 
AC5 Software B FMT 1232 ? 4 'BINDING SITE FOR RESIDUE FMT B 1232' 
AC6 Software B FMT 1233 ? 9 'BINDING SITE FOR RESIDUE FMT B 1233' 
AC7 Software B FMT 1234 ? 4 'BINDING SITE FOR RESIDUE FMT B 1234' 
# 
loop_
_struct_site_gen.id 
_struct_site_gen.site_id 
_struct_site_gen.pdbx_num_res 
_struct_site_gen.label_comp_id 
_struct_site_gen.label_asym_id 
_struct_site_gen.label_seq_id 
_struct_site_gen.pdbx_auth_ins_code 
_struct_site_gen.auth_comp_id 
_struct_site_gen.auth_asym_id 
_struct_site_gen.auth_seq_id 
_struct_site_gen.label_atom_id 
_struct_site_gen.label_alt_id 
_struct_site_gen.symmetry 
_struct_site_gen.details 
1  AC1 9 ARG A 19 ? ARG A 167  . ? 1_555 ? 
2  AC1 9 PHE A 42 ? PHE A 190  . ? 1_555 ? 
3  AC1 9 GLY A 47 ? GLY A 195  . ? 1_555 ? 
4  AC1 9 LYS A 48 ? LYS A 196  . ? 1_555 ? 
5  AC1 9 GLN A 62 ? GLN A 210  . ? 4_545 ? 
6  AC1 9 TYR A 65 ? TYR A 213  . ? 4_545 ? 
7  AC1 9 GLY A 67 ? GLY A 215  . ? 1_555 ? 
8  AC1 9 LEU A 69 ? LEU A 217  . ? 1_555 ? 
9  AC1 9 HOH J .  ? HOH A 2081 . ? 1_555 ? 
10 AC2 5 ARG A 11 ? ARG A 159  . ? 1_555 ? 
11 AC2 5 PRO A 80 ? PRO A 228  . ? 1_555 ? 
12 AC2 5 PRO A 81 ? PRO A 229  . ? 1_555 ? 
13 AC2 5 HOH J .  ? HOH A 2101 . ? 1_555 ? 
14 AC2 5 HOH J .  ? HOH A 2121 . ? 1_555 ? 
15 AC3 6 VAL A 74 ? VAL A 222  . ? 1_555 ? 
16 AC3 6 GLU A 75 ? GLU A 223  . ? 1_555 ? 
17 AC3 6 VAL A 76 ? VAL A 224  . ? 1_555 ? 
18 AC3 6 HOH J .  ? HOH A 2099 . ? 1_555 ? 
19 AC3 6 LYS B 54 ? LYS B 202  . ? 2_454 ? 
20 AC3 6 HOH K .  ? HOH B 2064 . ? 2_454 ? 
21 AC4 9 GLN A 62 ? GLN A 210  . ? 4_545 ? 
22 AC4 9 PRO A 63 ? PRO A 211  . ? 4_545 ? 
23 AC4 9 ASN A 64 ? ASN A 212  . ? 4_545 ? 
24 AC4 9 TYR A 65 ? TYR A 213  . ? 4_545 ? 
25 AC4 9 LEU A 69 ? LEU A 217  . ? 1_555 ? 
26 AC4 9 ARG A 70 ? ARG A 218  . ? 1_555 ? 
27 AC4 9 GLN A 73 ? GLN A 221  . ? 1_555 ? 
28 AC4 9 HOH J .  ? HOH A 2012 . ? 1_555 ? 
29 AC4 9 HOH J .  ? HOH A 2081 . ? 1_555 ? 
30 AC5 4 PRO A 34 ? PRO A 182  . ? 1_455 ? 
31 AC5 4 GLY B 77 ? GLY B 225  . ? 1_555 ? 
32 AC5 4 ASP B 78 ? ASP B 226  . ? 1_555 ? 
33 AC5 4 HOH K .  ? HOH B 2106 . ? 1_555 ? 
34 AC6 9 LEU B 13 ? LEU B 161  . ? 1_555 ? 
35 AC6 9 ARG B 15 ? ARG B 163  . ? 1_555 ? 
36 AC6 9 ASP B 72 ? ASP B 220  . ? 1_555 ? 
37 AC6 9 GLN B 73 ? GLN B 221  . ? 1_555 ? 
38 AC6 9 VAL B 74 ? VAL B 222  . ? 1_555 ? 
39 AC6 9 GLU B 75 ? GLU B 223  . ? 1_555 ? 
40 AC6 9 HOH K .  ? HOH B 2067 . ? 1_455 ? 
41 AC6 9 HOH K .  ? HOH B 2090 . ? 1_555 ? 
42 AC6 9 HOH K .  ? HOH B 2096 . ? 1_555 ? 
43 AC7 4 VAL A 26 ? VAL A 174  . ? 1_555 ? 
44 AC7 4 GLY A 27 ? GLY A 175  . ? 1_555 ? 
45 AC7 4 GLU B 41 ? GLU B 189  . ? 1_555 ? 
46 AC7 4 HOH K .  ? HOH B 2018 . ? 1_555 ? 
# 
_atom_sites.entry_id                    4B6M 
_atom_sites.fract_transf_matrix[1][1]   0.00516590 
_atom_sites.fract_transf_matrix[1][2]   0.02450082 
_atom_sites.fract_transf_matrix[1][3]   0.01762060 
_atom_sites.fract_transf_matrix[2][1]   0.01590746 
_atom_sites.fract_transf_matrix[2][2]   0.00236912 
_atom_sites.fract_transf_matrix[2][3]   -0.00795783 
_atom_sites.fract_transf_matrix[3][1]   -0.00536248 
_atom_sites.fract_transf_matrix[3][2]   0.00728100 
_atom_sites.fract_transf_matrix[3][3]   -0.00855183 
_atom_sites.fract_transf_vector[1]      -0.526442 
_atom_sites.fract_transf_vector[2]      -0.094705 
_atom_sites.fract_transf_vector[3]      0.175273 
# 
loop_
_atom_type.symbol 
C 
N 
O 
S 
# 
loop_
_atom_site.group_PDB 
_atom_site.id 
_atom_site.type_symbol 
_atom_site.label_atom_id 
_atom_site.label_alt_id 
_atom_site.label_comp_id 
_atom_site.label_asym_id 
_atom_site.label_entity_id 
_atom_site.label_seq_id 
_atom_site.pdbx_PDB_ins_code 
_atom_site.Cartn_x 
_atom_site.Cartn_y 
_atom_site.Cartn_z 
_atom_site.occupancy 
_atom_site.B_iso_or_equiv 
_atom_site.pdbx_formal_charge 
_atom_site.auth_seq_id 
_atom_site.auth_comp_id 
_atom_site.auth_asym_id 
_atom_site.auth_atom_id 
_atom_site.pdbx_PDB_model_num 
ATOM   1    N N   . THR A 1 5  ? 16.737  0.520   4.005   1.00 26.14 ? 153  THR A N   1 
ATOM   2    C CA  A THR A 1 5  ? 15.396  0.948   3.519   0.50 24.47 ? 153  THR A CA  1 
ATOM   3    C CA  B THR A 1 5  ? 15.434  0.945   3.402   0.50 24.12 ? 153  THR A CA  1 
ATOM   4    C C   . THR A 1 5  ? 14.485  -0.260  3.271   1.00 22.97 ? 153  THR A C   1 
ATOM   5    O O   . THR A 1 5  ? 14.928  -1.362  2.957   1.00 23.76 ? 153  THR A O   1 
ATOM   6    C CB  A THR A 1 5  ? 15.479  1.884   2.287   0.50 25.09 ? 153  THR A CB  1 
ATOM   7    C CB  B THR A 1 5  ? 15.650  1.611   2.023   0.50 24.65 ? 153  THR A CB  1 
ATOM   8    O OG1 A THR A 1 5  ? 14.170  2.353   1.937   0.50 25.16 ? 153  THR A OG1 1 
ATOM   9    O OG1 B THR A 1 5  ? 16.796  2.472   2.075   0.50 24.41 ? 153  THR A OG1 1 
ATOM   10   C CG2 A THR A 1 5  ? 16.093  1.179   1.091   0.50 25.68 ? 153  THR A CG2 1 
ATOM   11   C CG2 B THR A 1 5  ? 14.425  2.426   1.601   0.50 24.34 ? 153  THR A CG2 1 
ATOM   12   N N   . ILE A 1 6  ? 13.195  -0.040  3.492   1.00 20.51 ? 154  ILE A N   1 
ATOM   13   C CA  . ILE A 1 6  ? 12.172  -1.099  3.425   1.00 17.69 ? 154  ILE A CA  1 
ATOM   14   C C   . ILE A 1 6  ? 11.232  -0.828  2.257   1.00 16.30 ? 154  ILE A C   1 
ATOM   15   O O   . ILE A 1 6  ? 10.709  0.280   2.124   1.00 16.09 ? 154  ILE A O   1 
ATOM   16   C CB  . ILE A 1 6  ? 11.360  -1.148  4.742   1.00 16.53 ? 154  ILE A CB  1 
ATOM   17   C CG1 . ILE A 1 6  ? 12.287  -1.436  5.924   1.00 16.04 ? 154  ILE A CG1 1 
ATOM   18   C CG2 . ILE A 1 6  ? 10.247  -2.190  4.658   1.00 15.89 ? 154  ILE A CG2 1 
ATOM   19   C CD1 . ILE A 1 6  ? 11.726  -1.095  7.285   1.00 16.46 ? 154  ILE A CD1 1 
ATOM   20   N N   . HIS A 1 7  ? 11.019  -1.832  1.398   1.00 15.58 ? 155  HIS A N   1 
ATOM   21   C CA  . HIS A 1 7  ? 10.159  -1.666  0.223   1.00 15.32 ? 155  HIS A CA  1 
ATOM   22   C C   . HIS A 1 7  ? 9.001   -2.619  0.220   1.00 13.06 ? 155  HIS A C   1 
ATOM   23   O O   . HIS A 1 7  ? 9.127   -3.756  0.688   1.00 11.95 ? 155  HIS A O   1 
ATOM   24   C CB  . HIS A 1 7  ? 10.930  -1.947  -1.070  1.00 18.46 ? 155  HIS A CB  1 
ATOM   25   C CG  . HIS A 1 7  ? 12.130  -1.058  -1.308  1.00 21.79 ? 155  HIS A CG  1 
ATOM   26   N ND1 . HIS A 1 7  ? 13.106  -1.402  -2.182  1.00 23.63 ? 155  HIS A ND1 1 
ATOM   27   C CD2 . HIS A 1 7  ? 12.493  0.176   -0.771  1.00 23.65 ? 155  HIS A CD2 1 
ATOM   28   C CE1 . HIS A 1 7  ? 14.048  -0.431  -2.197  1.00 25.23 ? 155  HIS A CE1 1 
ATOM   29   N NE2 . HIS A 1 7  ? 13.670  0.531   -1.329  1.00 24.70 ? 155  HIS A NE2 1 
ATOM   30   N N   . VAL A 1 8  ? 7.867   -2.197  -0.342  1.00 12.72 ? 156  VAL A N   1 
ATOM   31   C CA  A VAL A 1 8  ? 6.737   -3.118  -0.518  0.50 12.14 ? 156  VAL A CA  1 
ATOM   32   C CA  B VAL A 1 8  ? 6.747   -3.099  -0.508  0.50 12.28 ? 156  VAL A CA  1 
ATOM   33   C C   . VAL A 1 8  ? 7.235   -4.327  -1.286  1.00 11.91 ? 156  VAL A C   1 
ATOM   34   O O   . VAL A 1 8  ? 7.996   -4.185  -2.263  1.00 12.42 ? 156  VAL A O   1 
ATOM   35   C CB  A VAL A 1 8  ? 5.483   -2.523  -1.231  0.50 12.26 ? 156  VAL A CB  1 
ATOM   36   C CB  B VAL A 1 8  ? 5.576   -2.378  -1.197  0.50 12.59 ? 156  VAL A CB  1 
ATOM   37   C CG1 A VAL A 1 8  ? 4.748   -1.537  -0.333  0.50 12.08 ? 156  VAL A CG1 1 
ATOM   38   C CG1 B VAL A 1 8  ? 4.371   -3.290  -1.316  0.50 12.80 ? 156  VAL A CG1 1 
ATOM   39   C CG2 A VAL A 1 8  ? 5.805   -1.913  -2.592  0.50 12.49 ? 156  VAL A CG2 1 
ATOM   40   C CG2 B VAL A 1 8  ? 5.211   -1.139  -0.396  0.50 12.82 ? 156  VAL A CG2 1 
ATOM   41   N N   . GLY A 1 9  ? 6.831   -5.503  -0.829  1.00 11.15 ? 157  GLY A N   1 
ATOM   42   C CA  . GLY A 1 9  ? 7.206   -6.758  -1.458  1.00 10.62 ? 157  GLY A CA  1 
ATOM   43   C C   . GLY A 1 9  ? 8.374   -7.405  -0.735  1.00 10.24 ? 157  GLY A C   1 
ATOM   44   O O   . GLY A 1 9  ? 8.633   -8.588  -0.924  1.00 10.50 ? 157  GLY A O   1 
ATOM   45   N N   . ASP A 1 10 ? 9.060   -6.660  0.116   1.00 10.38 ? 158  ASP A N   1 
ATOM   46   C CA  . ASP A 1 10 ? 10.171  -7.250  0.882   1.00 10.08 ? 158  ASP A CA  1 
ATOM   47   C C   . ASP A 1 10 ? 9.694   -8.357  1.818   1.00 10.45 ? 158  ASP A C   1 
ATOM   48   O O   . ASP A 1 10 ? 8.605   -8.252  2.393   1.00 9.90  ? 158  ASP A O   1 
ATOM   49   C CB  . ASP A 1 10 ? 10.882  -6.201  1.743   1.00 10.88 ? 158  ASP A CB  1 
ATOM   50   C CG  . ASP A 1 10 ? 11.841  -5.360  0.956   1.00 11.50 ? 158  ASP A CG  1 
ATOM   51   O OD1 . ASP A 1 10 ? 12.126  -5.705  -0.215  1.00 12.59 ? 158  ASP A OD1 1 
ATOM   52   O OD2 . ASP A 1 10 ? 12.306  -4.350  1.519   1.00 12.35 ? 158  ASP A OD2 1 
ATOM   53   N N   . ARG A 1 11 ? 10.499  -9.406  1.988   1.00 9.66  ? 159  ARG A N   1 
ATOM   54   C CA  . ARG A 1 11 ? 10.252  -10.378 3.046   1.00 9.18  ? 159  ARG A CA  1 
ATOM   55   C C   . ARG A 1 11 ? 10.950  -9.947  4.320   1.00 9.65  ? 159  ARG A C   1 
ATOM   56   O O   . ARG A 1 11 ? 12.015  -9.298  4.273   1.00 10.03 ? 159  ARG A O   1 
ATOM   57   C CB  . ARG A 1 11 ? 10.696  -11.791 2.620   1.00 9.06  ? 159  ARG A CB  1 
ATOM   58   C CG  . ARG A 1 11 ? 9.839   -12.329 1.464   1.00 8.42  ? 159  ARG A CG  1 
ATOM   59   C CD  . ARG A 1 11 ? 8.463   -12.776 1.971   1.00 8.17  ? 159  ARG A CD  1 
ATOM   60   N NE  . ARG A 1 11 ? 8.589   -13.936 2.845   1.00 8.18  ? 159  ARG A NE  1 
ATOM   61   C CZ  . ARG A 1 11 ? 7.584   -14.521 3.484   1.00 8.38  ? 159  ARG A CZ  1 
ATOM   62   N NH1 . ARG A 1 11 ? 6.350   -14.024 3.377   1.00 8.18  ? 159  ARG A NH1 1 
ATOM   63   N NH2 . ARG A 1 11 ? 7.814   -15.582 4.260   1.00 9.32  ? 159  ARG A NH2 1 
ATOM   64   N N   . CYS A 1 12 ? 10.381  -10.312 5.460   1.00 9.44  ? 160  CYS A N   1 
ATOM   65   C CA  . CYS A 1 12 ? 10.874  -9.814  6.742   1.00 9.99  ? 160  CYS A CA  1 
ATOM   66   C C   . CYS A 1 12 ? 10.616  -10.720 7.930   1.00 10.34 ? 160  CYS A C   1 
ATOM   67   O O   . CYS A 1 12 ? 9.709   -11.566 7.900   1.00 9.42  ? 160  CYS A O   1 
ATOM   68   C CB  . CYS A 1 12 ? 10.317  -8.395  6.985   1.00 9.92  ? 160  CYS A CB  1 
ATOM   69   S SG  . CYS A 1 12 ? 8.495   -8.319  7.102   1.00 10.06 ? 160  CYS A SG  1 
ATOM   70   N N   . LEU A 1 13 ? 11.422  -10.534 8.971   1.00 10.44 ? 161  LEU A N   1 
ATOM   71   C CA  . LEU A 1 13 ? 11.145  -11.054 10.290  1.00 10.98 ? 161  LEU A CA  1 
ATOM   72   C C   . LEU A 1 13 ? 10.944  -9.845  11.164  1.00 11.00 ? 161  LEU A C   1 
ATOM   73   O O   . LEU A 1 13 ? 11.767  -8.917  11.142  1.00 11.57 ? 161  LEU A O   1 
ATOM   74   C CB  . LEU A 1 13 ? 12.327  -11.854 10.856  1.00 12.21 ? 161  LEU A CB  1 
ATOM   75   C CG  . LEU A 1 13 ? 12.622  -13.249 10.308  1.00 12.47 ? 161  LEU A CG  1 
ATOM   76   C CD1 . LEU A 1 13 ? 13.901  -13.785 10.968  1.00 13.11 ? 161  LEU A CD1 1 
ATOM   77   C CD2 . LEU A 1 13 ? 11.474  -14.215 10.524  1.00 13.08 ? 161  LEU A CD2 1 
ATOM   78   N N   . CYS A 1 14 ? 9.875   -9.874  11.934  1.00 10.78 ? 162  CYS A N   1 
ATOM   79   C CA  . CYS A 1 14 ? 9.435   -8.728  12.721  1.00 11.50 ? 162  CYS A CA  1 
ATOM   80   C C   . CYS A 1 14 ? 9.396   -9.021  14.201  1.00 11.74 ? 162  CYS A C   1 
ATOM   81   O O   . CYS A 1 14 ? 8.886   -10.051 14.633  1.00 11.26 ? 162  CYS A O   1 
ATOM   82   C CB  . CYS A 1 14 ? 8.025   -8.327  12.306  1.00 11.55 ? 162  CYS A CB  1 
ATOM   83   S SG  . CYS A 1 14 ? 7.869   -7.833  10.593  1.00 11.57 ? 162  CYS A SG  1 
ATOM   84   N N   . ARG A 1 15 ? 9.896   -8.077  15.000  1.00 11.44 ? 163  ARG A N   1 
ATOM   85   C CA  . ARG A 1 15 ? 9.722   -8.124  16.442  1.00 12.73 ? 163  ARG A CA  1 
ATOM   86   C C   . ARG A 1 15 ? 8.299   -7.753  16.855  1.00 14.21 ? 163  ARG A C   1 
ATOM   87   O O   . ARG A 1 15 ? 7.634   -7.048  16.080  1.00 15.82 ? 163  ARG A O   1 
ATOM   88   C CB  . ARG A 1 15 ? 10.687  -7.122  17.098  1.00 12.74 ? 163  ARG A CB  1 
ATOM   89   C CG  . ARG A 1 15 ? 12.133  -7.539  16.994  1.00 13.69 ? 163  ARG A CG  1 
ATOM   90   C CD  . ARG A 1 15 ? 12.959  -6.747  17.982  1.00 14.05 ? 163  ARG A CD  1 
ATOM   91   N NE  . ARG A 1 15 ? 13.091  -5.379  17.516  1.00 13.50 ? 163  ARG A NE  1 
ATOM   92   C CZ  . ARG A 1 15 ? 13.537  -4.369  18.262  1.00 13.89 ? 163  ARG A CZ  1 
ATOM   93   N NH1 . ARG A 1 15 ? 13.931  -4.560  19.519  1.00 13.28 ? 163  ARG A NH1 1 
ATOM   94   N NH2 . ARG A 1 15 ? 13.622  -3.160  17.725  1.00 13.87 ? 163  ARG A NH2 1 
ATOM   95   N N   . PRO A 1 16 ? 7.851   -8.205  18.049  1.00 15.59 ? 164  PRO A N   1 
ATOM   96   C CA  . PRO A 1 16 ? 8.649   -9.155  18.811  1.00 15.67 ? 164  PRO A CA  1 
ATOM   97   C C   . PRO A 1 16 ? 8.458   -10.566 18.284  1.00 15.61 ? 164  PRO A C   1 
ATOM   98   O O   . PRO A 1 16 ? 7.457   -10.846 17.630  1.00 14.97 ? 164  PRO A O   1 
ATOM   99   C CB  . PRO A 1 16 ? 8.065   -9.066  20.218  1.00 17.07 ? 164  PRO A CB  1 
ATOM   100  C CG  . PRO A 1 16 ? 6.649   -8.744  19.998  1.00 17.89 ? 164  PRO A CG  1 
ATOM   101  C CD  . PRO A 1 16 ? 6.636   -7.817  18.803  1.00 16.08 ? 164  PRO A CD  1 
ATOM   102  N N   . GLY A 1 17 ? 9.425   -11.429 18.557  1.00 15.60 ? 165  GLY A N   1 
ATOM   103  C CA  . GLY A 1 17 ? 9.240   -12.871 18.376  1.00 15.57 ? 165  GLY A CA  1 
ATOM   104  C C   . GLY A 1 17 ? 9.433   -13.476 16.994  1.00 15.37 ? 165  GLY A C   1 
ATOM   105  O O   . GLY A 1 17 ? 8.897   -14.562 16.722  1.00 17.30 ? 165  GLY A O   1 
ATOM   106  N N   . ASP A 1 18 ? 10.188  -12.774 16.148  1.00 14.18 ? 166  ASP A N   1 
ATOM   107  C CA  . ASP A 1 18 ? 10.596  -13.234 14.816  1.00 13.80 ? 166  ASP A CA  1 
ATOM   108  C C   . ASP A 1 18 ? 9.418   -13.703 13.987  1.00 12.77 ? 166  ASP A C   1 
ATOM   109  O O   . ASP A 1 18 ? 9.322   -14.864 13.558  1.00 12.98 ? 166  ASP A O   1 
ATOM   110  C CB  . ASP A 1 18 ? 11.709  -14.315 14.899  1.00 15.86 ? 166  ASP A CB  1 
ATOM   111  C CG  . ASP A 1 18 ? 13.013  -13.761 15.438  1.00 17.79 ? 166  ASP A CG  1 
ATOM   112  O OD1 . ASP A 1 18 ? 13.359  -12.614 15.094  1.00 20.35 ? 166  ASP A OD1 1 
ATOM   113  O OD2 . ASP A 1 18 ? 13.694  -14.458 16.212  1.00 19.85 ? 166  ASP A OD2 1 
ATOM   114  N N   . ARG A 1 19 ? 8.508   -12.774 13.766  1.00 10.71 ? 167  ARG A N   1 
ATOM   115  C CA  . ARG A 1 19 ? 7.305   -13.081 13.031  1.00 10.51 ? 167  ARG A CA  1 
ATOM   116  C C   . ARG A 1 19 ? 7.556   -12.884 11.545  1.00 9.88  ? 167  ARG A C   1 
ATOM   117  O O   . ARG A 1 19 ? 7.974   -11.817 11.074  1.00 9.99  ? 167  ARG A O   1 
ATOM   118  C CB  . ARG A 1 19 ? 6.157   -12.225 13.544  1.00 9.96  ? 167  ARG A CB  1 
ATOM   119  C CG  . ARG A 1 19 ? 5.807   -12.464 15.004  1.00 9.75  ? 167  ARG A CG  1 
ATOM   120  C CD  . ARG A 1 19 ? 4.736   -11.502 15.498  1.00 10.30 ? 167  ARG A CD  1 
ATOM   121  N NE  . ARG A 1 19 ? 5.197   -10.113 15.484  1.00 9.61  ? 167  ARG A NE  1 
ATOM   122  C CZ  . ARG A 1 19 ? 4.377   -9.074  15.325  1.00 9.15  ? 167  ARG A CZ  1 
ATOM   123  N NH1 . ARG A 1 19 ? 3.068   -9.285  15.152  1.00 8.90  ? 167  ARG A NH1 1 
ATOM   124  N NH2 . ARG A 1 19 ? 4.858   -7.836  15.348  1.00 9.08  ? 167  ARG A NH2 1 
ATOM   125  N N   . LEU A 1 20 ? 7.329   -13.952 10.787  1.00 9.62  ? 168  LEU A N   1 
ATOM   126  C CA  . LEU A 1 20 ? 7.646   -13.965 9.378   1.00 9.35  ? 168  LEU A CA  1 
ATOM   127  C C   . LEU A 1 20 ? 6.563   -13.312 8.512   1.00 8.52  ? 168  LEU A C   1 
ATOM   128  O O   . LEU A 1 20 ? 5.386   -13.590 8.699   1.00 8.21  ? 168  LEU A O   1 
ATOM   129  C CB  . LEU A 1 20 ? 7.776   -15.431 8.982   1.00 10.28 ? 168  LEU A CB  1 
ATOM   130  C CG  . LEU A 1 20 ? 8.163   -15.720 7.562   1.00 11.02 ? 168  LEU A CG  1 
ATOM   131  C CD1 . LEU A 1 20 ? 9.460   -15.013 7.226   1.00 11.62 ? 168  LEU A CD1 1 
ATOM   132  C CD2 . LEU A 1 20 ? 8.326   -17.249 7.459   1.00 11.73 ? 168  LEU A CD2 1 
ATOM   133  N N   . GLY A 1 21 ? 6.941   -12.449 7.569   1.00 8.00  ? 169  GLY A N   1 
ATOM   134  C CA  . GLY A 1 21 ? 5.903   -11.888 6.655   1.00 8.05  ? 169  GLY A CA  1 
ATOM   135  C C   . GLY A 1 21 ? 6.387   -11.120 5.438   1.00 7.89  ? 169  GLY A C   1 
ATOM   136  O O   . GLY A 1 21 ? 7.563   -11.168 5.082   1.00 8.00  ? 169  GLY A O   1 
ATOM   137  N N   . SER A 1 22 ? 5.459   -10.419 4.791   1.00 7.80  ? 170  SER A N   1 
ATOM   138  C CA  . SER A 1 22 ? 5.738   -9.640  3.588   1.00 7.90  ? 170  SER A CA  1 
ATOM   139  C C   . SER A 1 22 ? 5.323   -8.212  3.833   1.00 8.19  ? 170  SER A C   1 
ATOM   140  O O   . SER A 1 22 ? 4.222   -7.973  4.349   1.00 8.24  ? 170  SER A O   1 
ATOM   141  C CB  . SER A 1 22 ? 4.917   -10.183 2.416   1.00 8.58  ? 170  SER A CB  1 
ATOM   142  O OG  . SER A 1 22 ? 5.332   -11.513 2.109   1.00 9.45  ? 170  SER A OG  1 
ATOM   143  N N   . VAL A 1 23 ? 6.181   -7.272  3.442   1.00 8.06  ? 171  VAL A N   1 
ATOM   144  C CA  . VAL A 1 23 ? 5.851   -5.847  3.531   1.00 8.08  ? 171  VAL A CA  1 
ATOM   145  C C   . VAL A 1 23 ? 4.794   -5.468  2.485   1.00 8.38  ? 171  VAL A C   1 
ATOM   146  O O   . VAL A 1 23 ? 5.003   -5.619  1.276   1.00 8.40  ? 171  VAL A O   1 
ATOM   147  C CB  . VAL A 1 23 ? 7.101   -4.970  3.334   1.00 8.00  ? 171  VAL A CB  1 
ATOM   148  C CG1 . VAL A 1 23 ? 6.756   -3.484  3.337   1.00 8.10  ? 171  VAL A CG1 1 
ATOM   149  C CG2 . VAL A 1 23 ? 8.127   -5.292  4.433   1.00 8.29  ? 171  VAL A CG2 1 
ATOM   150  N N   . ARG A 1 24 ? 3.665   -4.953  2.969   1.00 8.42  ? 172  ARG A N   1 
ATOM   151  C CA  . ARG A 1 24 ? 2.562   -4.542  2.099   1.00 8.95  ? 172  ARG A CA  1 
ATOM   152  C C   . ARG A 1 24 ? 2.394   -3.025  1.966   1.00 9.13  ? 172  ARG A C   1 
ATOM   153  O O   . ARG A 1 24 ? 1.707   -2.555  1.069   1.00 10.19 ? 172  ARG A O   1 
ATOM   154  C CB  . ARG A 1 24 ? 1.267   -5.117  2.638   1.00 9.29  ? 172  ARG A CB  1 
ATOM   155  C CG  . ARG A 1 24 ? 1.196   -6.624  2.653   1.00 9.59  ? 172  ARG A CG  1 
ATOM   156  C CD  . ARG A 1 24 ? 1.584   -7.220  1.319   1.00 10.74 ? 172  ARG A CD  1 
ATOM   157  N NE  . ARG A 1 24 ? 1.268   -8.642  1.308   1.00 11.95 ? 172  ARG A NE  1 
ATOM   158  C CZ  . ARG A 1 24 ? 1.840   -9.536  0.502   1.00 13.17 ? 172  ARG A CZ  1 
ATOM   159  N NH1 . ARG A 1 24 ? 2.771   -9.167  -0.374  1.00 13.25 ? 172  ARG A NH1 1 
ATOM   160  N NH2 . ARG A 1 24 ? 1.479   -10.805 0.576   1.00 13.63 ? 172  ARG A NH2 1 
ATOM   161  N N   . PHE A 1 25 ? 3.041   -2.258  2.836   1.00 8.97  ? 173  PHE A N   1 
ATOM   162  C CA  . PHE A 1 25 ? 2.850   -0.817  2.906   1.00 8.97  ? 173  PHE A CA  1 
ATOM   163  C C   . PHE A 1 25 ? 4.049   -0.212  3.621   1.00 9.41  ? 173  PHE A C   1 
ATOM   164  O O   . PHE A 1 25 ? 4.531   -0.787  4.576   1.00 9.44  ? 173  PHE A O   1 
ATOM   165  C CB  . PHE A 1 25 ? 1.579   -0.492  3.705   1.00 8.91  ? 173  PHE A CB  1 
ATOM   166  C CG  . PHE A 1 25 ? 1.410   0.967   4.016   1.00 8.48  ? 173  PHE A CG  1 
ATOM   167  C CD1 . PHE A 1 25 ? 0.912   1.840   3.055   1.00 8.79  ? 173  PHE A CD1 1 
ATOM   168  C CD2 . PHE A 1 25 ? 1.760   1.478   5.269   1.00 8.63  ? 173  PHE A CD2 1 
ATOM   169  C CE1 . PHE A 1 25 ? 0.765   3.196   3.331   1.00 8.67  ? 173  PHE A CE1 1 
ATOM   170  C CE2 . PHE A 1 25 ? 1.623   2.827   5.552   1.00 8.59  ? 173  PHE A CE2 1 
ATOM   171  C CZ  . PHE A 1 25 ? 1.119   3.692   4.578   1.00 8.72  ? 173  PHE A CZ  1 
ATOM   172  N N   . VAL A 1 26 ? 4.506   0.938   3.138   1.00 10.08 ? 174  VAL A N   1 
ATOM   173  C CA  . VAL A 1 26 ? 5.478   1.777   3.841   1.00 11.57 ? 174  VAL A CA  1 
ATOM   174  C C   . VAL A 1 26 ? 5.072   3.241   3.687   1.00 12.54 ? 174  VAL A C   1 
ATOM   175  O O   . VAL A 1 26 ? 4.910   3.738   2.565   1.00 13.95 ? 174  VAL A O   1 
ATOM   176  C CB  . VAL A 1 26 ? 6.918   1.596   3.283   1.00 11.79 ? 174  VAL A CB  1 
ATOM   177  C CG1 . VAL A 1 26 ? 7.908   2.430   4.087   1.00 12.71 ? 174  VAL A CG1 1 
ATOM   178  C CG2 . VAL A 1 26 ? 7.319   0.132   3.245   1.00 12.32 ? 174  VAL A CG2 1 
ATOM   179  N N   . GLY A 1 27 ? 4.894   3.936   4.793   1.00 12.55 ? 175  GLY A N   1 
ATOM   180  C CA  . GLY A 1 27 ? 4.471   5.330   4.727   1.00 13.73 ? 175  GLY A CA  1 
ATOM   181  C C   . GLY A 1 27 ? 3.954   5.878   6.025   1.00 15.54 ? 175  GLY A C   1 
ATOM   182  O O   . GLY A 1 27 ? 3.986   5.207   7.058   1.00 13.30 ? 175  GLY A O   1 
ATOM   183  N N   . ARG A 1 28 ? 3.467   7.114   5.966   1.00 16.67 ? 176  ARG A N   1 
ATOM   184  C CA  . ARG A 1 28 ? 2.924   7.789   7.129   1.00 18.98 ? 176  ARG A CA  1 
ATOM   185  C C   . ARG A 1 28 ? 1.465   7.394   7.266   1.00 17.74 ? 176  ARG A C   1 
ATOM   186  O O   . ARG A 1 28 ? 0.808   7.124   6.259   1.00 19.51 ? 176  ARG A O   1 
ATOM   187  C CB  . ARG A 1 28 ? 3.007   9.301   6.936   1.00 21.90 ? 176  ARG A CB  1 
ATOM   188  C CG  . ARG A 1 28 ? 4.392   9.805   6.606   1.00 26.09 ? 176  ARG A CG  1 
ATOM   189  C CD  . ARG A 1 28 ? 4.396   11.293  6.244   1.00 28.62 ? 176  ARG A CD  1 
ATOM   190  N NE  . ARG A 1 28 ? 5.694   11.893  6.555   1.00 32.42 ? 176  ARG A NE  1 
ATOM   191  C CZ  . ARG A 1 28 ? 6.072   12.260  7.779   1.00 33.85 ? 176  ARG A CZ  1 
ATOM   192  N NH1 . ARG A 1 28 ? 5.242   12.111  8.805   1.00 33.34 ? 176  ARG A NH1 1 
ATOM   193  N NH2 . ARG A 1 28 ? 7.272   12.790  7.979   1.00 36.04 ? 176  ARG A NH2 1 
ATOM   194  N N   . VAL A 1 29 ? 0.984   7.345   8.506   1.00 17.90 ? 177  VAL A N   1 
ATOM   195  C CA  . VAL A 1 29 ? -0.421  7.041   8.815   1.00 17.62 ? 177  VAL A CA  1 
ATOM   196  C C   . VAL A 1 29 ? -0.870  7.906   10.000  1.00 18.53 ? 177  VAL A C   1 
ATOM   197  O O   . VAL A 1 29 ? -0.603  7.577   11.173  1.00 17.63 ? 177  VAL A O   1 
ATOM   198  C CB  . VAL A 1 29 ? -0.638  5.560   9.191   1.00 17.72 ? 177  VAL A CB  1 
ATOM   199  C CG1 . VAL A 1 29 ? -2.125  5.255   9.352   1.00 17.62 ? 177  VAL A CG1 1 
ATOM   200  C CG2 . VAL A 1 29 ? 0.004   4.624   8.160   1.00 16.35 ? 177  VAL A CG2 1 
ATOM   201  N N   . ALA A 1 30 ? -1.577  8.989   9.694   1.00 19.39 ? 178  ALA A N   1 
ATOM   202  C CA  . ALA A 1 30 ? -1.928  9.997   10.713  1.00 19.87 ? 178  ALA A CA  1 
ATOM   203  C C   . ALA A 1 30 ? -2.813  9.489   11.854  1.00 19.99 ? 178  ALA A C   1 
ATOM   204  O O   . ALA A 1 30 ? -2.681  9.918   13.005  1.00 19.73 ? 178  ALA A O   1 
ATOM   205  C CB  . ALA A 1 30 ? -2.555  11.207  10.058  1.00 19.81 ? 178  ALA A CB  1 
ATOM   206  N N   . SER A 1 31 ? -3.714  8.570   11.534  1.00 18.62 ? 179  SER A N   1 
ATOM   207  C CA  . SER A 1 31 ? -4.594  7.995   12.528  1.00 18.20 ? 179  SER A CA  1 
ATOM   208  C C   . SER A 1 31 ? -3.932  6.974   13.462  1.00 17.56 ? 179  SER A C   1 
ATOM   209  O O   . SER A 1 31 ? -4.593  6.415   14.349  1.00 17.60 ? 179  SER A O   1 
ATOM   210  C CB  . SER A 1 31 ? -5.808  7.381   11.835  1.00 19.15 ? 179  SER A CB  1 
ATOM   211  O OG  . SER A 1 31 ? -5.387  6.632   10.711  1.00 19.78 ? 179  SER A OG  1 
ATOM   212  N N   . LEU A 1 32 ? -2.638  6.722   13.263  1.00 16.15 ? 180  LEU A N   1 
ATOM   213  C CA  . LEU A 1 32 ? -1.892  5.934   14.232  1.00 15.91 ? 180  LEU A CA  1 
ATOM   214  C C   . LEU A 1 32 ? -1.123  6.890   15.159  1.00 16.05 ? 180  LEU A C   1 
ATOM   215  O O   . LEU A 1 32 ? -1.724  7.524   16.044  1.00 16.86 ? 180  LEU A O   1 
ATOM   216  C CB  . LEU A 1 32 ? -0.996  4.886   13.543  1.00 15.41 ? 180  LEU A CB  1 
ATOM   217  C CG  . LEU A 1 32 ? -1.712  3.650   12.977  1.00 14.96 ? 180  LEU A CG  1 
ATOM   218  C CD1 . LEU A 1 32 ? -0.700  2.755   12.272  1.00 14.16 ? 180  LEU A CD1 1 
ATOM   219  C CD2 . LEU A 1 32 ? -2.481  2.887   14.055  1.00 14.10 ? 180  LEU A CD2 1 
ATOM   220  N N   . LYS A 1 33 ? 0.192   6.972   14.979  1.00 14.86 ? 181  LYS A N   1 
ATOM   221  C CA  . LYS A 1 33 ? 1.032   7.971   15.630  1.00 14.29 ? 181  LYS A CA  1 
ATOM   222  C C   . LYS A 1 33 ? 1.900   8.595   14.548  1.00 13.82 ? 181  LYS A C   1 
ATOM   223  O O   . LYS A 1 33 ? 2.013   8.025   13.456  1.00 13.59 ? 181  LYS A O   1 
ATOM   224  C CB  . LYS A 1 33 ? 1.926   7.303   16.683  1.00 14.23 ? 181  LYS A CB  1 
ATOM   225  C CG  . LYS A 1 33 ? 1.150   6.569   17.781  1.00 13.90 ? 181  LYS A CG  1 
ATOM   226  C CD  . LYS A 1 33 ? 2.049   6.165   18.947  1.00 13.94 ? 181  LYS A CD  1 
ATOM   227  C CE  . LYS A 1 33 ? 3.046   5.087   18.560  1.00 12.25 ? 181  LYS A CE  1 
ATOM   228  N NZ  . LYS A 1 33 ? 3.993   4.860   19.691  1.00 13.93 ? 181  LYS A NZ  1 
ATOM   229  N N   . PRO A 1 34 ? 2.552   9.744   14.844  1.00 13.47 ? 182  PRO A N   1 
ATOM   230  C CA  . PRO A 1 34 ? 3.387   10.400  13.802  1.00 13.58 ? 182  PRO A CA  1 
ATOM   231  C C   . PRO A 1 34 ? 4.583   9.549   13.356  1.00 14.68 ? 182  PRO A C   1 
ATOM   232  O O   . PRO A 1 34 ? 4.948   8.589   14.033  1.00 15.87 ? 182  PRO A O   1 
ATOM   233  C CB  . PRO A 1 34 ? 3.875   11.680  14.504  1.00 13.36 ? 182  PRO A CB  1 
ATOM   234  C CG  . PRO A 1 34 ? 2.874   11.911  15.591  1.00 13.52 ? 182  PRO A CG  1 
ATOM   235  C CD  . PRO A 1 34 ? 2.531   10.539  16.084  1.00 13.78 ? 182  PRO A CD  1 
ATOM   236  N N   . GLY A 1 35 ? 5.190   9.897   12.225  1.00 14.82 ? 183  GLY A N   1 
ATOM   237  C CA  . GLY A 1 35 ? 6.327   9.129   11.704  1.00 15.70 ? 183  GLY A CA  1 
ATOM   238  C C   . GLY A 1 35 ? 5.962   8.041   10.699  1.00 15.78 ? 183  GLY A C   1 
ATOM   239  O O   . GLY A 1 35 ? 4.788   7.878   10.351  1.00 16.43 ? 183  GLY A O   1 
ATOM   240  N N   . TYR A 1 36 ? 6.967   7.308   10.221  1.00 16.43 ? 184  TYR A N   1 
ATOM   241  C CA  . TYR A 1 36 ? 6.782   6.235   9.224   1.00 15.13 ? 184  TYR A CA  1 
ATOM   242  C C   . TYR A 1 36 ? 6.363   4.902   9.829   1.00 12.67 ? 184  TYR A C   1 
ATOM   243  O O   . TYR A 1 36 ? 6.787   4.543   10.925  1.00 11.46 ? 184  TYR A O   1 
ATOM   244  C CB  . TYR A 1 36 ? 8.042   6.004   8.397   1.00 18.60 ? 184  TYR A CB  1 
ATOM   245  C CG  . TYR A 1 36 ? 8.184   6.979   7.263   1.00 22.54 ? 184  TYR A CG  1 
ATOM   246  C CD1 . TYR A 1 36 ? 8.686   8.258   7.479   1.00 24.14 ? 184  TYR A CD1 1 
ATOM   247  C CD2 . TYR A 1 36 ? 7.785   6.627   5.978   1.00 23.21 ? 184  TYR A CD2 1 
ATOM   248  C CE1 . TYR A 1 36 ? 8.802   9.164   6.433   1.00 26.64 ? 184  TYR A CE1 1 
ATOM   249  C CE2 . TYR A 1 36 ? 7.893   7.524   4.926   1.00 26.83 ? 184  TYR A CE2 1 
ATOM   250  C CZ  . TYR A 1 36 ? 8.399   8.784   5.159   1.00 26.97 ? 184  TYR A CZ  1 
ATOM   251  O OH  . TYR A 1 36 ? 8.508   9.660   4.098   1.00 30.26 ? 184  TYR A OH  1 
ATOM   252  N N   . TRP A 1 37 ? 5.501   4.209   9.092   1.00 9.72  ? 185  TRP A N   1 
ATOM   253  C CA  . TRP A 1 37 ? 4.990   2.882   9.471   1.00 8.31  ? 185  TRP A CA  1 
ATOM   254  C C   . TRP A 1 37 ? 5.196   1.879   8.377   1.00 7.58  ? 185  TRP A C   1 
ATOM   255  O O   . TRP A 1 37 ? 5.220   2.201   7.180   1.00 8.29  ? 185  TRP A O   1 
ATOM   256  C CB  . TRP A 1 37 ? 3.490   2.960   9.755   1.00 8.09  ? 185  TRP A CB  1 
ATOM   257  C CG  . TRP A 1 37 ? 3.194   3.731   11.010  1.00 8.30  ? 185  TRP A CG  1 
ATOM   258  C CD1 . TRP A 1 37 ? 2.904   5.089   11.125  1.00 8.44  ? 185  TRP A CD1 1 
ATOM   259  C CD2 . TRP A 1 37 ? 3.206   3.224   12.382  1.00 8.24  ? 185  TRP A CD2 1 
ATOM   260  N NE1 . TRP A 1 37 ? 2.745   5.440   12.448  1.00 8.80  ? 185  TRP A NE1 1 
ATOM   261  C CE2 . TRP A 1 37 ? 2.914   4.368   13.250  1.00 8.60  ? 185  TRP A CE2 1 
ATOM   262  C CE3 . TRP A 1 37 ? 3.430   1.974   12.961  1.00 8.25  ? 185  TRP A CE3 1 
ATOM   263  C CZ2 . TRP A 1 37 ? 2.837   4.235   14.630  1.00 8.67  ? 185  TRP A CZ2 1 
ATOM   264  C CZ3 . TRP A 1 37 ? 3.368   1.858   14.356  1.00 8.53  ? 185  TRP A CZ3 1 
ATOM   265  C CH2 . TRP A 1 37 ? 3.054   2.965   15.162  1.00 8.52  ? 185  TRP A CH2 1 
ATOM   266  N N   . VAL A 1 38 ? 5.303   0.616   8.780   1.00 6.53  ? 186  VAL A N   1 
ATOM   267  C CA  . VAL A 1 38 ? 5.416   -0.482  7.835   1.00 6.41  ? 186  VAL A CA  1 
ATOM   268  C C   . VAL A 1 38 ? 4.212   -1.408  8.010   1.00 6.17  ? 186  VAL A C   1 
ATOM   269  O O   . VAL A 1 38 ? 3.944   -1.916  9.114   1.00 6.16  ? 186  VAL A O   1 
ATOM   270  C CB  . VAL A 1 38 ? 6.737   -1.263  8.061   1.00 6.15  ? 186  VAL A CB  1 
ATOM   271  C CG1 . VAL A 1 38 ? 6.897   -2.353  7.004   1.00 6.38  ? 186  VAL A CG1 1 
ATOM   272  C CG2 . VAL A 1 38 ? 7.945   -0.311  8.017   1.00 6.66  ? 186  VAL A CG2 1 
ATOM   273  N N   . GLY A 1 39 ? 3.436   -1.593  6.945   1.00 5.84  ? 187  GLY A N   1 
ATOM   274  C CA  . GLY A 1 39 ? 2.318   -2.536  6.992   1.00 6.07  ? 187  GLY A CA  1 
ATOM   275  C C   . GLY A 1 39 ? 2.825   -3.900  6.601   1.00 6.18  ? 187  GLY A C   1 
ATOM   276  O O   . GLY A 1 39 ? 3.380   -4.017  5.509   1.00 6.43  ? 187  GLY A O   1 
ATOM   277  N N   . VAL A 1 40 ? 2.631   -4.905  7.450   1.00 6.07  ? 188  VAL A N   1 
ATOM   278  C CA  . VAL A 1 40 ? 3.136   -6.257  7.168   1.00 6.39  ? 188  VAL A CA  1 
ATOM   279  C C   . VAL A 1 40 ? 1.986   -7.246  7.123   1.00 6.74  ? 188  VAL A C   1 
ATOM   280  O O   . VAL A 1 40 ? 1.082   -7.195  7.965   1.00 6.73  ? 188  VAL A O   1 
ATOM   281  C CB  . VAL A 1 40 ? 4.168   -6.709  8.230   1.00 6.38  ? 188  VAL A CB  1 
ATOM   282  C CG1 . VAL A 1 40 ? 4.553   -8.167  8.021   1.00 6.69  ? 188  VAL A CG1 1 
ATOM   283  C CG2 . VAL A 1 40 ? 5.408   -5.833  8.199   1.00 6.17  ? 188  VAL A CG2 1 
ATOM   284  N N   . GLU A 1 41 ? 2.013   -8.148  6.137   1.00 7.29  ? 189  GLU A N   1 
ATOM   285  C CA  . GLU A 1 41 ? 1.131   -9.301  6.164   1.00 7.89  ? 189  GLU A CA  1 
ATOM   286  C C   . GLU A 1 41 ? 1.944   -10.508 6.603   1.00 8.18  ? 189  GLU A C   1 
ATOM   287  O O   . GLU A 1 41 ? 2.891   -10.944 5.914   1.00 8.13  ? 189  GLU A O   1 
ATOM   288  C CB  . GLU A 1 41 ? 0.514   -9.555  4.795   1.00 8.89  ? 189  GLU A CB  1 
ATOM   289  C CG  . GLU A 1 41 ? -0.370  -10.778 4.794   1.00 9.88  ? 189  GLU A CG  1 
ATOM   290  C CD  . GLU A 1 41 ? -1.016  -11.032 3.446   1.00 11.51 ? 189  GLU A CD  1 
ATOM   291  O OE1 . GLU A 1 41 ? -0.811  -10.222 2.511   1.00 12.45 ? 189  GLU A OE1 1 
ATOM   292  O OE2 . GLU A 1 41 ? -1.706  -12.050 3.337   1.00 13.50 ? 189  GLU A OE2 1 
ATOM   293  N N   . PHE A 1 42 ? 1.581   -11.056 7.750   1.00 7.95  ? 190  PHE A N   1 
ATOM   294  C CA  . PHE A 1 42 ? 2.279   -12.209 8.289   1.00 8.20  ? 190  PHE A CA  1 
ATOM   295  C C   . PHE A 1 42 ? 1.841   -13.497 7.622   1.00 8.77  ? 190  PHE A C   1 
ATOM   296  O O   . PHE A 1 42 ? 0.719   -13.597 7.099   1.00 8.65  ? 190  PHE A O   1 
ATOM   297  C CB  . PHE A 1 42 ? 2.091   -12.272 9.803   1.00 8.13  ? 190  PHE A CB  1 
ATOM   298  C CG  . PHE A 1 42 ? 2.668   -11.087 10.510  1.00 8.28  ? 190  PHE A CG  1 
ATOM   299  C CD1 . PHE A 1 42 ? 4.044   -10.992 10.670  1.00 8.05  ? 190  PHE A CD1 1 
ATOM   300  C CD2 . PHE A 1 42 ? 1.861   -10.049 10.973  1.00 7.94  ? 190  PHE A CD2 1 
ATOM   301  C CE1 . PHE A 1 42 ? 4.612   -9.894  11.285  1.00 8.23  ? 190  PHE A CE1 1 
ATOM   302  C CE2 . PHE A 1 42 ? 2.425   -8.951  11.618  1.00 8.42  ? 190  PHE A CE2 1 
ATOM   303  C CZ  . PHE A 1 42 ? 3.809   -8.868  11.762  1.00 8.07  ? 190  PHE A CZ  1 
ATOM   304  N N   . ASP A 1 43 ? 2.744   -14.478 7.639   1.00 9.32  ? 191  ASP A N   1 
ATOM   305  C CA  . ASP A 1 43 ? 2.428   -15.784 7.113   1.00 10.11 ? 191  ASP A CA  1 
ATOM   306  C C   . ASP A 1 43 ? 1.440   -16.526 7.998   1.00 10.11 ? 191  ASP A C   1 
ATOM   307  O O   . ASP A 1 43 ? 0.581   -17.263 7.489   1.00 11.07 ? 191  ASP A O   1 
ATOM   308  C CB  . ASP A 1 43 ? 3.695   -16.611 6.978   1.00 10.19 ? 191  ASP A CB  1 
ATOM   309  C CG  . ASP A 1 43 ? 4.610   -16.129 5.872   1.00 11.34 ? 191  ASP A CG  1 
ATOM   310  O OD1 . ASP A 1 43 ? 4.354   -15.091 5.230   1.00 10.85 ? 191  ASP A OD1 1 
ATOM   311  O OD2 . ASP A 1 43 ? 5.643   -16.800 5.655   1.00 12.70 ? 191  ASP A OD2 1 
ATOM   312  N N   . GLU A 1 44 ? 1.555   -16.313 9.307   1.00 10.01 ? 192  GLU A N   1 
ATOM   313  C CA  . GLU A 1 44 ? 0.772   -16.960 10.345  1.00 10.29 ? 192  GLU A CA  1 
ATOM   314  C C   . GLU A 1 44 ? -0.102  -15.898 11.022  1.00 10.27 ? 192  GLU A C   1 
ATOM   315  O O   . GLU A 1 44 ? 0.183   -14.703 10.913  1.00 9.77  ? 192  GLU A O   1 
ATOM   316  C CB  . GLU A 1 44 ? 1.718   -17.643 11.341  1.00 10.95 ? 192  GLU A CB  1 
ATOM   317  C CG  . GLU A 1 44 ? 2.615   -18.625 10.590  1.00 12.49 ? 192  GLU A CG  1 
ATOM   318  C CD  . GLU A 1 44 ? 3.339   -19.672 11.434  1.00 13.73 ? 192  GLU A CD  1 
ATOM   319  O OE1 . GLU A 1 44 ? 3.000   -19.866 12.607  1.00 15.21 ? 192  GLU A OE1 1 
ATOM   320  O OE2 . GLU A 1 44 ? 4.229   -20.342 10.865  1.00 15.67 ? 192  GLU A OE2 1 
ATOM   321  N N   . PRO A 1 45 ? -1.167  -16.323 11.696  1.00 10.22 ? 193  PRO A N   1 
ATOM   322  C CA  . PRO A 1 45 ? -2.087  -15.313 12.222  1.00 9.97  ? 193  PRO A CA  1 
ATOM   323  C C   . PRO A 1 45 ? -1.610  -14.693 13.552  1.00 10.15 ? 193  PRO A C   1 
ATOM   324  O O   . PRO A 1 45 ? -2.256  -14.809 14.604  1.00 9.95  ? 193  PRO A O   1 
ATOM   325  C CB  . PRO A 1 45 ? -3.417  -16.072 12.331  1.00 10.20 ? 193  PRO A CB  1 
ATOM   326  C CG  . PRO A 1 45 ? -3.000  -17.510 12.469  1.00 10.36 ? 193  PRO A CG  1 
ATOM   327  C CD  . PRO A 1 45 ? -1.786  -17.655 11.611  1.00 10.11 ? 193  PRO A CD  1 
ATOM   328  N N   . VAL A 1 46 ? -0.477  -13.987 13.446  1.00 9.16  ? 194  VAL A N   1 
ATOM   329  C CA  . VAL A 1 46 ? 0.225   -13.366 14.568  1.00 9.47  ? 194  VAL A CA  1 
ATOM   330  C C   . VAL A 1 46 ? 0.186   -11.831 14.506  1.00 9.41  ? 194  VAL A C   1 
ATOM   331  O O   . VAL A 1 46 ? 0.865   -11.141 15.277  1.00 9.94  ? 194  VAL A O   1 
ATOM   332  C CB  . VAL A 1 46 ? 1.691   -13.883 14.687  1.00 9.02  ? 194  VAL A CB  1 
ATOM   333  C CG1 . VAL A 1 46 ? 1.715   -15.368 15.090  1.00 9.42  ? 194  VAL A CG1 1 
ATOM   334  C CG2 . VAL A 1 46 ? 2.505   -13.577 13.419  1.00 9.69  ? 194  VAL A CG2 1 
ATOM   335  N N   . GLY A 1 47 ? -0.571  -11.288 13.562  1.00 9.76  ? 195  GLY A N   1 
ATOM   336  C CA  . GLY A 1 47 ? -0.678  -9.839  13.473  1.00 9.65  ? 195  GLY A CA  1 
ATOM   337  C C   . GLY A 1 47 ? -1.681  -9.317  14.485  1.00 9.80  ? 195  GLY A C   1 
ATOM   338  O O   . GLY A 1 47 ? -2.700  -9.942  14.716  1.00 10.34 ? 195  GLY A O   1 
ATOM   339  N N   . LYS A 1 48 ? -1.421  -8.137  15.048  1.00 9.55  ? 196  LYS A N   1 
ATOM   340  C CA  . LYS A 1 48 ? -2.385  -7.450  15.882  1.00 8.95  ? 196  LYS A CA  1 
ATOM   341  C C   . LYS A 1 48 ? -3.683  -7.051  15.155  1.00 8.66  ? 196  LYS A C   1 
ATOM   342  O O   . LYS A 1 48 ? -4.688  -6.794  15.804  1.00 9.17  ? 196  LYS A O   1 
ATOM   343  C CB  . LYS A 1 48 ? -1.746  -6.161  16.427  1.00 8.92  ? 196  LYS A CB  1 
ATOM   344  C CG  . LYS A 1 48 ? -0.645  -6.423  17.433  1.00 9.77  ? 196  LYS A CG  1 
ATOM   345  C CD  . LYS A 1 48 ? -1.254  -6.997  18.698  1.00 10.41 ? 196  LYS A CD  1 
ATOM   346  C CE  . LYS A 1 48 ? -0.183  -7.337  19.708  1.00 10.81 ? 196  LYS A CE  1 
ATOM   347  N NZ  . LYS A 1 48 ? 0.392   -6.098  20.325  1.00 12.36 ? 196  LYS A NZ  1 
ATOM   348  N N   . GLY A 1 49 ? -3.656  -6.935  13.828  1.00 8.10  ? 197  GLY A N   1 
ATOM   349  C CA  . GLY A 1 49 ? -4.807  -6.425  13.095  1.00 8.09  ? 197  GLY A CA  1 
ATOM   350  C C   . GLY A 1 49 ? -5.041  -7.082  11.757  1.00 8.00  ? 197  GLY A C   1 
ATOM   351  O O   . GLY A 1 49 ? -4.715  -8.250  11.547  1.00 7.67  ? 197  GLY A O   1 
ATOM   352  N N   . ASP A 1 50 ? -5.673  -6.310  10.869  1.00 8.22  ? 198  ASP A N   1 
ATOM   353  C CA  . ASP A 1 50 ? -6.133  -6.805  9.576   1.00 8.98  ? 198  ASP A CA  1 
ATOM   354  C C   . ASP A 1 50 ? -5.829  -5.803  8.472   1.00 8.73  ? 198  ASP A C   1 
ATOM   355  O O   . ASP A 1 50 ? -6.490  -5.812  7.442   1.00 8.67  ? 198  ASP A O   1 
ATOM   356  C CB  . ASP A 1 50 ? -7.651  -7.058  9.655   1.00 9.56  ? 198  ASP A CB  1 
ATOM   357  C CG  . ASP A 1 50 ? -8.457  -5.778  9.874   1.00 10.57 ? 198  ASP A CG  1 
ATOM   358  O OD1 . ASP A 1 50 ? -7.864  -4.711  10.080  1.00 10.17 ? 198  ASP A OD1 1 
ATOM   359  O OD2 . ASP A 1 50 ? -9.709  -5.855  9.820   1.00 12.52 ? 198  ASP A OD2 1 
ATOM   360  N N   . GLY A 1 51 ? -4.840  -4.939  8.677   1.00 8.63  ? 199  GLY A N   1 
ATOM   361  C CA  . GLY A 1 51 ? -4.500  -3.955  7.623   1.00 9.50  ? 199  GLY A CA  1 
ATOM   362  C C   . GLY A 1 51 ? -5.318  -2.680  7.621   1.00 10.19 ? 199  GLY A C   1 
ATOM   363  O O   . GLY A 1 51 ? -5.154  -1.809  6.737   1.00 10.21 ? 199  GLY A O   1 
ATOM   364  N N   . THR A 1 52 ? -6.168  -2.526  8.620   1.00 10.03 ? 200  THR A N   1 
ATOM   365  C CA  . THR A 1 52 ? -6.979  -1.312  8.767   1.00 10.74 ? 200  THR A CA  1 
ATOM   366  C C   . THR A 1 52 ? -6.558  -0.493  9.991   1.00 11.52 ? 200  THR A C   1 
ATOM   367  O O   . THR A 1 52 ? -5.891  -1.020  10.901  1.00 12.14 ? 200  THR A O   1 
ATOM   368  C CB  . THR A 1 52 ? -8.474  -1.645  8.893   1.00 10.59 ? 200  THR A CB  1 
ATOM   369  O OG1 . THR A 1 52 ? -8.720  -2.281  10.152  1.00 10.34 ? 200  THR A OG1 1 
ATOM   370  C CG2 . THR A 1 52 ? -8.941  -2.550  7.775   1.00 10.65 ? 200  THR A CG2 1 
ATOM   371  N N   . VAL A 1 53 ? -6.952  0.784   10.005  1.00 12.21 ? 201  VAL A N   1 
ATOM   372  C CA  . VAL A 1 53 ? -6.783  1.691   11.147  1.00 13.25 ? 201  VAL A CA  1 
ATOM   373  C C   . VAL A 1 53 ? -8.120  2.351   11.481  1.00 14.39 ? 201  VAL A C   1 
ATOM   374  O O   . VAL A 1 53 ? -8.675  3.085   10.651  1.00 14.34 ? 201  VAL A O   1 
ATOM   375  C CB  . VAL A 1 53 ? -5.736  2.806   10.894  1.00 13.65 ? 201  VAL A CB  1 
ATOM   376  C CG1 . VAL A 1 53 ? -5.621  3.663   12.148  1.00 14.09 ? 201  VAL A CG1 1 
ATOM   377  C CG2 . VAL A 1 53 ? -4.386  2.192   10.536  1.00 13.79 ? 201  VAL A CG2 1 
ATOM   378  N N   . LYS A 1 54 ? -8.632  2.077   12.679  1.00 15.28 ? 202  LYS A N   1 
ATOM   379  C CA  . LYS A 1 54 ? -9.996  2.478   13.082  1.00 16.79 ? 202  LYS A CA  1 
ATOM   380  C C   . LYS A 1 54 ? -11.045 2.233   11.979  1.00 16.52 ? 202  LYS A C   1 
ATOM   381  O O   . LYS A 1 54 ? -11.949 3.064   11.754  1.00 16.74 ? 202  LYS A O   1 
ATOM   382  C CB  . LYS A 1 54 ? -10.009 3.923   13.566  1.00 19.13 ? 202  LYS A CB  1 
ATOM   383  C CG  . LYS A 1 54 ? -9.531  4.079   14.998  1.00 20.58 ? 202  LYS A CG  1 
ATOM   384  C CD  . LYS A 1 54 ? -9.412  5.543   15.377  1.00 22.21 ? 202  LYS A CD  1 
ATOM   385  C CE  . LYS A 1 54 ? -8.107  6.134   14.869  1.00 23.82 ? 202  LYS A CE  1 
ATOM   386  N NZ  . LYS A 1 54 ? -6.925  5.575   15.593  1.00 25.39 ? 202  LYS A NZ  1 
ATOM   387  N N   . GLY A 1 55 ? -10.921 1.082   11.323  1.00 14.87 ? 203  GLY A N   1 
ATOM   388  C CA  . GLY A 1 55 ? -11.810 0.672   10.243  1.00 14.30 ? 203  GLY A CA  1 
ATOM   389  C C   . GLY A 1 55 ? -11.370 1.009   8.835   1.00 13.38 ? 203  GLY A C   1 
ATOM   390  O O   . GLY A 1 55 ? -11.787 0.363   7.883   1.00 14.45 ? 203  GLY A O   1 
ATOM   391  N N   . THR A 1 56 ? -10.537 2.029   8.685   1.00 12.72 ? 204  THR A N   1 
ATOM   392  C CA  . THR A 1 56 ? -10.118 2.460   7.353   1.00 12.32 ? 204  THR A CA  1 
ATOM   393  C C   . THR A 1 56 ? -8.986  1.589   6.811   1.00 12.02 ? 204  THR A C   1 
ATOM   394  O O   . THR A 1 56 ? -7.942  1.444   7.452   1.00 12.22 ? 204  THR A O   1 
ATOM   395  C CB  . THR A 1 56 ? -9.744  3.963   7.337   1.00 12.67 ? 204  THR A CB  1 
ATOM   396  O OG1 . THR A 1 56 ? -10.881 4.740   7.776   1.00 12.77 ? 204  THR A OG1 1 
ATOM   397  C CG2 . THR A 1 56 ? -9.316  4.388   5.962   1.00 13.29 ? 204  THR A CG2 1 
ATOM   398  N N   . ARG A 1 57 ? -9.203  0.985   5.647   1.00 12.04 ? 205  ARG A N   1 
ATOM   399  C CA  . ARG A 1 57 ? -8.219  0.056   5.089   1.00 12.36 ? 205  ARG A CA  1 
ATOM   400  C C   . ARG A 1 57 ? -7.003  0.829   4.600   1.00 13.11 ? 205  ARG A C   1 
ATOM   401  O O   . ARG A 1 57 ? -7.134  1.902   3.992   1.00 14.10 ? 205  ARG A O   1 
ATOM   402  C CB  . ARG A 1 57 ? -8.800  -0.829  3.983   1.00 12.96 ? 205  ARG A CB  1 
ATOM   403  C CG  . ARG A 1 57 ? -7.805  -1.873  3.496   1.00 14.00 ? 205  ARG A CG  1 
ATOM   404  C CD  . ARG A 1 57 ? -8.458  -3.144  3.011   1.00 14.07 ? 205  ARG A CD  1 
ATOM   405  N NE  . ARG A 1 57 ? -9.264  -3.831  4.034   1.00 14.12 ? 205  ARG A NE  1 
ATOM   406  C CZ  . ARG A 1 57 ? -8.763  -4.622  4.981   1.00 13.84 ? 205  ARG A CZ  1 
ATOM   407  N NH1 . ARG A 1 57 ? -7.447  -4.841  5.058   1.00 12.94 ? 205  ARG A NH1 1 
ATOM   408  N NH2 . ARG A 1 57 ? -9.579  -5.206  5.849   1.00 14.46 ? 205  ARG A NH2 1 
ATOM   409  N N   . VAL A 1 58 ? -5.828  0.292   4.903   1.00 12.56 ? 206  VAL A N   1 
ATOM   410  C CA  . VAL A 1 58 ? -4.584  0.830   4.363   1.00 13.21 ? 206  VAL A CA  1 
ATOM   411  C C   . VAL A 1 58 ? -4.024  -0.131  3.330   1.00 13.45 ? 206  VAL A C   1 
ATOM   412  O O   . VAL A 1 58 ? -3.641  0.292   2.227   1.00 13.75 ? 206  VAL A O   1 
ATOM   413  C CB  . VAL A 1 58 ? -3.543  1.150   5.465   1.00 13.68 ? 206  VAL A CB  1 
ATOM   414  C CG1 . VAL A 1 58 ? -2.248  1.667   4.825   1.00 14.45 ? 206  VAL A CG1 1 
ATOM   415  C CG2 . VAL A 1 58 ? -4.084  2.199   6.418   1.00 13.64 ? 206  VAL A CG2 1 
ATOM   416  N N   . PHE A 1 59 ? -3.965  -1.412  3.672   1.00 13.16 ? 207  PHE A N   1 
ATOM   417  C CA  . PHE A 1 59 ? -3.567  -2.460  2.742   1.00 13.95 ? 207  PHE A CA  1 
ATOM   418  C C   . PHE A 1 59 ? -4.479  -3.665  2.850   1.00 14.83 ? 207  PHE A C   1 
ATOM   419  O O   . PHE A 1 59 ? -5.052  -3.951  3.924   1.00 15.64 ? 207  PHE A O   1 
ATOM   420  C CB  . PHE A 1 59 ? -2.072  -2.838  2.906   1.00 12.61 ? 207  PHE A CB  1 
ATOM   421  C CG  . PHE A 1 59 ? -1.721  -3.471  4.233   1.00 11.85 ? 207  PHE A CG  1 
ATOM   422  C CD1 . PHE A 1 59 ? -1.380  -2.671  5.307   1.00 11.39 ? 207  PHE A CD1 1 
ATOM   423  C CD2 . PHE A 1 59 ? -1.677  -4.867  4.370   1.00 10.92 ? 207  PHE A CD2 1 
ATOM   424  C CE1 . PHE A 1 59 ? -1.040  -3.235  6.540   1.00 10.66 ? 207  PHE A CE1 1 
ATOM   425  C CE2 . PHE A 1 59 ? -1.329  -5.448  5.603   1.00 10.85 ? 207  PHE A CE2 1 
ATOM   426  C CZ  . PHE A 1 59 ? -1.007  -4.621  6.673   1.00 10.02 ? 207  PHE A CZ  1 
ATOM   427  N N   . GLN A 1 60 ? -4.639  -4.370  1.729   1.00 16.00 ? 208  GLN A N   1 
ATOM   428  C CA  A GLN A 1 60 ? -5.444  -5.579  1.668   0.50 15.71 ? 208  GLN A CA  1 
ATOM   429  C CA  B GLN A 1 60 ? -5.477  -5.567  1.714   0.50 15.39 ? 208  GLN A CA  1 
ATOM   430  C C   . GLN A 1 60 ? -4.824  -6.627  2.577   1.00 15.73 ? 208  GLN A C   1 
ATOM   431  O O   . GLN A 1 60 ? -3.623  -6.872  2.490   1.00 16.69 ? 208  GLN A O   1 
ATOM   432  C CB  A GLN A 1 60 ? -5.491  -6.091  0.230   0.50 17.51 ? 208  GLN A CB  1 
ATOM   433  C CB  B GLN A 1 60 ? -5.728  -6.115  0.306   0.50 16.54 ? 208  GLN A CB  1 
ATOM   434  C CG  A GLN A 1 60 ? -6.476  -7.220  -0.014  0.50 18.53 ? 208  GLN A CG  1 
ATOM   435  C CG  B GLN A 1 60 ? -6.610  -5.270  -0.601  0.50 16.99 ? 208  GLN A CG  1 
ATOM   436  C CD  A GLN A 1 60 ? -6.563  -7.578  -1.481  0.50 19.67 ? 208  GLN A CD  1 
ATOM   437  C CD  B GLN A 1 60 ? -7.947  -4.857  -0.007  0.50 17.21 ? 208  GLN A CD  1 
ATOM   438  O OE1 A GLN A 1 60 ? -5.549  -7.850  -2.124  0.50 21.29 ? 208  GLN A OE1 1 
ATOM   439  O OE1 B GLN A 1 60 ? -8.668  -5.672  0.578   0.50 18.90 ? 208  GLN A OE1 1 
ATOM   440  N NE2 A GLN A 1 60 ? -7.778  -7.573  -2.022  0.50 20.48 ? 208  GLN A NE2 1 
ATOM   441  N NE2 B GLN A 1 60 ? -8.304  -3.583  -0.186  0.50 15.88 ? 208  GLN A NE2 1 
ATOM   442  N N   . CYS A 1 61 ? -5.643  -7.228  3.430   1.00 14.39 ? 209  CYS A N   1 
ATOM   443  C CA  . CYS A 1 61 ? -5.186  -8.216  4.389   1.00 14.02 ? 209  CYS A CA  1 
ATOM   444  C C   . CYS A 1 61 ? -6.353  -8.831  5.132   1.00 13.91 ? 209  CYS A C   1 
ATOM   445  O O   . CYS A 1 61 ? -7.393  -8.192  5.318   1.00 14.42 ? 209  CYS A O   1 
ATOM   446  C CB  . CYS A 1 61 ? -4.236  -7.558  5.397   1.00 14.15 ? 209  CYS A CB  1 
ATOM   447  S SG  . CYS A 1 61 ? -3.356  -8.687  6.498   1.00 13.86 ? 209  CYS A SG  1 
ATOM   448  N N   A GLN A 1 62 ? -6.179  -10.063 5.561   0.70 12.91 ? 210  GLN A N   1 
ATOM   449  N N   B GLN A 1 62 ? -6.168  -10.102 5.516   0.30 12.74 ? 210  GLN A N   1 
ATOM   450  C CA  A GLN A 1 62 ? -7.213  -10.749 6.283   0.70 13.13 ? 210  GLN A CA  1 
ATOM   451  C CA  B GLN A 1 62 ? -7.106  -10.936 6.298   0.30 12.24 ? 210  GLN A CA  1 
ATOM   452  C C   A GLN A 1 62 ? -7.018  -10.652 7.800   0.70 12.07 ? 210  GLN A C   1 
ATOM   453  C C   B GLN A 1 62 ? -7.000  -10.616 7.801   0.30 11.73 ? 210  GLN A C   1 
ATOM   454  O O   A GLN A 1 62 ? -5.906  -10.437 8.279   0.70 11.35 ? 210  GLN A O   1 
ATOM   455  O O   B GLN A 1 62 ? -5.922  -10.244 8.267   0.30 11.38 ? 210  GLN A O   1 
ATOM   456  C CB  A GLN A 1 62 ? -7.319  -12.161 5.740   0.70 14.65 ? 210  GLN A CB  1 
ATOM   457  C CB  B GLN A 1 62 ? -6.794  -12.434 6.038   0.30 12.36 ? 210  GLN A CB  1 
ATOM   458  C CG  A GLN A 1 62 ? -7.649  -12.106 4.248   0.70 16.04 ? 210  GLN A CG  1 
ATOM   459  C CG  B GLN A 1 62 ? -7.508  -13.446 6.941   0.30 12.41 ? 210  GLN A CG  1 
ATOM   460  C CD  A GLN A 1 62 ? -7.505  -13.434 3.561   0.70 17.91 ? 210  GLN A CD  1 
ATOM   461  C CD  B GLN A 1 62 ? -7.179  -14.920 6.657   0.30 12.79 ? 210  GLN A CD  1 
ATOM   462  O OE1 A GLN A 1 62 ? -7.043  -14.396 4.166   0.70 19.33 ? 210  GLN A OE1 1 
ATOM   463  O OE1 B GLN A 1 62 ? -6.406  -15.243 5.763   0.30 12.86 ? 210  GLN A OE1 1 
ATOM   464  N NE2 A GLN A 1 62 ? -7.922  -13.508 2.298   0.70 18.84 ? 210  GLN A NE2 1 
ATOM   465  N NE2 B GLN A 1 62 ? -7.774  -15.817 7.436   0.30 12.71 ? 210  GLN A NE2 1 
ATOM   466  N N   . PRO A 1 63 ? -8.111  -10.745 8.567   1.00 11.61 ? 211  PRO A N   1 
ATOM   467  C CA  . PRO A 1 63 ? -7.996  -10.584 10.017  1.00 10.80 ? 211  PRO A CA  1 
ATOM   468  C C   . PRO A 1 63 ? -6.947  -11.490 10.655  1.00 10.49 ? 211  PRO A C   1 
ATOM   469  O O   . PRO A 1 63 ? -6.814  -12.660 10.274  1.00 11.04 ? 211  PRO A O   1 
ATOM   470  C CB  . PRO A 1 63 ? -9.411  -10.908 10.539  1.00 10.84 ? 211  PRO A CB  1 
ATOM   471  C CG  . PRO A 1 63 ? -10.292 -10.547 9.383   1.00 10.88 ? 211  PRO A CG  1 
ATOM   472  C CD  . PRO A 1 63 ? -9.515  -10.996 8.170   1.00 11.33 ? 211  PRO A CD  1 
ATOM   473  N N   . ASN A 1 64 ? -6.185  -10.908 11.579  1.00 9.65  ? 212  ASN A N   1 
ATOM   474  C CA  . ASN A 1 64 ? -5.127  -11.589 12.343  1.00 9.87  ? 212  ASN A CA  1 
ATOM   475  C C   . ASN A 1 64 ? -3.815  -11.755 11.611  1.00 9.46  ? 212  ASN A C   1 
ATOM   476  O O   . ASN A 1 64 ? -2.885  -12.324 12.206  1.00 9.71  ? 212  ASN A O   1 
ATOM   477  C CB  . ASN A 1 64 ? -5.592  -12.914 12.937  1.00 10.14 ? 212  ASN A CB  1 
ATOM   478  C CG  . ASN A 1 64 ? -6.825  -12.737 13.778  1.00 10.55 ? 212  ASN A CG  1 
ATOM   479  O OD1 . ASN A 1 64 ? -6.814  -11.973 14.722  1.00 12.16 ? 212  ASN A OD1 1 
ATOM   480  N ND2 . ASN A 1 64 ? -7.923  -13.368 13.375  1.00 10.47 ? 212  ASN A ND2 1 
ATOM   481  N N   . TYR A 1 65 ? -3.737  -11.238 10.384  1.00 9.80  ? 213  TYR A N   1 
ATOM   482  C CA  . TYR A 1 65 ? -2.492  -11.323 9.577   1.00 10.08 ? 213  TYR A CA  1 
ATOM   483  C C   . TYR A 1 65 ? -1.798  -10.014 9.365   1.00 10.42 ? 213  TYR A C   1 
ATOM   484  O O   . TYR A 1 65 ? -0.722  -9.986  8.741   1.00 10.43 ? 213  TYR A O   1 
ATOM   485  C CB  . TYR A 1 65 ? -2.739  -11.950 8.188   1.00 10.37 ? 213  TYR A CB  1 
ATOM   486  C CG  . TYR A 1 65 ? -3.094  -13.377 8.360   1.00 10.09 ? 213  TYR A CG  1 
ATOM   487  C CD1 . TYR A 1 65 ? -4.419  -13.741 8.570   1.00 10.55 ? 213  TYR A CD1 1 
ATOM   488  C CD2 . TYR A 1 65 ? -2.104  -14.368 8.370   1.00 10.42 ? 213  TYR A CD2 1 
ATOM   489  C CE1 . TYR A 1 65 ? -4.755  -15.066 8.802   1.00 10.96 ? 213  TYR A CE1 1 
ATOM   490  C CE2 . TYR A 1 65 ? -2.432  -15.686 8.597   1.00 10.56 ? 213  TYR A CE2 1 
ATOM   491  C CZ  . TYR A 1 65 ? -3.777  -16.020 8.783   1.00 10.71 ? 213  TYR A CZ  1 
ATOM   492  O OH  . TYR A 1 65 ? -4.100  -17.329 9.009   1.00 10.61 ? 213  TYR A OH  1 
ATOM   493  N N   . GLY A 1 66 ? -2.406  -8.933  9.842   1.00 9.95  ? 214  GLY A N   1 
ATOM   494  C CA  . GLY A 1 66 ? -1.901  -7.605  9.533   1.00 8.99  ? 214  GLY A CA  1 
ATOM   495  C C   . GLY A 1 66 ? -1.256  -6.930  10.715  1.00 8.80  ? 214  GLY A C   1 
ATOM   496  O O   . GLY A 1 66 ? -1.749  -6.988  11.852  1.00 8.83  ? 214  GLY A O   1 
ATOM   497  N N   . GLY A 1 67 ? -0.128  -6.287  10.465  1.00 8.31  ? 215  GLY A N   1 
ATOM   498  C CA  . GLY A 1 67 ? 0.442   -5.415  11.491  1.00 8.17  ? 215  GLY A CA  1 
ATOM   499  C C   . GLY A 1 67 ? 0.922   -4.118  10.910  1.00 7.94  ? 215  GLY A C   1 
ATOM   500  O O   . GLY A 1 67 ? 1.253   -4.055  9.729   1.00 8.77  ? 215  GLY A O   1 
ATOM   501  N N   . PHE A 1 68 ? 0.933   -3.067  11.729  1.00 7.89  ? 216  PHE A N   1 
ATOM   502  C CA  . PHE A 1 68 ? 1.632   -1.837  11.387  1.00 7.76  ? 216  PHE A CA  1 
ATOM   503  C C   . PHE A 1 68 ? 2.731   -1.715  12.394  1.00 7.42  ? 216  PHE A C   1 
ATOM   504  O O   . PHE A 1 68 ? 2.463   -1.686  13.605  1.00 7.50  ? 216  PHE A O   1 
ATOM   505  C CB  . PHE A 1 68 ? 0.735   -0.603  11.499  1.00 8.41  ? 216  PHE A CB  1 
ATOM   506  C CG  . PHE A 1 68 ? -0.339  -0.548  10.468  1.00 9.03  ? 216  PHE A CG  1 
ATOM   507  C CD1 . PHE A 1 68 ? -0.112  0.018   9.210   1.00 9.58  ? 216  PHE A CD1 1 
ATOM   508  C CD2 . PHE A 1 68 ? -1.591  -1.083  10.752  1.00 9.20  ? 216  PHE A CD2 1 
ATOM   509  C CE1 . PHE A 1 68 ? -1.105  0.031   8.267   1.00 9.92  ? 216  PHE A CE1 1 
ATOM   510  C CE2 . PHE A 1 68 ? -2.610  -1.071  9.802   1.00 9.27  ? 216  PHE A CE2 1 
ATOM   511  C CZ  . PHE A 1 68 ? -2.366  -0.494  8.556   1.00 9.58  ? 216  PHE A CZ  1 
ATOM   512  N N   . LEU A 1 69 ? 3.953   -1.687  11.900  1.00 7.11  ? 217  LEU A N   1 
ATOM   513  C CA  . LEU A 1 69 ? 5.095   -1.678  12.790  1.00 7.32  ? 217  LEU A CA  1 
ATOM   514  C C   . LEU A 1 69 ? 5.975   -0.508  12.468  1.00 7.18  ? 217  LEU A C   1 
ATOM   515  O O   . LEU A 1 69 ? 5.958   -0.012  11.363  1.00 6.79  ? 217  LEU A O   1 
ATOM   516  C CB  . LEU A 1 69 ? 5.960   -2.938  12.553  1.00 7.89  ? 217  LEU A CB  1 
ATOM   517  C CG  . LEU A 1 69 ? 5.468   -4.357  12.879  1.00 8.45  ? 217  LEU A CG  1 
ATOM   518  C CD1 . LEU A 1 69 ? 4.201   -4.782  12.145  1.00 8.99  ? 217  LEU A CD1 1 
ATOM   519  C CD2 . LEU A 1 69 ? 6.552   -5.363  12.543  1.00 9.45  ? 217  LEU A CD2 1 
ATOM   520  N N   . ARG A 1 70 ? 6.766   -0.069  13.436  1.00 7.43  ? 218  ARG A N   1 
ATOM   521  C CA  . ARG A 1 70 ? 7.843   0.878   13.130  1.00 8.37  ? 218  ARG A CA  1 
ATOM   522  C C   . ARG A 1 70 ? 8.940   0.176   12.362  1.00 8.54  ? 218  ARG A C   1 
ATOM   523  O O   . ARG A 1 70 ? 9.157   -1.019  12.538  1.00 8.26  ? 218  ARG A O   1 
ATOM   524  C CB  . ARG A 1 70 ? 8.413   1.477   14.412  1.00 8.98  ? 218  ARG A CB  1 
ATOM   525  C CG  . ARG A 1 70 ? 7.420   2.354   15.125  1.00 9.65  ? 218  ARG A CG  1 
ATOM   526  C CD  . ARG A 1 70 ? 7.027   3.558   14.303  1.00 10.10 ? 218  ARG A CD  1 
ATOM   527  N NE  . ARG A 1 70 ? 6.518   4.563   15.205  1.00 11.65 ? 218  ARG A NE  1 
ATOM   528  C CZ  . ARG A 1 70 ? 6.008   5.716   14.830  1.00 12.09 ? 218  ARG A CZ  1 
ATOM   529  N NH1 . ARG A 1 70 ? 5.906   6.014   13.546  1.00 11.87 ? 218  ARG A NH1 1 
ATOM   530  N NH2 . ARG A 1 70 ? 5.585   6.561   15.773  1.00 12.91 ? 218  ARG A NH2 1 
ATOM   531  N N   . PRO A 1 71 ? 9.658   0.911   11.505  1.00 8.94  ? 219  PRO A N   1 
ATOM   532  C CA  . PRO A 1 71 ? 10.745  0.322   10.739  1.00 9.16  ? 219  PRO A CA  1 
ATOM   533  C C   . PRO A 1 71 ? 11.785  -0.397  11.592  1.00 9.55  ? 219  PRO A C   1 
ATOM   534  O O   . PRO A 1 71 ? 12.330  -1.426  11.126  1.00 9.57  ? 219  PRO A O   1 
ATOM   535  C CB  . PRO A 1 71 ? 11.356  1.538   9.989   1.00 9.16  ? 219  PRO A CB  1 
ATOM   536  C CG  . PRO A 1 71 ? 10.183  2.464   9.828   1.00 9.11  ? 219  PRO A CG  1 
ATOM   537  C CD  . PRO A 1 71 ? 9.327   2.280   11.066  1.00 9.20  ? 219  PRO A CD  1 
ATOM   538  N N   . ASP A 1 72 ? 12.026  0.073   12.828  1.00 10.02 ? 220  ASP A N   1 
ATOM   539  C CA  A ASP A 1 72 ? 13.042  -0.578  13.645  0.50 10.51 ? 220  ASP A CA  1 
ATOM   540  C CA  B ASP A 1 72 ? 12.996  -0.548  13.738  0.50 10.31 ? 220  ASP A CA  1 
ATOM   541  C C   . ASP A 1 72 ? 12.655  -1.999  14.037  1.00 10.74 ? 220  ASP A C   1 
ATOM   542  O O   . ASP A 1 72 ? 13.532  -2.797  14.380  1.00 11.48 ? 220  ASP A O   1 
ATOM   543  C CB  A ASP A 1 72 ? 13.410  0.259   14.868  0.50 11.36 ? 220  ASP A CB  1 
ATOM   544  C CB  B ASP A 1 72 ? 13.110  0.247   15.058  0.50 10.84 ? 220  ASP A CB  1 
ATOM   545  C CG  A ASP A 1 72 ? 14.302  1.435   14.523  0.50 11.90 ? 220  ASP A CG  1 
ATOM   546  C CG  B ASP A 1 72 ? 12.025  -0.129  16.085  0.50 10.95 ? 220  ASP A CG  1 
ATOM   547  O OD1 A ASP A 1 72 ? 15.178  1.320   13.637  0.50 13.13 ? 220  ASP A OD1 1 
ATOM   548  O OD1 B ASP A 1 72 ? 12.101  -1.218  16.700  0.50 11.96 ? 220  ASP A OD1 1 
ATOM   549  O OD2 A ASP A 1 72 ? 14.136  2.487   15.158  0.50 12.48 ? 220  ASP A OD2 1 
ATOM   550  O OD2 B ASP A 1 72 ? 11.097  0.662   16.283  0.50 10.91 ? 220  ASP A OD2 1 
ATOM   551  N N   . GLN A 1 73 ? 11.365  -2.321  13.930  1.00 10.07 ? 221  GLN A N   1 
ATOM   552  C CA  A GLN A 1 73 ? 10.855  -3.651  14.255  0.50 10.13 ? 221  GLN A CA  1 
ATOM   553  C CA  B GLN A 1 73 ? 10.885  -3.636  14.328  0.50 9.92  ? 221  GLN A CA  1 
ATOM   554  C C   . GLN A 1 73 ? 10.918  -4.626  13.124  1.00 10.03 ? 221  GLN A C   1 
ATOM   555  O O   . GLN A 1 73 ? 10.634  -5.821  13.292  1.00 10.33 ? 221  GLN A O   1 
ATOM   556  C CB  A GLN A 1 73 ? 9.410   -3.556  14.647  0.50 9.96  ? 221  GLN A CB  1 
ATOM   557  C CB  B GLN A 1 73 ? 9.519   -3.537  15.091  0.50 9.43  ? 221  GLN A CB  1 
ATOM   558  C CG  A GLN A 1 73 ? 9.225   -2.900  15.962  0.50 10.28 ? 221  GLN A CG  1 
ATOM   559  C CG  B GLN A 1 73 ? 9.419   -2.458  16.212  0.50 9.30  ? 221  GLN A CG  1 
ATOM   560  C CD  A GLN A 1 73 ? 7.788   -2.803  16.233  0.50 10.62 ? 221  GLN A CD  1 
ATOM   561  C CD  B GLN A 1 73 ? 9.839   -2.894  17.652  0.50 9.02  ? 221  GLN A CD  1 
ATOM   562  O OE1 A GLN A 1 73 ? 7.086   -2.111  15.508  0.50 10.83 ? 221  GLN A OE1 1 
ATOM   563  O OE1 B GLN A 1 73 ? 9.553   -4.009  18.106  0.50 9.19  ? 221  GLN A OE1 1 
ATOM   564  N NE2 A GLN A 1 73 ? 7.310   -3.540  17.239  0.50 10.62 ? 221  GLN A NE2 1 
ATOM   565  N NE2 B GLN A 1 73 ? 10.471  -1.959  18.402  0.50 8.79  ? 221  GLN A NE2 1 
ATOM   566  N N   . VAL A 1 74 ? 11.299  -4.139  11.953  1.00 9.90  ? 222  VAL A N   1 
ATOM   567  C CA  . VAL A 1 74 ? 11.258  -4.925  10.713  1.00 10.53 ? 222  VAL A CA  1 
ATOM   568  C C   . VAL A 1 74 ? 12.664  -5.211  10.203  1.00 11.28 ? 222  VAL A C   1 
ATOM   569  O O   . VAL A 1 74 ? 13.412  -4.289  9.822   1.00 11.67 ? 222  VAL A O   1 
ATOM   570  C CB  . VAL A 1 74 ? 10.429  -4.187  9.642   1.00 10.97 ? 222  VAL A CB  1 
ATOM   571  C CG1 . VAL A 1 74 ? 10.321  -4.992  8.354   1.00 10.77 ? 222  VAL A CG1 1 
ATOM   572  C CG2 . VAL A 1 74 ? 9.054   -3.879  10.207  1.00 10.42 ? 222  VAL A CG2 1 
ATOM   573  N N   . GLU A 1 75 ? 13.012  -6.498  10.180  1.00 11.59 ? 223  GLU A N   1 
ATOM   574  C CA  . GLU A 1 75 ? 14.256  -6.931  9.547   1.00 12.01 ? 223  GLU A CA  1 
ATOM   575  C C   . GLU A 1 75 ? 13.976  -7.476  8.149   1.00 11.73 ? 223  GLU A C   1 
ATOM   576  O O   . GLU A 1 75 ? 13.384  -8.547  8.013   1.00 12.15 ? 223  GLU A O   1 
ATOM   577  C CB  . GLU A 1 75 ? 14.960  -7.993  10.399  1.00 12.41 ? 223  GLU A CB  1 
ATOM   578  C CG  . GLU A 1 75 ? 16.214  -8.565  9.726   1.00 13.26 ? 223  GLU A CG  1 
ATOM   579  C CD  . GLU A 1 75 ? 16.834  -9.723  10.496  1.00 13.58 ? 223  GLU A CD  1 
ATOM   580  O OE1 . GLU A 1 75 ? 16.568  -9.891  11.692  1.00 14.89 ? 223  GLU A OE1 1 
ATOM   581  O OE2 . GLU A 1 75 ? 17.606  -10.487 9.880   1.00 15.60 ? 223  GLU A OE2 1 
ATOM   582  N N   . VAL A 1 76 ? 14.373  -6.731  7.129   1.00 12.25 ? 224  VAL A N   1 
ATOM   583  C CA  . VAL A 1 76 ? 14.266  -7.190  5.732   1.00 12.45 ? 224  VAL A CA  1 
ATOM   584  C C   . VAL A 1 76 ? 15.368  -8.223  5.467   1.00 13.41 ? 224  VAL A C   1 
ATOM   585  O O   . VAL A 1 76 ? 16.524  -8.047  5.873   1.00 13.59 ? 224  VAL A O   1 
ATOM   586  C CB  . VAL A 1 76 ? 14.316  -6.021  4.723   1.00 13.23 ? 224  VAL A CB  1 
ATOM   587  C CG1 . VAL A 1 76 ? 14.427  -6.521  3.293   1.00 13.76 ? 224  VAL A CG1 1 
ATOM   588  C CG2 . VAL A 1 76 ? 13.074  -5.145  4.880   1.00 13.52 ? 224  VAL A CG2 1 
ATOM   589  N N   . GLY A 1 77 ? 14.996  -9.318  4.817   1.00 13.08 ? 225  GLY A N   1 
ATOM   590  C CA  . GLY A 1 77 ? 15.984  -10.331 4.471   1.00 12.74 ? 225  GLY A CA  1 
ATOM   591  C C   . GLY A 1 77 ? 15.422  -11.342 3.503   1.00 13.39 ? 225  GLY A C   1 
ATOM   592  O O   . GLY A 1 77 ? 14.286  -11.227 3.045   1.00 12.53 ? 225  GLY A O   1 
ATOM   593  N N   . ASP A 1 78 ? 16.233  -12.337 3.184   1.00 13.19 ? 226  ASP A N   1 
ATOM   594  C CA  . ASP A 1 78 ? 15.785  -13.410 2.299   1.00 12.91 ? 226  ASP A CA  1 
ATOM   595  C C   . ASP A 1 78 ? 15.124  -14.476 3.165   1.00 12.92 ? 226  ASP A C   1 
ATOM   596  O O   . ASP A 1 78 ? 15.787  -15.356 3.721   1.00 13.51 ? 226  ASP A O   1 
ATOM   597  C CB  . ASP A 1 78 ? 16.972  -13.963 1.493   1.00 14.17 ? 226  ASP A CB  1 
ATOM   598  C CG  . ASP A 1 78 ? 16.535  -14.863 0.352   1.00 14.69 ? 226  ASP A CG  1 
ATOM   599  O OD1 . ASP A 1 78 ? 15.305  -15.016 0.119   1.00 16.26 ? 226  ASP A OD1 1 
ATOM   600  O OD2 . ASP A 1 78 ? 17.427  -15.416 -0.338  1.00 15.45 ? 226  ASP A OD2 1 
ATOM   601  N N   . PHE A 1 79 ? 13.803  -14.337 3.344   1.00 11.34 ? 227  PHE A N   1 
ATOM   602  C CA  . PHE A 1 79 ? 13.052  -15.185 4.266   1.00 11.34 ? 227  PHE A CA  1 
ATOM   603  C C   . PHE A 1 79 ? 11.872  -15.790 3.529   1.00 10.56 ? 227  PHE A C   1 
ATOM   604  O O   . PHE A 1 79 ? 10.708  -15.425 3.793   1.00 10.21 ? 227  PHE A O   1 
ATOM   605  C CB  . PHE A 1 79 ? 12.542  -14.419 5.501   1.00 11.66 ? 227  PHE A CB  1 
ATOM   606  C CG  . PHE A 1 79 ? 13.623  -13.759 6.310   1.00 13.13 ? 227  PHE A CG  1 
ATOM   607  C CD1 . PHE A 1 79 ? 14.501  -14.511 7.079   1.00 13.85 ? 227  PHE A CD1 1 
ATOM   608  C CD2 . PHE A 1 79 ? 13.742  -12.362 6.325   1.00 13.55 ? 227  PHE A CD2 1 
ATOM   609  C CE1 . PHE A 1 79 ? 15.477  -13.887 7.850   1.00 13.78 ? 227  PHE A CE1 1 
ATOM   610  C CE2 . PHE A 1 79 ? 14.727  -11.739 7.076   1.00 13.74 ? 227  PHE A CE2 1 
ATOM   611  C CZ  . PHE A 1 79 ? 15.599  -12.506 7.835   1.00 13.70 ? 227  PHE A CZ  1 
ATOM   612  N N   . PRO A 1 80 ? 12.145  -16.701 2.583   1.00 10.27 ? 228  PRO A N   1 
ATOM   613  C CA  . PRO A 1 80 ? 11.016  -17.337 1.896   1.00 10.72 ? 228  PRO A CA  1 
ATOM   614  C C   . PRO A 1 80 ? 10.272  -18.306 2.817   1.00 10.89 ? 228  PRO A C   1 
ATOM   615  O O   . PRO A 1 80 ? 10.847  -18.826 3.771   1.00 10.90 ? 228  PRO A O   1 
ATOM   616  C CB  . PRO A 1 80 ? 11.690  -18.090 0.753   1.00 10.41 ? 228  PRO A CB  1 
ATOM   617  C CG  . PRO A 1 80 ? 13.065  -18.386 1.254   1.00 10.68 ? 228  PRO A CG  1 
ATOM   618  C CD  . PRO A 1 80 ? 13.449  -17.189 2.079   1.00 10.42 ? 228  PRO A CD  1 
ATOM   619  N N   . PRO A 1 81 ? 8.975   -18.530 2.562   1.00 11.00 ? 229  PRO A N   1 
ATOM   620  C CA  . PRO A 1 81 ? 8.315   -19.578 3.332   1.00 10.83 ? 229  PRO A CA  1 
ATOM   621  C C   . PRO A 1 81 ? 9.084   -20.903 3.200   1.00 10.16 ? 229  PRO A C   1 
ATOM   622  O O   . PRO A 1 81 ? 9.584   -21.237 2.115   1.00 10.78 ? 229  PRO A O   1 
ATOM   623  C CB  . PRO A 1 81 ? 6.944   -19.704 2.662   1.00 11.67 ? 229  PRO A CB  1 
ATOM   624  C CG  . PRO A 1 81 ? 6.733   -18.423 1.930   1.00 12.16 ? 229  PRO A CG  1 
ATOM   625  C CD  . PRO A 1 81 ? 8.078   -17.854 1.611   1.00 11.52 ? 229  PRO A CD  1 
ATOM   626  N N   . GLU A 1 82 ? 9.221   -21.610 4.306   1.00 9.87  ? 230  GLU A N   1 
ATOM   627  C CA  . GLU A 1 82 ? 9.881   -22.910 4.286   1.00 10.35 ? 230  GLU A CA  1 
ATOM   628  C C   . GLU A 1 82 ? 9.016   -23.931 3.601   1.00 10.01 ? 230  GLU A C   1 
ATOM   629  O O   . GLU A 1 82 ? 7.814   -24.041 3.896   1.00 10.93 ? 230  GLU A O   1 
ATOM   630  C CB  . GLU A 1 82 ? 10.199  -23.371 5.705   1.00 10.90 ? 230  GLU A CB  1 
ATOM   631  C CG  . GLU A 1 82 ? 11.406  -22.658 6.262   1.00 12.72 ? 230  GLU A CG  1 
ATOM   632  C CD  . GLU A 1 82 ? 11.582  -22.928 7.731   1.00 13.51 ? 230  GLU A CD  1 
ATOM   633  O OE1 . GLU A 1 82 ? 11.531  -24.121 8.131   1.00 14.20 ? 230  GLU A OE1 1 
ATOM   634  O OE2 . GLU A 1 82 ? 11.799  -21.939 8.460   1.00 15.03 ? 230  GLU A OE2 1 
ATOM   635  N N   . VAL A 1 83 ? 9.643   -24.701 2.708   1.00 9.64  ? 231  VAL A N   1 
ATOM   636  C CA  A VAL A 1 83 ? 8.894   -25.698 1.941   0.50 9.59  ? 231  VAL A CA  1 
ATOM   637  C CA  B VAL A 1 83 ? 8.949   -25.634 1.822   0.50 9.77  ? 231  VAL A CA  1 
ATOM   638  C C   . VAL A 1 83 ? 9.594   -27.034 1.809   1.00 9.61  ? 231  VAL A C   1 
ATOM   639  O O   . VAL A 1 83 ? 8.919   -28.041 1.611   1.00 9.68  ? 231  VAL A O   1 
ATOM   640  C CB  A VAL A 1 83 ? 8.404   -25.195 0.556   0.50 9.58  ? 231  VAL A CB  1 
ATOM   641  C CB  B VAL A 1 83 ? 8.863   -25.023 0.395   0.50 10.02 ? 231  VAL A CB  1 
ATOM   642  C CG1 A VAL A 1 83 ? 7.278   -24.183 0.724   0.50 9.50  ? 231  VAL A CG1 1 
ATOM   643  C CG1 B VAL A 1 83 ? 8.414   -26.043 -0.627  0.50 10.05 ? 231  VAL A CG1 1 
ATOM   644  C CG2 A VAL A 1 83 ? 9.560   -24.636 -0.268  0.50 9.41  ? 231  VAL A CG2 1 
ATOM   645  C CG2 B VAL A 1 83 ? 7.934   -23.812 0.386   0.50 10.21 ? 231  VAL A CG2 1 
ATOM   646  N N   . PHE A 1 84 ? 10.920  -27.066 1.976   1.00 9.64  ? 232  PHE A N   1 
ATOM   647  C CA  . PHE A 1 84 ? 11.705  -28.297 1.939   1.00 9.97  ? 232  PHE A CA  1 
ATOM   648  C C   . PHE A 1 84 ? 12.479  -28.478 3.238   1.00 10.13 ? 232  PHE A C   1 
ATOM   649  O O   . PHE A 1 84 ? 12.617  -27.545 4.037   1.00 10.85 ? 232  PHE A O   1 
ATOM   650  C CB  . PHE A 1 84 ? 12.700  -28.279 0.774   1.00 10.21 ? 232  PHE A CB  1 
ATOM   651  C CG  . PHE A 1 84 ? 12.061  -28.417 -0.559  1.00 10.21 ? 232  PHE A CG  1 
ATOM   652  C CD1 . PHE A 1 84 ? 11.665  -29.676 -1.014  1.00 10.85 ? 232  PHE A CD1 1 
ATOM   653  C CD2 . PHE A 1 84 ? 11.808  -27.297 -1.349  1.00 11.03 ? 232  PHE A CD2 1 
ATOM   654  C CE1 . PHE A 1 84 ? 11.078  -29.818 -2.240  1.00 11.02 ? 232  PHE A CE1 1 
ATOM   655  C CE2 . PHE A 1 84 ? 11.211  -27.439 -2.583  1.00 11.12 ? 232  PHE A CE2 1 
ATOM   656  C CZ  . PHE A 1 84 ? 10.854  -28.700 -3.024  1.00 11.22 ? 232  PHE A CZ  1 
ATOM   657  O OXT . PHE A 1 84 ? 12.944  -29.587 3.524   1.00 10.39 ? 232  PHE A OXT 1 
ATOM   658  N N   . THR B 1 5  ? -15.948 -2.492  -7.550  1.00 26.96 ? 153  THR B N   1 
ATOM   659  C CA  . THR B 1 5  ? -14.857 -3.417  -7.977  1.00 25.59 ? 153  THR B CA  1 
ATOM   660  C C   . THR B 1 5  ? -13.479 -2.990  -7.444  1.00 22.86 ? 153  THR B C   1 
ATOM   661  O O   . THR B 1 5  ? -12.686 -3.834  -7.016  1.00 22.73 ? 153  THR B O   1 
ATOM   662  C CB  . THR B 1 5  ? -14.845 -3.613  -9.508  1.00 27.30 ? 153  THR B CB  1 
ATOM   663  O OG1 . THR B 1 5  ? -14.936 -2.341  -10.162 1.00 28.57 ? 153  THR B OG1 1 
ATOM   664  C CG2 . THR B 1 5  ? -16.037 -4.472  -9.941  1.00 29.20 ? 153  THR B CG2 1 
ATOM   665  N N   . ILE B 1 6  ? -13.223 -1.681  -7.434  1.00 20.40 ? 154  ILE B N   1 
ATOM   666  C CA  . ILE B 1 6  ? -11.955 -1.141  -6.940  1.00 18.07 ? 154  ILE B CA  1 
ATOM   667  C C   . ILE B 1 6  ? -12.096 -0.624  -5.503  1.00 17.21 ? 154  ILE B C   1 
ATOM   668  O O   . ILE B 1 6  ? -12.965 0.196   -5.209  1.00 17.18 ? 154  ILE B O   1 
ATOM   669  C CB  . ILE B 1 6  ? -11.438 0.003   -7.849  1.00 16.49 ? 154  ILE B CB  1 
ATOM   670  C CG1 . ILE B 1 6  ? -11.253 -0.515  -9.288  1.00 16.55 ? 154  ILE B CG1 1 
ATOM   671  C CG2 . ILE B 1 6  ? -10.115 0.561   -7.310  1.00 16.51 ? 154  ILE B CG2 1 
ATOM   672  C CD1 . ILE B 1 6  ? -11.086 0.560   -10.340 1.00 16.84 ? 154  ILE B CD1 1 
ATOM   673  N N   . HIS B 1 7  ? -11.212 -1.100  -4.634  1.00 16.87 ? 155  HIS B N   1 
ATOM   674  C CA  . HIS B 1 7  ? -11.250 -0.761  -3.216  1.00 16.97 ? 155  HIS B CA  1 
ATOM   675  C C   . HIS B 1 7  ? -9.946  -0.200  -2.737  1.00 14.11 ? 155  HIS B C   1 
ATOM   676  O O   . HIS B 1 7  ? -8.886  -0.682  -3.114  1.00 12.74 ? 155  HIS B O   1 
ATOM   677  C CB  . HIS B 1 7  ? -11.580 -1.998  -2.377  1.00 20.13 ? 155  HIS B CB  1 
ATOM   678  C CG  . HIS B 1 7  ? -12.721 -2.823  -2.919  1.00 23.63 ? 155  HIS B CG  1 
ATOM   679  N ND1 . HIS B 1 7  ? -12.560 -4.094  -3.337  1.00 27.02 ? 155  HIS B ND1 1 
ATOM   680  C CD2 . HIS B 1 7  ? -14.073 -2.511  -3.106  1.00 24.35 ? 155  HIS B CD2 1 
ATOM   681  C CE1 . HIS B 1 7  ? -13.750 -4.581  -3.752  1.00 27.30 ? 155  HIS B CE1 1 
ATOM   682  N NE2 . HIS B 1 7  ? -14.672 -3.607  -3.615  1.00 27.08 ? 155  HIS B NE2 1 
ATOM   683  N N   . VAL B 1 8  ? -10.013 0.791   -1.848  1.00 14.29 ? 156  VAL B N   1 
ATOM   684  C CA  . VAL B 1 8  ? -8.815  1.286   -1.179  1.00 13.68 ? 156  VAL B CA  1 
ATOM   685  C C   . VAL B 1 8  ? -8.099  0.121   -0.495  1.00 13.21 ? 156  VAL B C   1 
ATOM   686  O O   . VAL B 1 8  ? -8.731  -0.678  0.213   1.00 14.04 ? 156  VAL B O   1 
ATOM   687  C CB  . VAL B 1 8  ? -9.127  2.406   -0.155  1.00 13.13 ? 156  VAL B CB  1 
ATOM   688  C CG1 . VAL B 1 8  ? -7.894  2.782   0.643   1.00 13.97 ? 156  VAL B CG1 1 
ATOM   689  C CG2 . VAL B 1 8  ? -9.692  3.632   -0.868  1.00 13.37 ? 156  VAL B CG2 1 
ATOM   690  N N   . GLY B 1 9  ? -6.801  0.022   -0.731  1.00 12.49 ? 157  GLY B N   1 
ATOM   691  C CA  . GLY B 1 9  ? -5.985  -1.053  -0.197  1.00 13.21 ? 157  GLY B CA  1 
ATOM   692  C C   . GLY B 1 9  ? -5.678  -2.126  -1.222  1.00 12.63 ? 157  GLY B C   1 
ATOM   693  O O   . GLY B 1 9  ? -4.762  -2.907  -1.014  1.00 12.23 ? 157  GLY B O   1 
ATOM   694  N N   . ASP B 1 10 ? -6.441  -2.161  -2.327  1.00 13.01 ? 158  ASP B N   1 
ATOM   695  C CA  . ASP B 1 10 ? -6.223  -3.133  -3.410  1.00 13.73 ? 158  ASP B CA  1 
ATOM   696  C C   . ASP B 1 10 ? -4.880  -2.955  -4.099  1.00 12.91 ? 158  ASP B C   1 
ATOM   697  O O   . ASP B 1 10 ? -4.380  -1.840  -4.188  1.00 13.45 ? 158  ASP B O   1 
ATOM   698  C CB  . ASP B 1 10 ? -7.317  -3.005  -4.474  1.00 14.32 ? 158  ASP B CB  1 
ATOM   699  C CG  . ASP B 1 10 ? -8.637  -3.627  -4.062  1.00 15.50 ? 158  ASP B CG  1 
ATOM   700  O OD1 . ASP B 1 10 ? -8.726  -4.209  -2.954  1.00 16.88 ? 158  ASP B OD1 1 
ATOM   701  O OD2 . ASP B 1 10 ? -9.601  -3.529  -4.857  1.00 16.54 ? 158  ASP B OD2 1 
ATOM   702  N N   . ARG B 1 11 ? -4.278  -4.056  -4.547  1.00 12.29 ? 159  ARG B N   1 
ATOM   703  C CA  . ARG B 1 11 ? -3.176  -3.986  -5.488  1.00 12.15 ? 159  ARG B CA  1 
ATOM   704  C C   . ARG B 1 11 ? -3.779  -3.870  -6.886  1.00 11.99 ? 159  ARG B C   1 
ATOM   705  O O   . ARG B 1 11 ? -4.873  -4.376  -7.147  1.00 12.88 ? 159  ARG B O   1 
ATOM   706  C CB  . ARG B 1 11 ? -2.251  -5.194  -5.379  1.00 12.67 ? 159  ARG B CB  1 
ATOM   707  C CG  . ARG B 1 11 ? -1.453  -5.208  -4.076  1.00 12.26 ? 159  ARG B CG  1 
ATOM   708  C CD  . ARG B 1 11 ? -0.299  -4.209  -4.091  1.00 12.51 ? 159  ARG B CD  1 
ATOM   709  N NE  . ARG B 1 11 ? 0.658   -4.421  -5.182  1.00 12.26 ? 159  ARG B NE  1 
ATOM   710  C CZ  . ARG B 1 11 ? 1.678   -3.612  -5.454  1.00 11.85 ? 159  ARG B CZ  1 
ATOM   711  N NH1 . ARG B 1 11 ? 1.897   -2.518  -4.701  1.00 12.36 ? 159  ARG B NH1 1 
ATOM   712  N NH2 . ARG B 1 11 ? 2.469   -3.886  -6.475  1.00 11.79 ? 159  ARG B NH2 1 
ATOM   713  N N   . CYS B 1 12 ? -3.067  -3.160  -7.753  1.00 11.27 ? 160  CYS B N   1 
ATOM   714  C CA  . CYS B 1 12 ? -3.546  -2.910  -9.112  1.00 11.31 ? 160  CYS B CA  1 
ATOM   715  C C   . CYS B 1 12 ? -2.430  -2.884  -10.127 1.00 10.80 ? 160  CYS B C   1 
ATOM   716  O O   . CYS B 1 12 ? -1.249  -2.653  -9.803  1.00 9.96  ? 160  CYS B O   1 
ATOM   717  C CB  . CYS B 1 12 ? -4.335  -1.596  -9.181  1.00 11.58 ? 160  CYS B CB  1 
ATOM   718  S SG  . CYS B 1 12 ? -3.371  -0.143  -8.695  1.00 11.96 ? 160  CYS B SG  1 
ATOM   719  N N   . LEU B 1 13 ? -2.839  -3.117  -11.376 1.00 10.57 ? 161  LEU B N   1 
ATOM   720  C CA  . LEU B 1 13 ? -1.993  -2.945  -12.540 1.00 10.80 ? 161  LEU B CA  1 
ATOM   721  C C   . LEU B 1 13 ? -2.659  -1.838  -13.338 1.00 10.22 ? 161  LEU B C   1 
ATOM   722  O O   . LEU B 1 13 ? -3.850  -1.926  -13.627 1.00 10.39 ? 161  LEU B O   1 
ATOM   723  C CB  . LEU B 1 13 ? -1.947  -4.244  -13.374 1.00 11.80 ? 161  LEU B CB  1 
ATOM   724  C CG  . LEU B 1 13 ? -0.953  -4.225  -14.543 1.00 12.82 ? 161  LEU B CG  1 
ATOM   725  C CD1 . LEU B 1 13 ? 0.462   -3.841  -14.105 1.00 14.28 ? 161  LEU B CD1 1 
ATOM   726  C CD2 . LEU B 1 13 ? -0.949  -5.564  -15.286 1.00 14.31 ? 161  LEU B CD2 1 
ATOM   727  N N   . CYS B 1 14 ? -1.903  -0.794  -13.664 1.00 9.87  ? 162  CYS B N   1 
ATOM   728  C CA  . CYS B 1 14 ? -2.471  0.368   -14.361 1.00 9.88  ? 162  CYS B CA  1 
ATOM   729  C C   . CYS B 1 14 ? -1.965  0.509   -15.790 1.00 10.06 ? 162  CYS B C   1 
ATOM   730  O O   . CYS B 1 14 ? -0.798  0.267   -16.057 1.00 10.36 ? 162  CYS B O   1 
ATOM   731  C CB  . CYS B 1 14 ? -2.172  1.653   -13.578 1.00 9.98  ? 162  CYS B CB  1 
ATOM   732  S SG  . CYS B 1 14 ? -2.811  1.606   -11.889 1.00 10.41 ? 162  CYS B SG  1 
ATOM   733  N N   . ARG B 1 15 ? -2.855  0.903   -16.704 1.00 10.05 ? 163  ARG B N   1 
ATOM   734  C CA  . ARG B 1 15 ? -2.502  1.146   -18.109 1.00 10.78 ? 163  ARG B CA  1 
ATOM   735  C C   . ARG B 1 15 ? -2.626  2.633   -18.395 1.00 10.57 ? 163  ARG B C   1 
ATOM   736  O O   . ARG B 1 15 ? -3.481  3.294   -17.849 1.00 10.23 ? 163  ARG B O   1 
ATOM   737  C CB  . ARG B 1 15 ? -3.476  0.417   -19.024 1.00 11.54 ? 163  ARG B CB  1 
ATOM   738  C CG  . ARG B 1 15 ? -3.484  -1.087  -18.923 1.00 13.53 ? 163  ARG B CG  1 
ATOM   739  C CD  . ARG B 1 15 ? -4.607  -1.633  -19.807 1.00 14.94 ? 163  ARG B CD  1 
ATOM   740  N NE  . ARG B 1 15 ? -5.945  -1.081  -19.566 1.00 16.06 ? 163  ARG B NE  1 
ATOM   741  C CZ  . ARG B 1 15 ? -6.975  -1.219  -20.413 1.00 17.99 ? 163  ARG B CZ  1 
ATOM   742  N NH1 . ARG B 1 15 ? -6.799  -1.846  -21.561 1.00 17.78 ? 163  ARG B NH1 1 
ATOM   743  N NH2 . ARG B 1 15 ? -8.164  -0.702  -20.137 1.00 17.73 ? 163  ARG B NH2 1 
ATOM   744  N N   . PRO B 1 16 ? -1.762  3.171   -19.278 1.00 10.63 ? 164  PRO B N   1 
ATOM   745  C CA  . PRO B 1 16 ? -0.626  2.486   -19.870 1.00 10.46 ? 164  PRO B CA  1 
ATOM   746  C C   . PRO B 1 16 ? 0.534   2.264   -18.900 1.00 10.60 ? 164  PRO B C   1 
ATOM   747  O O   . PRO B 1 16 ? 0.523   2.762   -17.749 1.00 10.89 ? 164  PRO B O   1 
ATOM   748  C CB  . PRO B 1 16 ? -0.146  3.488   -20.932 1.00 11.27 ? 164  PRO B CB  1 
ATOM   749  C CG  . PRO B 1 16 ? -0.519  4.804   -20.383 1.00 11.94 ? 164  PRO B CG  1 
ATOM   750  C CD  . PRO B 1 16 ? -1.836  4.588   -19.700 1.00 10.92 ? 164  PRO B CD  1 
ATOM   751  N N   . GLY B 1 17 ? 1.538   1.549   -19.379 1.00 10.17 ? 165  GLY B N   1 
ATOM   752  C CA  . GLY B 1 17 ? 2.775   1.378   -18.637 1.00 11.06 ? 165  GLY B CA  1 
ATOM   753  C C   . GLY B 1 17 ? 2.860   0.133   -17.777 1.00 11.71 ? 165  GLY B C   1 
ATOM   754  O O   . GLY B 1 17 ? 3.932   -0.152  -17.230 1.00 11.98 ? 165  GLY B O   1 
ATOM   755  N N   . ASP B 1 18 ? 1.760   -0.616  -17.660 1.00 11.82 ? 166  ASP B N   1 
ATOM   756  C CA  . ASP B 1 18 ? 1.715   -1.792  -16.759 1.00 12.94 ? 166  ASP B CA  1 
ATOM   757  C C   . ASP B 1 18 ? 2.378   -1.443  -15.427 1.00 12.27 ? 166  ASP B C   1 
ATOM   758  O O   . ASP B 1 18 ? 3.283   -2.122  -14.948 1.00 12.65 ? 166  ASP B O   1 
ATOM   759  C CB  . ASP B 1 18 ? 2.374   -3.023  -17.394 1.00 15.41 ? 166  ASP B CB  1 
ATOM   760  C CG  . ASP B 1 18 ? 1.505   -3.674  -18.449 1.00 17.58 ? 166  ASP B CG  1 
ATOM   761  O OD1 . ASP B 1 18 ? 0.255   -3.657  -18.342 1.00 20.47 ? 166  ASP B OD1 1 
ATOM   762  O OD2 . ASP B 1 18 ? 2.090   -4.201  -19.416 1.00 21.96 ? 166  ASP B OD2 1 
ATOM   763  N N   . ARG B 1 19 ? 1.912   -0.345  -14.859 1.00 10.97 ? 167  ARG B N   1 
ATOM   764  C CA  . ARG B 1 19 ? 2.453   0.203   -13.630 1.00 10.61 ? 167  ARG B CA  1 
ATOM   765  C C   . ARG B 1 19 ? 1.747   -0.393  -12.419 1.00 10.38 ? 167  ARG B C   1 
ATOM   766  O O   . ARG B 1 19 ? 0.530   -0.314  -12.295 1.00 10.64 ? 167  ARG B O   1 
ATOM   767  C CB  . ARG B 1 19 ? 2.288   1.727   -13.655 1.00 9.99  ? 167  ARG B CB  1 
ATOM   768  C CG  . ARG B 1 19 ? 3.162   2.403   -14.687 1.00 9.46  ? 167  ARG B CG  1 
ATOM   769  C CD  . ARG B 1 19 ? 2.814   3.874   -14.810 1.00 9.66  ? 167  ARG B CD  1 
ATOM   770  N NE  . ARG B 1 19 ? 1.539   4.049   -15.503 1.00 9.49  ? 167  ARG B NE  1 
ATOM   771  C CZ  . ARG B 1 19 ? 0.760   5.125   -15.409 1.00 9.27  ? 167  ARG B CZ  1 
ATOM   772  N NH1 . ARG B 1 19 ? 1.092   6.149   -14.627 1.00 9.31  ? 167  ARG B NH1 1 
ATOM   773  N NH2 . ARG B 1 19 ? -0.385  5.155   -16.100 1.00 9.98  ? 167  ARG B NH2 1 
ATOM   774  N N   . LEU B 1 20 ? 2.537   -1.001  -11.525 1.00 10.35 ? 168  LEU B N   1 
ATOM   775  C CA  . LEU B 1 20 ? 2.005   -1.681  -10.359 1.00 10.46 ? 168  LEU B CA  1 
ATOM   776  C C   . LEU B 1 20 ? 1.879   -0.687  -9.209  1.00 9.75  ? 168  LEU B C   1 
ATOM   777  O O   . LEU B 1 20 ? 2.715   0.208   -9.050  1.00 10.13 ? 168  LEU B O   1 
ATOM   778  C CB  . LEU B 1 20 ? 2.957   -2.812  -9.954  1.00 11.22 ? 168  LEU B CB  1 
ATOM   779  C CG  . LEU B 1 20 ? 3.095   -3.940  -10.973 1.00 12.19 ? 168  LEU B CG  1 
ATOM   780  C CD1 . LEU B 1 20 ? 4.366   -4.757  -10.725 1.00 13.50 ? 168  LEU B CD1 1 
ATOM   781  C CD2 . LEU B 1 20 ? 1.830   -4.783  -10.875 1.00 13.92 ? 168  LEU B CD2 1 
ATOM   782  N N   . GLY B 1 21 ? 0.822   -0.834  -8.432  1.00 9.55  ? 169  GLY B N   1 
ATOM   783  C CA  . GLY B 1 21 ? 0.650   0.022   -7.257  1.00 9.79  ? 169  GLY B CA  1 
ATOM   784  C C   . GLY B 1 21 ? -0.447  -0.431  -6.322  1.00 9.79  ? 169  GLY B C   1 
ATOM   785  O O   . GLY B 1 21 ? -0.960  -1.565  -6.392  1.00 9.35  ? 169  GLY B O   1 
ATOM   786  N N   . SER B 1 22 ? -0.775  0.463   -5.400  1.00 9.87  ? 170  SER B N   1 
ATOM   787  C CA  . SER B 1 22 ? -1.822  0.228   -4.442  1.00 10.10 ? 170  SER B CA  1 
ATOM   788  C C   . SER B 1 22 ? -2.873  1.304   -4.554  1.00 9.86  ? 170  SER B C   1 
ATOM   789  O O   . SER B 1 22 ? -2.530  2.474   -4.746  1.00 10.12 ? 170  SER B O   1 
ATOM   790  C CB  . SER B 1 22 ? -1.223  0.249   -3.029  1.00 10.84 ? 170  SER B CB  1 
ATOM   791  O OG  . SER B 1 22 ? -0.654  -1.013  -2.759  1.00 12.15 ? 170  SER B OG  1 
ATOM   792  N N   . VAL B 1 23 ? -4.139  0.931   -4.432  1.00 9.67  ? 171  VAL B N   1 
ATOM   793  C CA  . VAL B 1 23 ? -5.242  1.888   -4.493  1.00 10.15 ? 171  VAL B CA  1 
ATOM   794  C C   . VAL B 1 23 ? -5.317  2.640   -3.180  1.00 10.55 ? 171  VAL B C   1 
ATOM   795  O O   . VAL B 1 23 ? -5.442  2.027   -2.104  1.00 10.46 ? 171  VAL B O   1 
ATOM   796  C CB  . VAL B 1 23 ? -6.584  1.220   -4.802  1.00 9.99  ? 171  VAL B CB  1 
ATOM   797  C CG1 . VAL B 1 23 ? -7.735  2.227   -4.773  1.00 10.25 ? 171  VAL B CG1 1 
ATOM   798  C CG2 . VAL B 1 23 ? -6.504  0.454   -6.116  1.00 10.88 ? 171  VAL B CG2 1 
ATOM   799  N N   . ARG B 1 24 ? -5.227  3.965   -3.263  1.00 10.64 ? 172  ARG B N   1 
ATOM   800  C CA  A ARG B 1 24 ? -5.246  4.831   -2.073  0.50 11.09 ? 172  ARG B CA  1 
ATOM   801  C CA  B ARG B 1 24 ? -5.267  4.771   -2.048  0.50 11.20 ? 172  ARG B CA  1 
ATOM   802  C C   . ARG B 1 24 ? -6.531  5.630   -1.917  1.00 11.03 ? 172  ARG B C   1 
ATOM   803  O O   . ARG B 1 24 ? -6.818  6.175   -0.840  1.00 11.80 ? 172  ARG B O   1 
ATOM   804  C CB  A ARG B 1 24 ? -4.067  5.799   -2.103  0.50 11.03 ? 172  ARG B CB  1 
ATOM   805  C CB  B ARG B 1 24 ? -3.974  5.583   -1.904  0.50 11.21 ? 172  ARG B CB  1 
ATOM   806  C CG  A ARG B 1 24 ? -2.740  5.176   -1.737  0.50 11.51 ? 172  ARG B CG  1 
ATOM   807  C CG  B ARG B 1 24 ? -2.730  4.710   -1.739  0.50 12.01 ? 172  ARG B CG  1 
ATOM   808  C CD  A ARG B 1 24 ? -2.805  4.535   -0.351  0.50 12.15 ? 172  ARG B CD  1 
ATOM   809  C CD  B ARG B 1 24 ? -2.927  3.648   -0.638  0.50 12.17 ? 172  ARG B CD  1 
ATOM   810  N NE  A ARG B 1 24 ? -1.676  3.632   -0.188  0.50 12.34 ? 172  ARG B NE  1 
ATOM   811  N NE  B ARG B 1 24 ? -1.802  2.710   -0.567  0.50 13.05 ? 172  ARG B NE  1 
ATOM   812  C CZ  A ARG B 1 24 ? -1.768  2.340   0.127   0.50 11.77 ? 172  ARG B CZ  1 
ATOM   813  C CZ  B ARG B 1 24 ? -0.539  3.115   -0.470  0.50 12.93 ? 172  ARG B CZ  1 
ATOM   814  N NH1 A ARG B 1 24 ? -2.940  1.772   0.379   0.50 12.20 ? 172  ARG B NH1 1 
ATOM   815  N NH1 B ARG B 1 24 ? -0.287  4.411   -0.440  0.50 13.05 ? 172  ARG B NH1 1 
ATOM   816  N NH2 A ARG B 1 24 ? -0.671  1.625   0.216   0.50 11.68 ? 172  ARG B NH2 1 
ATOM   817  N NH2 B ARG B 1 24 ? 0.462   2.253   -0.418  0.50 13.12 ? 172  ARG B NH2 1 
ATOM   818  N N   . PHE B 1 25 ? -7.303  5.724   -2.993  1.00 10.81 ? 173  PHE B N   1 
ATOM   819  C CA  . PHE B 1 25 ? -8.509  6.531   -3.022  1.00 10.47 ? 173  PHE B CA  1 
ATOM   820  C C   . PHE B 1 25 ? -9.392  6.059   -4.160  1.00 10.75 ? 173  PHE B C   1 
ATOM   821  O O   . PHE B 1 25 ? -8.876  5.769   -5.238  1.00 10.17 ? 173  PHE B O   1 
ATOM   822  C CB  . PHE B 1 25 ? -8.162  8.027   -3.222  1.00 10.13 ? 173  PHE B CB  1 
ATOM   823  C CG  . PHE B 1 25 ? -9.356  8.897   -3.466  1.00 10.16 ? 173  PHE B CG  1 
ATOM   824  C CD1 . PHE B 1 25 ? -10.125 9.377   -2.404  1.00 10.31 ? 173  PHE B CD1 1 
ATOM   825  C CD2 . PHE B 1 25 ? -9.760  9.207   -4.770  1.00 10.62 ? 173  PHE B CD2 1 
ATOM   826  C CE1 . PHE B 1 25 ? -11.229 10.185  -2.620  1.00 10.30 ? 173  PHE B CE1 1 
ATOM   827  C CE2 . PHE B 1 25 ? -10.873 9.984   -4.986  1.00 10.92 ? 173  PHE B CE2 1 
ATOM   828  C CZ  . PHE B 1 25 ? -11.607 10.483  -3.922  1.00 10.83 ? 173  PHE B CZ  1 
ATOM   829  N N   . VAL B 1 26 ? -10.698 5.975   -3.929  1.00 10.29 ? 174  VAL B N   1 
ATOM   830  C CA  . VAL B 1 26 ? -11.664 5.788   -5.011  1.00 11.01 ? 174  VAL B CA  1 
ATOM   831  C C   . VAL B 1 26 ? -12.843 6.704   -4.753  1.00 11.58 ? 174  VAL B C   1 
ATOM   832  O O   . VAL B 1 26 ? -13.446 6.654   -3.678  1.00 13.21 ? 174  VAL B O   1 
ATOM   833  C CB  . VAL B 1 26 ? -12.239 4.352   -5.061  1.00 11.13 ? 174  VAL B CB  1 
ATOM   834  C CG1 . VAL B 1 26 ? -13.198 4.226   -6.234  1.00 11.62 ? 174  VAL B CG1 1 
ATOM   835  C CG2 . VAL B 1 26 ? -11.147 3.327   -5.164  1.00 12.11 ? 174  VAL B CG2 1 
ATOM   836  N N   . GLY B 1 27 ? -13.187 7.548   -5.709  1.00 11.25 ? 175  GLY B N   1 
ATOM   837  C CA  . GLY B 1 27 ? -14.327 8.430   -5.534  1.00 11.06 ? 175  GLY B CA  1 
ATOM   838  C C   . GLY B 1 27 ? -14.249 9.697   -6.341  1.00 11.53 ? 175  GLY B C   1 
ATOM   839  O O   . GLY B 1 27 ? -13.399 9.826   -7.235  1.00 10.89 ? 175  GLY B O   1 
ATOM   840  N N   . ARG B 1 28 ? -15.135 10.632  -6.016  1.00 11.82 ? 176  ARG B N   1 
ATOM   841  C CA  . ARG B 1 28 ? -15.192 11.913  -6.684  1.00 12.65 ? 176  ARG B CA  1 
ATOM   842  C C   . ARG B 1 28 ? -14.080 12.822  -6.195  1.00 12.75 ? 176  ARG B C   1 
ATOM   843  O O   . ARG B 1 28 ? -13.648 12.739  -5.038  1.00 13.06 ? 176  ARG B O   1 
ATOM   844  C CB  . ARG B 1 28 ? -16.530 12.577  -6.401  1.00 13.45 ? 176  ARG B CB  1 
ATOM   845  C CG  . ARG B 1 28 ? -17.732 11.771  -6.880  1.00 14.31 ? 176  ARG B CG  1 
ATOM   846  C CD  . ARG B 1 28 ? -18.990 12.534  -6.516  1.00 15.62 ? 176  ARG B CD  1 
ATOM   847  N NE  . ARG B 1 28 ? -20.192 11.750  -6.776  1.00 16.36 ? 176  ARG B NE  1 
ATOM   848  C CZ  . ARG B 1 28 ? -21.306 11.816  -6.046  1.00 15.78 ? 176  ARG B CZ  1 
ATOM   849  N NH1 . ARG B 1 28 ? -21.353 12.600  -4.982  1.00 15.94 ? 176  ARG B NH1 1 
ATOM   850  N NH2 . ARG B 1 28 ? -22.356 11.067  -6.363  1.00 16.27 ? 176  ARG B NH2 1 
ATOM   851  N N   . VAL B 1 29 ? -13.598 13.668  -7.109  1.00 12.87 ? 177  VAL B N   1 
ATOM   852  C CA  . VAL B 1 29 ? -12.667 14.733  -6.770  1.00 14.18 ? 177  VAL B CA  1 
ATOM   853  C C   . VAL B 1 29 ? -13.211 16.071  -7.289  1.00 15.14 ? 177  VAL B C   1 
ATOM   854  O O   . VAL B 1 29 ? -13.320 16.302  -8.496  1.00 15.36 ? 177  VAL B O   1 
ATOM   855  C CB  . VAL B 1 29 ? -11.247 14.463  -7.327  1.00 13.78 ? 177  VAL B CB  1 
ATOM   856  C CG1 . VAL B 1 29 ? -10.300 15.556  -6.845  1.00 13.42 ? 177  VAL B CG1 1 
ATOM   857  C CG2 . VAL B 1 29 ? -10.745 13.065  -6.944  1.00 13.35 ? 177  VAL B CG2 1 
ATOM   858  N N   . ALA B 1 30 ? -13.566 16.952  -6.365  1.00 17.55 ? 178  ALA B N   1 
ATOM   859  C CA  . ALA B 1 30 ? -14.243 18.215  -6.697  1.00 18.84 ? 178  ALA B CA  1 
ATOM   860  C C   . ALA B 1 30 ? -13.601 19.073  -7.798  1.00 19.80 ? 178  ALA B C   1 
ATOM   861  O O   . ALA B 1 30 ? -14.304 19.592  -8.664  1.00 21.30 ? 178  ALA B O   1 
ATOM   862  C CB  . ALA B 1 30 ? -14.444 19.035  -5.426  1.00 19.01 ? 178  ALA B CB  1 
ATOM   863  N N   . SER B 1 31 ? -12.274 19.183  -7.775  1.00 19.82 ? 179  SER B N   1 
ATOM   864  C CA  A SER B 1 31 ? -11.530 20.025  -8.710  0.50 20.37 ? 179  SER B CA  1 
ATOM   865  C CA  B SER B 1 31 ? -11.519 20.020  -8.713  0.50 20.26 ? 179  SER B CA  1 
ATOM   866  C C   . SER B 1 31 ? -11.241 19.348  -10.057 1.00 20.45 ? 179  SER B C   1 
ATOM   867  O O   . SER B 1 31 ? -10.707 19.969  -10.980 1.00 21.78 ? 179  SER B O   1 
ATOM   868  C CB  A SER B 1 31 ? -10.227 20.460  -8.046  0.50 20.74 ? 179  SER B CB  1 
ATOM   869  C CB  B SER B 1 31 ? -10.194 20.456  -8.080  0.50 20.49 ? 179  SER B CB  1 
ATOM   870  O OG  A SER B 1 31 ? -9.738  19.399  -7.250  0.50 20.33 ? 179  SER B OG  1 
ATOM   871  O OG  B SER B 1 31 ? -10.421 21.270  -6.951  0.50 19.65 ? 179  SER B OG  1 
ATOM   872  N N   . LEU B 1 32 ? -11.588 18.076  -10.174 1.00 20.19 ? 180  LEU B N   1 
ATOM   873  C CA  . LEU B 1 32 ? -11.386 17.359  -11.428 1.00 18.75 ? 180  LEU B CA  1 
ATOM   874  C C   . LEU B 1 32 ? -12.714 17.219  -12.163 1.00 19.39 ? 180  LEU B C   1 
ATOM   875  O O   . LEU B 1 32 ? -13.771 17.608  -11.640 1.00 19.51 ? 180  LEU B O   1 
ATOM   876  C CB  . LEU B 1 32 ? -10.759 15.980  -11.159 1.00 18.26 ? 180  LEU B CB  1 
ATOM   877  C CG  . LEU B 1 32 ? -9.414  15.939  -10.420 1.00 17.64 ? 180  LEU B CG  1 
ATOM   878  C CD1 . LEU B 1 32 ? -8.880  14.519  -10.295 1.00 18.19 ? 180  LEU B CD1 1 
ATOM   879  C CD2 . LEU B 1 32 ? -8.384  16.808  -11.131 1.00 18.00 ? 180  LEU B CD2 1 
ATOM   880  N N   . LYS B 1 33 ? -12.686 16.667  -13.374 1.00 18.56 ? 181  LYS B N   1 
ATOM   881  C CA  . LYS B 1 33 ? -13.933 16.339  -14.050 1.00 19.31 ? 181  LYS B CA  1 
ATOM   882  C C   . LYS B 1 33 ? -14.759 15.380  -13.185 1.00 18.64 ? 181  LYS B C   1 
ATOM   883  O O   . LYS B 1 33 ? -14.206 14.591  -12.404 1.00 16.81 ? 181  LYS B O   1 
ATOM   884  C CB  . LYS B 1 33 ? -13.702 15.763  -15.455 1.00 21.19 ? 181  LYS B CB  1 
ATOM   885  C CG  . LYS B 1 33 ? -13.163 16.779  -16.455 1.00 23.86 ? 181  LYS B CG  1 
ATOM   886  C CD  . LYS B 1 33 ? -13.904 16.682  -17.778 1.00 27.42 ? 181  LYS B CD  1 
ATOM   887  C CE  . LYS B 1 33 ? -13.353 15.565  -18.658 1.00 28.73 ? 181  LYS B CE  1 
ATOM   888  N NZ  . LYS B 1 33 ? -14.223 15.253  -19.833 1.00 31.37 ? 181  LYS B NZ  1 
ATOM   889  N N   . PRO B 1 34 ? -16.096 15.456  -13.298 1.00 19.08 ? 182  PRO B N   1 
ATOM   890  C CA  . PRO B 1 34 ? -16.993 14.577  -12.534 1.00 18.37 ? 182  PRO B CA  1 
ATOM   891  C C   . PRO B 1 34 ? -16.799 13.071  -12.732 1.00 17.21 ? 182  PRO B C   1 
ATOM   892  O O   . PRO B 1 34 ? -16.126 12.619  -13.676 1.00 17.33 ? 182  PRO B O   1 
ATOM   893  C CB  . PRO B 1 34 ? -18.396 14.986  -13.023 1.00 19.73 ? 182  PRO B CB  1 
ATOM   894  C CG  . PRO B 1 34 ? -18.166 15.747  -14.289 1.00 20.44 ? 182  PRO B CG  1 
ATOM   895  C CD  . PRO B 1 34 ? -16.853 16.424  -14.115 1.00 20.41 ? 182  PRO B CD  1 
ATOM   896  N N   . GLY B 1 35 ? -17.414 12.305  -11.839 1.00 16.71 ? 183  GLY B N   1 
ATOM   897  C CA  . GLY B 1 35 ? -17.325 10.871  -11.882 1.00 15.04 ? 183  GLY B CA  1 
ATOM   898  C C   . GLY B 1 35 ? -16.136 10.367  -11.094 1.00 13.88 ? 183  GLY B C   1 
ATOM   899  O O   . GLY B 1 35 ? -15.347 11.145  -10.556 1.00 14.45 ? 183  GLY B O   1 
ATOM   900  N N   . TYR B 1 36 ? -15.994 9.050   -11.053 1.00 13.29 ? 184  TYR B N   1 
ATOM   901  C CA  . TYR B 1 36 ? -15.002 8.432   -10.196 1.00 13.40 ? 184  TYR B CA  1 
ATOM   902  C C   . TYR B 1 36 ? -13.597 8.536   -10.741 1.00 11.57 ? 184  TYR B C   1 
ATOM   903  O O   . TYR B 1 36 ? -13.355 8.387   -11.953 1.00 11.41 ? 184  TYR B O   1 
ATOM   904  C CB  . TYR B 1 36 ? -15.341 6.960   -9.963  1.00 15.17 ? 184  TYR B CB  1 
ATOM   905  C CG  . TYR B 1 36 ? -16.157 6.717   -8.717  1.00 17.49 ? 184  TYR B CG  1 
ATOM   906  C CD1 . TYR B 1 36 ? -17.138 7.620   -8.315  1.00 18.28 ? 184  TYR B CD1 1 
ATOM   907  C CD2 . TYR B 1 36 ? -15.955 5.574   -7.954  1.00 18.41 ? 184  TYR B CD2 1 
ATOM   908  C CE1 . TYR B 1 36 ? -17.882 7.400   -7.163  1.00 20.25 ? 184  TYR B CE1 1 
ATOM   909  C CE2 . TYR B 1 36 ? -16.698 5.332   -6.802  1.00 19.24 ? 184  TYR B CE2 1 
ATOM   910  C CZ  . TYR B 1 36 ? -17.653 6.247   -6.411  1.00 20.44 ? 184  TYR B CZ  1 
ATOM   911  O OH  . TYR B 1 36 ? -18.391 6.000   -5.271  1.00 21.80 ? 184  TYR B OH  1 
ATOM   912  N N   . TRP B 1 37 ? -12.686 8.787   -9.808  1.00 9.98  ? 185  TRP B N   1 
ATOM   913  C CA  . TRP B 1 37 ? -11.250 8.718   -9.994  1.00 8.83  ? 185  TRP B CA  1 
ATOM   914  C C   . TRP B 1 37 ? -10.661 7.687   -9.071  1.00 8.37  ? 185  TRP B C   1 
ATOM   915  O O   . TRP B 1 37 ? -11.195 7.418   -7.992  1.00 8.94  ? 185  TRP B O   1 
ATOM   916  C CB  . TRP B 1 37 ? -10.661 10.071  -9.649  1.00 8.73  ? 185  TRP B CB  1 
ATOM   917  C CG  . TRP B 1 37 ? -10.981 11.104  -10.696 1.00 8.64  ? 185  TRP B CG  1 
ATOM   918  C CD1 . TRP B 1 37 ? -12.023 12.039  -10.694 1.00 8.45  ? 185  TRP B CD1 1 
ATOM   919  C CD2 . TRP B 1 37 ? -10.248 11.338  -11.934 1.00 8.56  ? 185  TRP B CD2 1 
ATOM   920  N NE1 . TRP B 1 37 ? -11.984 12.815  -11.832 1.00 8.74  ? 185  TRP B NE1 1 
ATOM   921  C CE2 . TRP B 1 37 ? -10.933 12.433  -12.617 1.00 8.66  ? 185  TRP B CE2 1 
ATOM   922  C CE3 . TRP B 1 37 ? -9.121  10.769  -12.520 1.00 8.68  ? 185  TRP B CE3 1 
ATOM   923  C CZ2 . TRP B 1 37 ? -10.488 12.926  -13.842 1.00 8.75  ? 185  TRP B CZ2 1 
ATOM   924  C CZ3 . TRP B 1 37 ? -8.682  11.273  -13.750 1.00 8.56  ? 185  TRP B CZ3 1 
ATOM   925  C CH2 . TRP B 1 37 ? -9.366  12.317  -14.395 1.00 8.81  ? 185  TRP B CH2 1 
ATOM   926  N N   . VAL B 1 38 ? -9.527  7.126   -9.466  1.00 8.18  ? 186  VAL B N   1 
ATOM   927  C CA  . VAL B 1 38 ? -8.779  6.229   -8.621  1.00 7.81  ? 186  VAL B CA  1 
ATOM   928  C C   . VAL B 1 38 ? -7.466  6.914   -8.288  1.00 7.64  ? 186  VAL B C   1 
ATOM   929  O O   . VAL B 1 38 ? -6.713  7.307   -9.197  1.00 7.84  ? 186  VAL B O   1 
ATOM   930  C CB  . VAL B 1 38 ? -8.512  4.869   -9.293  1.00 8.36  ? 186  VAL B CB  1 
ATOM   931  C CG1 . VAL B 1 38 ? -7.792  3.947   -8.314  1.00 8.68  ? 186  VAL B CG1 1 
ATOM   932  C CG2 . VAL B 1 38 ? -9.838  4.274   -9.755  1.00 8.62  ? 186  VAL B CG2 1 
ATOM   933  N N   . GLY B 1 39 ? -7.212  7.068   -6.989  1.00 7.36  ? 187  GLY B N   1 
ATOM   934  C CA  . GLY B 1 39 ? -5.923  7.568   -6.524  1.00 7.79  ? 187  GLY B CA  1 
ATOM   935  C C   . GLY B 1 39 ? -5.010  6.399   -6.260  1.00 7.79  ? 187  GLY B C   1 
ATOM   936  O O   . GLY B 1 39 ? -5.364  5.529   -5.463  1.00 8.32  ? 187  GLY B O   1 
ATOM   937  N N   . VAL B 1 40 ? -3.869  6.340   -6.944  1.00 7.59  ? 188  VAL B N   1 
ATOM   938  C CA  . VAL B 1 40 ? -2.953  5.195   -6.848  1.00 8.28  ? 188  VAL B CA  1 
ATOM   939  C C   . VAL B 1 40 ? -1.580  5.632   -6.336  1.00 8.62  ? 188  VAL B C   1 
ATOM   940  O O   . VAL B 1 40 ? -1.045  6.652   -6.792  1.00 7.95  ? 188  VAL B O   1 
ATOM   941  C CB  . VAL B 1 40 ? -2.801  4.498   -8.233  1.00 7.89  ? 188  VAL B CB  1 
ATOM   942  C CG1 . VAL B 1 40 ? -1.812  3.345   -8.162  1.00 8.23  ? 188  VAL B CG1 1 
ATOM   943  C CG2 . VAL B 1 40 ? -4.147  4.033   -8.776  1.00 7.96  ? 188  VAL B CG2 1 
ATOM   944  N N   . GLU B 1 41 ? -1.011  4.889   -5.375  1.00 9.34  ? 189  GLU B N   1 
ATOM   945  C CA  . GLU B 1 41 ? 0.412   5.036   -5.058  1.00 10.84 ? 189  GLU B CA  1 
ATOM   946  C C   . GLU B 1 41 ? 1.163   3.956   -5.783  1.00 10.29 ? 189  GLU B C   1 
ATOM   947  O O   . GLU B 1 41 ? 1.030   2.772   -5.485  1.00 10.32 ? 189  GLU B O   1 
ATOM   948  C CB  . GLU B 1 41 ? 0.758   4.971   -3.564  1.00 12.79 ? 189  GLU B CB  1 
ATOM   949  C CG  . GLU B 1 41 ? 2.269   5.078   -3.381  1.00 15.28 ? 189  GLU B CG  1 
ATOM   950  C CD  . GLU B 1 41 ? 2.733   5.170   -1.939  1.00 18.89 ? 189  GLU B CD  1 
ATOM   951  O OE1 . GLU B 1 41 ? 1.923   4.926   -1.033  1.00 20.36 ? 189  GLU B OE1 1 
ATOM   952  O OE2 . GLU B 1 41 ? 3.930   5.489   -1.731  1.00 21.03 ? 189  GLU B OE2 1 
ATOM   953  N N   . PHE B 1 42 ? 1.941   4.365   -6.763  1.00 9.52  ? 190  PHE B N   1 
ATOM   954  C CA  . PHE B 1 42 ? 2.771   3.440   -7.511  1.00 9.85  ? 190  PHE B CA  1 
ATOM   955  C C   . PHE B 1 42 ? 3.962   2.941   -6.714  1.00 10.10 ? 190  PHE B C   1 
ATOM   956  O O   . PHE B 1 42 ? 4.506   3.653   -5.884  1.00 10.12 ? 190  PHE B O   1 
ATOM   957  C CB  . PHE B 1 42 ? 3.232   4.137   -8.783  1.00 9.83  ? 190  PHE B CB  1 
ATOM   958  C CG  . PHE B 1 42 ? 2.098   4.504   -9.688  1.00 9.47  ? 190  PHE B CG  1 
ATOM   959  C CD1 . PHE B 1 42 ? 1.368   3.526   -10.338 1.00 9.64  ? 190  PHE B CD1 1 
ATOM   960  C CD2 . PHE B 1 42 ? 1.763   5.839   -9.899  1.00 9.22  ? 190  PHE B CD2 1 
ATOM   961  C CE1 . PHE B 1 42 ? 0.312   3.861   -11.170 1.00 9.76  ? 190  PHE B CE1 1 
ATOM   962  C CE2 . PHE B 1 42 ? 0.696   6.178   -10.711 1.00 9.08  ? 190  PHE B CE2 1 
ATOM   963  C CZ  . PHE B 1 42 ? -0.031  5.185   -11.355 1.00 9.59  ? 190  PHE B CZ  1 
ATOM   964  N N   . ASP B 1 43 ? 4.359   1.698   -6.979  1.00 10.77 ? 191  ASP B N   1 
ATOM   965  C CA  . ASP B 1 43 ? 5.590   1.158   -6.413  1.00 11.16 ? 191  ASP B CA  1 
ATOM   966  C C   . ASP B 1 43 ? 6.814   1.956   -6.844  1.00 11.27 ? 191  ASP B C   1 
ATOM   967  O O   . ASP B 1 43 ? 7.749   2.168   -6.047  1.00 12.21 ? 191  ASP B O   1 
ATOM   968  C CB  . ASP B 1 43 ? 5.769   -0.279  -6.885  1.00 10.96 ? 191  ASP B CB  1 
ATOM   969  C CG  . ASP B 1 43 ? 4.702   -1.210  -6.372  1.00 10.74 ? 191  ASP B CG  1 
ATOM   970  O OD1 . ASP B 1 43 ? 3.909   -0.843  -5.485  1.00 11.16 ? 191  ASP B OD1 1 
ATOM   971  O OD2 . ASP B 1 43 ? 4.673   -2.359  -6.856  1.00 11.52 ? 191  ASP B OD2 1 
ATOM   972  N N   . GLU B 1 44 ? 6.777   2.408   -8.102  1.00 11.44 ? 192  GLU B N   1 
ATOM   973  C CA  A GLU B 1 44 ? 7.865   3.155   -8.726  0.50 11.48 ? 192  GLU B CA  1 
ATOM   974  C CA  B GLU B 1 44 ? 7.868   3.142   -8.726  0.50 11.67 ? 192  GLU B CA  1 
ATOM   975  C C   . GLU B 1 44 ? 7.459   4.604   -8.948  1.00 10.77 ? 192  GLU B C   1 
ATOM   976  O O   . GLU B 1 44 ? 6.265   4.913   -8.941  1.00 9.64  ? 192  GLU B O   1 
ATOM   977  C CB  A GLU B 1 44 ? 8.228   2.523   -10.070 0.50 12.15 ? 192  GLU B CB  1 
ATOM   978  C CB  B GLU B 1 44 ? 8.221   2.475   -10.060 0.50 12.70 ? 192  GLU B CB  1 
ATOM   979  C CG  A GLU B 1 44 ? 9.141   1.322   -9.932  0.50 13.09 ? 192  GLU B CG  1 
ATOM   980  C CG  B GLU B 1 44 ? 8.591   0.998   -9.928  0.50 14.06 ? 192  GLU B CG  1 
ATOM   981  C CD  A GLU B 1 44 ? 9.312   0.555   -11.226 0.50 13.39 ? 192  GLU B CD  1 
ATOM   982  C CD  B GLU B 1 44 ? 9.991   0.801   -9.373  0.50 14.71 ? 192  GLU B CD  1 
ATOM   983  O OE1 A GLU B 1 44 ? 8.894   1.038   -12.304 0.50 13.62 ? 192  GLU B OE1 1 
ATOM   984  O OE1 B GLU B 1 44 ? 10.861  1.653   -9.649  0.50 16.00 ? 192  GLU B OE1 1 
ATOM   985  O OE2 A GLU B 1 44 ? 9.884   -0.546  -11.159 0.50 13.76 ? 192  GLU B OE2 1 
ATOM   986  O OE2 B GLU B 1 44 ? 10.234  -0.212  -8.685  0.50 15.58 ? 192  GLU B OE2 1 
ATOM   987  N N   . PRO B 1 45 ? 8.448   5.509   -9.156  1.00 10.44 ? 193  PRO B N   1 
ATOM   988  C CA  . PRO B 1 45 ? 8.076   6.925   -9.338  1.00 9.89  ? 193  PRO B CA  1 
ATOM   989  C C   . PRO B 1 45 ? 7.570   7.224   -10.756 1.00 9.38  ? 193  PRO B C   1 
ATOM   990  O O   . PRO B 1 45 ? 8.233   7.913   -11.545 1.00 9.41  ? 193  PRO B O   1 
ATOM   991  C CB  . PRO B 1 45 ? 9.373   7.680   -9.039  1.00 10.51 ? 193  PRO B CB  1 
ATOM   992  C CG  . PRO B 1 45 ? 10.451  6.704   -9.394  1.00 10.59 ? 193  PRO B CG  1 
ATOM   993  C CD  . PRO B 1 45 ? 9.919   5.343   -9.069  1.00 10.58 ? 193  PRO B CD  1 
ATOM   994  N N   . VAL B 1 46 ? 6.391   6.680   -11.048 1.00 8.64  ? 194  VAL B N   1 
ATOM   995  C CA  . VAL B 1 46 ? 5.808   6.693   -12.377 1.00 8.58  ? 194  VAL B CA  1 
ATOM   996  C C   . VAL B 1 46 ? 4.434   7.380   -12.406 1.00 8.30  ? 194  VAL B C   1 
ATOM   997  O O   . VAL B 1 46 ? 3.643   7.193   -13.343 1.00 8.55  ? 194  VAL B O   1 
ATOM   998  C CB  . VAL B 1 46 ? 5.736   5.256   -12.934 1.00 8.41  ? 194  VAL B CB  1 
ATOM   999  C CG1 . VAL B 1 46 ? 7.147   4.690   -13.059 1.00 8.98  ? 194  VAL B CG1 1 
ATOM   1000 C CG2 . VAL B 1 46 ? 4.905   4.363   -12.013 1.00 8.73  ? 194  VAL B CG2 1 
ATOM   1001 N N   . GLY B 1 47 ? 4.172   8.209   -11.397 1.00 8.99  ? 195  GLY B N   1 
ATOM   1002 C CA  . GLY B 1 47 ? 2.962   9.048   -11.387 1.00 8.93  ? 195  GLY B CA  1 
ATOM   1003 C C   . GLY B 1 47 ? 3.280   10.521  -11.655 1.00 9.28  ? 195  GLY B C   1 
ATOM   1004 O O   . GLY B 1 47 ? 4.430   10.926  -11.577 1.00 9.86  ? 195  GLY B O   1 
ATOM   1005 N N   . LYS B 1 48 ? 2.244   11.299  -11.952 1.00 8.81  ? 196  LYS B N   1 
ATOM   1006 C CA  . LYS B 1 48 ? 2.396   12.728  -12.198 1.00 9.70  ? 196  LYS B CA  1 
ATOM   1007 C C   . LYS B 1 48 ? 2.342   13.560  -10.932 1.00 10.26 ? 196  LYS B C   1 
ATOM   1008 O O   . LYS B 1 48 ? 2.640   14.771  -10.963 1.00 11.32 ? 196  LYS B O   1 
ATOM   1009 C CB  . LYS B 1 48 ? 1.292   13.255  -13.136 1.00 9.72  ? 196  LYS B CB  1 
ATOM   1010 C CG  . LYS B 1 48 ? 1.289   12.651  -14.532 1.00 9.78  ? 196  LYS B CG  1 
ATOM   1011 C CD  . LYS B 1 48 ? 2.660   12.832  -15.202 1.00 10.55 ? 196  LYS B CD  1 
ATOM   1012 C CE  . LYS B 1 48 ? 2.655   12.324  -16.640 1.00 11.51 ? 196  LYS B CE  1 
ATOM   1013 N NZ  . LYS B 1 48 ? 4.049   11.944  -17.039 1.00 12.23 ? 196  LYS B NZ  1 
ATOM   1014 N N   . GLY B 1 49 ? 1.934   12.943  -9.828  1.00 10.44 ? 197  GLY B N   1 
ATOM   1015 C CA  . GLY B 1 49 ? 1.563   13.708  -8.651  1.00 10.73 ? 197  GLY B CA  1 
ATOM   1016 C C   . GLY B 1 49 ? 1.987   13.189  -7.295  1.00 10.53 ? 197  GLY B C   1 
ATOM   1017 O O   . GLY B 1 49 ? 2.844   12.311  -7.161  1.00 10.43 ? 197  GLY B O   1 
ATOM   1018 N N   . ASP B 1 50 ? 1.385   13.799  -6.288  1.00 10.42 ? 198  ASP B N   1 
ATOM   1019 C CA  . ASP B 1 50 ? 1.821   13.634  -4.911  1.00 10.86 ? 198  ASP B CA  1 
ATOM   1020 C C   . ASP B 1 50 ? 0.622   13.392  -3.990  1.00 10.50 ? 198  ASP B C   1 
ATOM   1021 O O   . ASP B 1 50 ? 0.705   13.617  -2.787  1.00 10.47 ? 198  ASP B O   1 
ATOM   1022 C CB  . ASP B 1 50 ? 2.596   14.884  -4.468  1.00 12.17 ? 198  ASP B CB  1 
ATOM   1023 C CG  . ASP B 1 50 ? 1.726   16.129  -4.399  1.00 13.19 ? 198  ASP B CG  1 
ATOM   1024 O OD1 . ASP B 1 50 ? 0.551   16.081  -4.794  1.00 11.98 ? 198  ASP B OD1 1 
ATOM   1025 O OD2 . ASP B 1 50 ? 2.253   17.182  -3.942  1.00 16.74 ? 198  ASP B OD2 1 
ATOM   1026 N N   . GLY B 1 51 ? -0.501  12.984  -4.572  1.00 10.09 ? 199  GLY B N   1 
ATOM   1027 C CA  . GLY B 1 51 ? -1.707  12.697  -3.808  1.00 10.03 ? 199  GLY B CA  1 
ATOM   1028 C C   . GLY B 1 51 ? -2.552  13.929  -3.492  1.00 10.06 ? 199  GLY B C   1 
ATOM   1029 O O   . GLY B 1 51 ? -3.592  13.826  -2.857  1.00 10.19 ? 199  GLY B O   1 
ATOM   1030 N N   . THR B 1 52 ? -2.103  15.096  -3.934  1.00 10.30 ? 200  THR B N   1 
ATOM   1031 C CA  . THR B 1 52 ? -2.871  16.343  -3.742  1.00 10.52 ? 200  THR B CA  1 
ATOM   1032 C C   . THR B 1 52 ? -3.439  16.854  -5.062  1.00 10.66 ? 200  THR B C   1 
ATOM   1033 O O   . THR B 1 52 ? -2.848  16.625  -6.113  1.00 11.15 ? 200  THR B O   1 
ATOM   1034 C CB  . THR B 1 52 ? -1.994  17.472  -3.141  1.00 10.84 ? 200  THR B CB  1 
ATOM   1035 O OG1 . THR B 1 52 ? -1.126  18.014  -4.165  1.00 10.91 ? 200  THR B OG1 1 
ATOM   1036 C CG2 . THR B 1 52 ? -1.189  16.942  -1.957  1.00 11.08 ? 200  THR B CG2 1 
ATOM   1037 N N   . VAL B 1 53 ? -4.579  17.544  -5.009  1.00 10.52 ? 201  VAL B N   1 
ATOM   1038 C CA  . VAL B 1 53 ? -5.171  18.174  -6.193  1.00 10.95 ? 201  VAL B CA  1 
ATOM   1039 C C   . VAL B 1 53 ? -5.575  19.575  -5.787  1.00 11.79 ? 201  VAL B C   1 
ATOM   1040 O O   . VAL B 1 53 ? -6.455  19.735  -4.951  1.00 12.21 ? 201  VAL B O   1 
ATOM   1041 C CB  . VAL B 1 53 ? -6.418  17.422  -6.711  1.00 10.80 ? 201  VAL B CB  1 
ATOM   1042 C CG1 . VAL B 1 53 ? -7.068  18.176  -7.858  1.00 11.12 ? 201  VAL B CG1 1 
ATOM   1043 C CG2 . VAL B 1 53 ? -6.043  16.015  -7.159  1.00 10.60 ? 201  VAL B CG2 1 
ATOM   1044 N N   . LYS B 1 54 ? -4.917  20.577  -6.375  1.00 12.90 ? 202  LYS B N   1 
ATOM   1045 C CA  . LYS B 1 54 ? -5.244  21.985  -6.160  1.00 13.71 ? 202  LYS B CA  1 
ATOM   1046 C C   . LYS B 1 54 ? -5.450  22.307  -4.674  1.00 13.87 ? 202  LYS B C   1 
ATOM   1047 O O   . LYS B 1 54 ? -6.425  22.934  -4.291  1.00 14.54 ? 202  LYS B O   1 
ATOM   1048 C CB  . LYS B 1 54 ? -6.427  22.418  -7.046  1.00 14.89 ? 202  LYS B CB  1 
ATOM   1049 C CG  . LYS B 1 54 ? -6.107  22.243  -8.524  1.00 16.36 ? 202  LYS B CG  1 
ATOM   1050 C CD  . LYS B 1 54 ? -7.011  23.040  -9.439  1.00 17.01 ? 202  LYS B CD  1 
ATOM   1051 C CE  . LYS B 1 54 ? -6.472  22.957  -10.855 1.00 18.14 ? 202  LYS B CE  1 
ATOM   1052 N NZ  . LYS B 1 54 ? -7.148  23.993  -11.674 1.00 18.02 ? 202  LYS B NZ  1 
ATOM   1053 N N   . GLY B 1 55 ? -4.516  21.828  -3.856  1.00 14.60 ? 203  GLY B N   1 
ATOM   1054 C CA  . GLY B 1 55 ? -4.419  22.192  -2.439  1.00 15.66 ? 203  GLY B CA  1 
ATOM   1055 C C   . GLY B 1 55 ? -5.170  21.305  -1.455  1.00 16.95 ? 203  GLY B C   1 
ATOM   1056 O O   . GLY B 1 55 ? -5.130  21.556  -0.248  1.00 19.33 ? 203  GLY B O   1 
ATOM   1057 N N   . THR B 1 56 ? -5.871  20.288  -1.960  1.00 14.88 ? 204  THR B N   1 
ATOM   1058 C CA  . THR B 1 56 ? -6.491  19.283  -1.092  1.00 14.85 ? 204  THR B CA  1 
ATOM   1059 C C   . THR B 1 56 ? -5.640  18.028  -1.129  1.00 13.48 ? 204  THR B C   1 
ATOM   1060 O O   . THR B 1 56 ? -5.352  17.530  -2.211  1.00 12.19 ? 204  THR B O   1 
ATOM   1061 C CB  . THR B 1 56 ? -7.910  18.930  -1.569  1.00 15.46 ? 204  THR B CB  1 
ATOM   1062 O OG1 . THR B 1 56 ? -8.748  20.093  -1.500  1.00 16.76 ? 204  THR B OG1 1 
ATOM   1063 C CG2 . THR B 1 56 ? -8.518  17.817  -0.705  1.00 16.07 ? 204  THR B CG2 1 
ATOM   1064 N N   . ARG B 1 57 ? -5.228  17.519  0.033   1.00 13.05 ? 205  ARG B N   1 
ATOM   1065 C CA  . ARG B 1 57 ? -4.487  16.255  0.044   1.00 13.10 ? 205  ARG B CA  1 
ATOM   1066 C C   . ARG B 1 57 ? -5.537  15.157  0.104   1.00 13.12 ? 205  ARG B C   1 
ATOM   1067 O O   . ARG B 1 57 ? -6.220  14.978  1.104   1.00 14.68 ? 205  ARG B O   1 
ATOM   1068 C CB  . ARG B 1 57 ? -3.501  16.163  1.216   1.00 14.28 ? 205  ARG B CB  1 
ATOM   1069 C CG  . ARG B 1 57 ? -2.548  14.967  1.147   1.00 15.22 ? 205  ARG B CG  1 
ATOM   1070 C CD  . ARG B 1 57 ? -1.464  15.000  2.218   1.00 16.06 ? 205  ARG B CD  1 
ATOM   1071 N NE  . ARG B 1 57 ? -0.692  16.248  2.248   1.00 16.78 ? 205  ARG B NE  1 
ATOM   1072 C CZ  . ARG B 1 57 ? 0.382   16.496  1.504   1.00 17.43 ? 205  ARG B CZ  1 
ATOM   1073 N NH1 . ARG B 1 57 ? 0.856   15.572  0.645   1.00 17.40 ? 205  ARG B NH1 1 
ATOM   1074 N NH2 . ARG B 1 57 ? 0.996   17.677  1.615   1.00 17.05 ? 205  ARG B NH2 1 
ATOM   1075 N N   . VAL B 1 58 ? -5.674  14.447  -0.993  1.00 11.53 ? 206  VAL B N   1 
ATOM   1076 C CA  . VAL B 1 58 ? -6.712  13.435  -1.157  1.00 11.59 ? 206  VAL B CA  1 
ATOM   1077 C C   . VAL B 1 58 ? -6.253  12.100  -0.587  1.00 11.86 ? 206  VAL B C   1 
ATOM   1078 O O   . VAL B 1 58 ? -7.036  11.329  0.017   1.00 12.69 ? 206  VAL B O   1 
ATOM   1079 C CB  . VAL B 1 58 ? -7.057  13.279  -2.632  1.00 11.29 ? 206  VAL B CB  1 
ATOM   1080 C CG1 . VAL B 1 58 ? -8.083  12.180  -2.804  1.00 11.13 ? 206  VAL B CG1 1 
ATOM   1081 C CG2 . VAL B 1 58 ? -7.577  14.595  -3.200  1.00 11.24 ? 206  VAL B CG2 1 
ATOM   1082 N N   . PHE B 1 59 ? -4.979  11.814  -0.789  1.00 11.70 ? 207  PHE B N   1 
ATOM   1083 C CA  . PHE B 1 59 ? -4.361  10.659  -0.168  1.00 12.00 ? 207  PHE B CA  1 
ATOM   1084 C C   . PHE B 1 59 ? -2.903  10.945  0.096   1.00 12.63 ? 207  PHE B C   1 
ATOM   1085 O O   . PHE B 1 59 ? -2.364  11.938  -0.404  1.00 12.62 ? 207  PHE B O   1 
ATOM   1086 C CB  . PHE B 1 59 ? -4.573  9.376   -0.997  1.00 11.23 ? 207  PHE B CB  1 
ATOM   1087 C CG  . PHE B 1 59 ? -3.876  9.358   -2.344  1.00 10.80 ? 207  PHE B CG  1 
ATOM   1088 C CD1 . PHE B 1 59 ? -2.584  8.836   -2.474  1.00 10.61 ? 207  PHE B CD1 1 
ATOM   1089 C CD2 . PHE B 1 59 ? -4.553  9.763   -3.483  1.00 11.17 ? 207  PHE B CD2 1 
ATOM   1090 C CE1 . PHE B 1 59 ? -1.969  8.751   -3.721  1.00 10.30 ? 207  PHE B CE1 1 
ATOM   1091 C CE2 . PHE B 1 59 ? -3.941  9.697   -4.733  1.00 10.63 ? 207  PHE B CE2 1 
ATOM   1092 C CZ  . PHE B 1 59 ? -2.652  9.178   -4.856  1.00 10.36 ? 207  PHE B CZ  1 
ATOM   1093 N N   . GLN B 1 60 ? -2.273  10.055  0.871   1.00 14.08 ? 208  GLN B N   1 
ATOM   1094 C CA  . GLN B 1 60 ? -0.897  10.199  1.317   1.00 15.16 ? 208  GLN B CA  1 
ATOM   1095 C C   . GLN B 1 60 ? 0.029   9.412   0.409   1.00 14.82 ? 208  GLN B C   1 
ATOM   1096 O O   . GLN B 1 60 ? -0.218  8.223   0.138   1.00 14.07 ? 208  GLN B O   1 
ATOM   1097 C CB  . GLN B 1 60 ? -0.703  9.694   2.759   1.00 17.47 ? 208  GLN B CB  1 
ATOM   1098 C CG  . GLN B 1 60 ? 0.676   10.023  3.321   1.00 19.72 ? 208  GLN B CG  1 
ATOM   1099 C CD  . GLN B 1 60 ? 0.928   11.533  3.394   1.00 22.04 ? 208  GLN B CD  1 
ATOM   1100 O OE1 . GLN B 1 60 ? 0.195   12.265  4.069   1.00 24.57 ? 208  GLN B OE1 1 
ATOM   1101 N NE2 . GLN B 1 60 ? 1.950   12.003  2.683   1.00 23.22 ? 208  GLN B NE2 1 
ATOM   1102 N N   . CYS B 1 61 ? 1.081   10.100  -0.038  1.00 14.99 ? 209  CYS B N   1 
ATOM   1103 C CA  A CYS B 1 61 ? 2.125   9.502   -0.883  0.50 15.11 ? 209  CYS B CA  1 
ATOM   1104 C CA  B CYS B 1 61 ? 1.998   9.603   -1.042  0.50 16.15 ? 209  CYS B CA  1 
ATOM   1105 C C   . CYS B 1 61 ? 3.259   10.487  -1.169  1.00 15.95 ? 209  CYS B C   1 
ATOM   1106 O O   . CYS B 1 61 ? 3.157   11.693  -0.920  1.00 18.45 ? 209  CYS B O   1 
ATOM   1107 C CB  A CYS B 1 61 ? 1.565   8.941   -2.205  0.50 14.32 ? 209  CYS B CB  1 
ATOM   1108 C CB  B CYS B 1 61 ? 1.232   9.663   -2.349  0.50 16.72 ? 209  CYS B CB  1 
ATOM   1109 S SG  A CYS B 1 61 ? 1.279   10.178  -3.499  0.50 12.16 ? 209  CYS B SG  1 
ATOM   1110 S SG  B CYS B 1 61 ? 2.121   8.942   -3.704  0.50 17.23 ? 209  CYS B SG  1 
ATOM   1111 N N   . GLN B 1 62 ? 4.385   9.940   -1.642  1.00 16.53 ? 210  GLN B N   1 
ATOM   1112 C CA  . GLN B 1 62 ? 5.588   10.728  -1.962  1.00 17.10 ? 210  GLN B CA  1 
ATOM   1113 C C   . GLN B 1 62 ? 5.451   11.347  -3.352  1.00 16.17 ? 210  GLN B C   1 
ATOM   1114 O O   . GLN B 1 62 ? 4.752   10.778  -4.190  1.00 14.86 ? 210  GLN B O   1 
ATOM   1115 C CB  . GLN B 1 62 ? 6.842   9.838   -1.931  1.00 20.14 ? 210  GLN B CB  1 
ATOM   1116 C CG  . GLN B 1 62 ? 7.398   9.557   -0.541  1.00 23.72 ? 210  GLN B CG  1 
ATOM   1117 C CD  . GLN B 1 62 ? 7.683   10.826  0.243   1.00 26.28 ? 210  GLN B CD  1 
ATOM   1118 O OE1 . GLN B 1 62 ? 8.569   11.606  -0.115  1.00 29.07 ? 210  GLN B OE1 1 
ATOM   1119 N NE2 . GLN B 1 62 ? 6.925   11.044  1.314   1.00 28.93 ? 210  GLN B NE2 1 
ATOM   1120 N N   . PRO B 1 63 ? 6.100   12.500  -3.611  1.00 14.89 ? 211  PRO B N   1 
ATOM   1121 C CA  . PRO B 1 63 ? 5.999   13.144  -4.925  1.00 14.88 ? 211  PRO B CA  1 
ATOM   1122 C C   . PRO B 1 63 ? 6.459   12.223  -6.043  1.00 14.49 ? 211  PRO B C   1 
ATOM   1123 O O   . PRO B 1 63 ? 7.461   11.500  -5.889  1.00 14.79 ? 211  PRO B O   1 
ATOM   1124 C CB  . PRO B 1 63 ? 6.943   14.339  -4.811  1.00 16.10 ? 211  PRO B CB  1 
ATOM   1125 C CG  . PRO B 1 63 ? 6.951   14.646  -3.350  1.00 15.58 ? 211  PRO B CG  1 
ATOM   1126 C CD  . PRO B 1 63 ? 6.915   13.308  -2.678  1.00 15.65 ? 211  PRO B CD  1 
ATOM   1127 N N   . ASN B 1 64 ? 5.697   12.233  -7.137  1.00 13.68 ? 212  ASN B N   1 
ATOM   1128 C CA  . ASN B 1 64 ? 5.941   11.412  -8.328  1.00 13.92 ? 212  ASN B CA  1 
ATOM   1129 C C   . ASN B 1 64 ? 5.631   9.927   -8.175  1.00 12.06 ? 212  ASN B C   1 
ATOM   1130 O O   . ASN B 1 64 ? 5.816   9.140   -9.117  1.00 11.50 ? 212  ASN B O   1 
ATOM   1131 C CB  . ASN B 1 64 ? 7.338   11.666  -8.899  1.00 16.70 ? 212  ASN B CB  1 
ATOM   1132 C CG  . ASN B 1 64 ? 7.502   13.104  -9.367  1.00 19.83 ? 212  ASN B CG  1 
ATOM   1133 O OD1 . ASN B 1 64 ? 8.466   13.767  -9.028  1.00 24.61 ? 212  ASN B OD1 1 
ATOM   1134 N ND2 . ASN B 1 64 ? 6.521   13.599  -10.126 1.00 22.61 ? 212  ASN B ND2 1 
ATOM   1135 N N   . TYR B 1 65 ? 5.131   9.551   -7.001  1.00 10.93 ? 213  TYR B N   1 
ATOM   1136 C CA  . TYR B 1 65 ? 4.635   8.188   -6.797  1.00 10.04 ? 213  TYR B CA  1 
ATOM   1137 C C   . TYR B 1 65 ? 3.131   8.117   -6.843  1.00 9.49  ? 213  TYR B C   1 
ATOM   1138 O O   . TYR B 1 65 ? 2.565   7.038   -6.744  1.00 9.69  ? 213  TYR B O   1 
ATOM   1139 C CB  . TYR B 1 65 ? 5.118   7.599   -5.471  1.00 10.26 ? 213  TYR B CB  1 
ATOM   1140 C CG  . TYR B 1 65 ? 6.591   7.278   -5.483  1.00 10.55 ? 213  TYR B CG  1 
ATOM   1141 C CD1 . TYR B 1 65 ? 7.550   8.272   -5.238  1.00 11.01 ? 213  TYR B CD1 1 
ATOM   1142 C CD2 . TYR B 1 65 ? 7.029   5.975   -5.738  1.00 10.82 ? 213  TYR B CD2 1 
ATOM   1143 C CE1 . TYR B 1 65 ? 8.905   7.984   -5.265  1.00 11.86 ? 213  TYR B CE1 1 
ATOM   1144 C CE2 . TYR B 1 65 ? 8.390   5.674   -5.756  1.00 11.31 ? 213  TYR B CE2 1 
ATOM   1145 C CZ  . TYR B 1 65 ? 9.316   6.678   -5.506  1.00 11.82 ? 213  TYR B CZ  1 
ATOM   1146 O OH  . TYR B 1 65 ? 10.679  6.408   -5.511  1.00 13.89 ? 213  TYR B OH  1 
ATOM   1147 N N   . GLY B 1 66 ? 2.471   9.264   -6.961  1.00 8.34  ? 214  GLY B N   1 
ATOM   1148 C CA  . GLY B 1 66 ? 1.002   9.299   -6.991  1.00 8.33  ? 214  GLY B CA  1 
ATOM   1149 C C   . GLY B 1 66 ? 0.379   9.604   -8.329  1.00 7.69  ? 214  GLY B C   1 
ATOM   1150 O O   . GLY B 1 66 ? 0.919   10.354  -9.132  1.00 7.85  ? 214  GLY B O   1 
ATOM   1151 N N   . GLY B 1 67 ? -0.772  9.013   -8.585  1.00 7.91  ? 215  GLY B N   1 
ATOM   1152 C CA  . GLY B 1 67 ? -1.506  9.351   -9.781  1.00 7.96  ? 215  GLY B CA  1 
ATOM   1153 C C   . GLY B 1 67 ? -2.999  9.305   -9.553  1.00 8.27  ? 215  GLY B C   1 
ATOM   1154 O O   . GLY B 1 67 ? -3.510  8.510   -8.727  1.00 8.41  ? 215  GLY B O   1 
ATOM   1155 N N   . PHE B 1 68 ? -3.711  10.151  -10.274 1.00 7.60  ? 216  PHE B N   1 
ATOM   1156 C CA  . PHE B 1 68 ? -5.172  10.033  -10.375 1.00 7.90  ? 216  PHE B CA  1 
ATOM   1157 C C   . PHE B 1 68 ? -5.536  9.529   -11.752 1.00 8.15  ? 216  PHE B C   1 
ATOM   1158 O O   . PHE B 1 68 ? -5.208  10.188  -12.755 1.00 9.00  ? 216  PHE B O   1 
ATOM   1159 C CB  . PHE B 1 68 ? -5.833  11.379  -10.076 1.00 7.87  ? 216  PHE B CB  1 
ATOM   1160 C CG  . PHE B 1 68 ? -5.828  11.733  -8.619  1.00 7.92  ? 216  PHE B CG  1 
ATOM   1161 C CD1 . PHE B 1 68 ? -4.743  12.401  -8.066  1.00 8.24  ? 216  PHE B CD1 1 
ATOM   1162 C CD2 . PHE B 1 68 ? -6.911  11.411  -7.802  1.00 8.12  ? 216  PHE B CD2 1 
ATOM   1163 C CE1 . PHE B 1 68 ? -4.734  12.749  -6.730  1.00 8.46  ? 216  PHE B CE1 1 
ATOM   1164 C CE2 . PHE B 1 68 ? -6.894  11.747  -6.450  1.00 8.33  ? 216  PHE B CE2 1 
ATOM   1165 C CZ  . PHE B 1 68 ? -5.808  12.415  -5.930  1.00 8.34  ? 216  PHE B CZ  1 
ATOM   1166 N N   . LEU B 1 69 ? -6.140  8.332   -11.791 1.00 7.94  ? 217  LEU B N   1 
ATOM   1167 C CA  A LEU B 1 69 ? -6.467  7.656   -13.045 0.50 8.13  ? 217  LEU B CA  1 
ATOM   1168 C CA  B LEU B 1 69 ? -6.475  7.623   -13.040 0.50 8.16  ? 217  LEU B CA  1 
ATOM   1169 C C   . LEU B 1 69 ? -7.969  7.388   -13.097 1.00 8.27  ? 217  LEU B C   1 
ATOM   1170 O O   . LEU B 1 69 ? -8.623  7.310   -12.070 1.00 8.81  ? 217  LEU B O   1 
ATOM   1171 C CB  A LEU B 1 69 ? -5.688  6.333   -13.137 0.50 8.15  ? 217  LEU B CB  1 
ATOM   1172 C CB  B LEU B 1 69 ? -5.805  6.239   -13.090 0.50 8.23  ? 217  LEU B CB  1 
ATOM   1173 C CG  A LEU B 1 69 ? -4.189  6.373   -13.486 0.50 8.16  ? 217  LEU B CG  1 
ATOM   1174 C CG  B LEU B 1 69 ? -4.288  6.127   -13.189 0.50 8.28  ? 217  LEU B CG  1 
ATOM   1175 C CD1 A LEU B 1 69 ? -3.352  7.274   -12.578 0.50 8.07  ? 217  LEU B CD1 1 
ATOM   1176 C CD1 B LEU B 1 69 ? -3.863  4.792   -13.792 0.50 8.51  ? 217  LEU B CD1 1 
ATOM   1177 C CD2 A LEU B 1 69 ? -3.592  4.973   -13.505 0.50 8.23  ? 217  LEU B CD2 1 
ATOM   1178 C CD2 B LEU B 1 69 ? -3.766  7.273   -14.031 0.50 8.38  ? 217  LEU B CD2 1 
ATOM   1179 N N   . ARG B 1 70 ? -8.512  7.245   -14.296 1.00 8.27  ? 218  ARG B N   1 
ATOM   1180 C CA  . ARG B 1 70 ? -9.889  6.833   -14.432 1.00 8.76  ? 218  ARG B CA  1 
ATOM   1181 C C   . ARG B 1 70 ? -9.950  5.330   -14.156 1.00 9.24  ? 218  ARG B C   1 
ATOM   1182 O O   . ARG B 1 70 ? -8.968  4.617   -14.387 1.00 8.97  ? 218  ARG B O   1 
ATOM   1183 C CB  . ARG B 1 70 ? -10.453 7.195   -15.816 1.00 9.15  ? 218  ARG B CB  1 
ATOM   1184 C CG  . ARG B 1 70 ? -10.756 8.683   -15.976 1.00 9.73  ? 218  ARG B CG  1 
ATOM   1185 C CD  . ARG B 1 70 ? -11.819 9.171   -14.984 1.00 10.48 ? 218  ARG B CD  1 
ATOM   1186 N NE  . ARG B 1 70 ? -12.422 10.402  -15.504 1.00 11.42 ? 218  ARG B NE  1 
ATOM   1187 C CZ  . ARG B 1 70 ? -13.346 11.129  -14.886 1.00 11.67 ? 218  ARG B CZ  1 
ATOM   1188 N NH1 . ARG B 1 70 ? -13.777 10.803  -13.686 1.00 11.21 ? 218  ARG B NH1 1 
ATOM   1189 N NH2 . ARG B 1 70 ? -13.809 12.228  -15.475 1.00 12.85 ? 218  ARG B NH2 1 
ATOM   1190 N N   . PRO B 1 71 ? -11.106 4.856   -13.663 1.00 9.51  ? 219  PRO B N   1 
ATOM   1191 C CA  . PRO B 1 71 ? -11.206 3.440   -13.333 1.00 10.93 ? 219  PRO B CA  1 
ATOM   1192 C C   . PRO B 1 71 ? -10.897 2.535   -14.547 1.00 11.55 ? 219  PRO B C   1 
ATOM   1193 O O   . PRO B 1 71 ? -10.386 1.411   -14.352 1.00 12.46 ? 219  PRO B O   1 
ATOM   1194 C CB  . PRO B 1 71 ? -12.663 3.301   -12.908 1.00 10.49 ? 219  PRO B CB  1 
ATOM   1195 C CG  . PRO B 1 71 ? -12.988 4.615   -12.296 1.00 10.31 ? 219  PRO B CG  1 
ATOM   1196 C CD  . PRO B 1 71 ? -12.306 5.590   -13.226 1.00 9.66  ? 219  PRO B CD  1 
ATOM   1197 N N   . ASP B 1 72 ? -11.149 3.072   -15.755 1.00 12.23 ? 220  ASP B N   1 
ATOM   1198 C CA  A ASP B 1 72 ? -10.860 2.358   -17.019 0.50 12.92 ? 220  ASP B CA  1 
ATOM   1199 C CA  B ASP B 1 72 ? -10.832 2.467   -17.057 0.50 12.74 ? 220  ASP B CA  1 
ATOM   1200 C C   . ASP B 1 72 ? -9.406  1.905   -17.140 1.00 12.69 ? 220  ASP B C   1 
ATOM   1201 O O   . ASP B 1 72 ? -9.138  0.914   -17.842 1.00 12.40 ? 220  ASP B O   1 
ATOM   1202 C CB  A ASP B 1 72 ? -11.227 3.205   -18.252 0.50 14.10 ? 220  ASP B CB  1 
ATOM   1203 C CB  B ASP B 1 72 ? -11.010 3.543   -18.148 0.50 13.59 ? 220  ASP B CB  1 
ATOM   1204 C CG  A ASP B 1 72 ? -12.670 3.026   -18.694 0.50 14.45 ? 220  ASP B CG  1 
ATOM   1205 C CG  B ASP B 1 72 ? -12.347 4.289   -18.042 0.50 13.56 ? 220  ASP B CG  1 
ATOM   1206 O OD1 A ASP B 1 72 ? -13.391 2.161   -18.139 0.50 15.40 ? 220  ASP B OD1 1 
ATOM   1207 O OD1 B ASP B 1 72 ? -12.737 4.779   -16.932 0.50 13.73 ? 220  ASP B OD1 1 
ATOM   1208 O OD2 A ASP B 1 72 ? -13.090 3.763   -19.614 0.50 14.19 ? 220  ASP B OD2 1 
ATOM   1209 O OD2 B ASP B 1 72 ? -13.017 4.384   -19.098 0.50 13.76 ? 220  ASP B OD2 1 
ATOM   1210 N N   . GLN B 1 73 ? -8.504  2.607   -16.442 1.00 11.65 ? 221  GLN B N   1 
ATOM   1211 C CA  A GLN B 1 73 ? -7.064  2.379   -16.516 0.50 11.32 ? 221  GLN B CA  1 
ATOM   1212 C CA  B GLN B 1 73 ? -7.066  2.391   -16.509 0.50 11.48 ? 221  GLN B CA  1 
ATOM   1213 C C   . GLN B 1 73 ? -6.570  1.449   -15.411 1.00 11.02 ? 221  GLN B C   1 
ATOM   1214 O O   . GLN B 1 73 ? -5.425  1.058   -15.416 1.00 10.71 ? 221  GLN B O   1 
ATOM   1215 C CB  A GLN B 1 73 ? -6.309  3.718   -16.429 0.50 11.17 ? 221  GLN B CB  1 
ATOM   1216 C CB  B GLN B 1 73 ? -6.348  3.740   -16.369 0.50 11.53 ? 221  GLN B CB  1 
ATOM   1217 C CG  A GLN B 1 73 ? -6.419  4.539   -17.706 0.50 11.35 ? 221  GLN B CG  1 
ATOM   1218 C CG  B GLN B 1 73 ? -6.868  4.817   -17.315 0.50 12.16 ? 221  GLN B CG  1 
ATOM   1219 C CD  A GLN B 1 73 ? -5.616  5.821   -17.698 0.50 11.87 ? 221  GLN B CD  1 
ATOM   1220 C CD  B GLN B 1 73 ? -5.966  6.021   -17.373 0.50 12.86 ? 221  GLN B CD  1 
ATOM   1221 O OE1 A GLN B 1 73 ? -4.552  5.934   -17.059 0.50 10.80 ? 221  GLN B OE1 1 
ATOM   1222 O OE1 B GLN B 1 73 ? -6.066  6.945   -16.556 0.50 12.24 ? 221  GLN B OE1 1 
ATOM   1223 N NE2 A GLN B 1 73 ? -6.119  6.812   -18.429 0.50 11.94 ? 221  GLN B NE2 1 
ATOM   1224 N NE2 B GLN B 1 73 ? -5.069  6.028   -18.362 0.50 13.25 ? 221  GLN B NE2 1 
ATOM   1225 N N   . VAL B 1 74 ? -7.442  1.084   -14.474 1.00 10.95 ? 222  VAL B N   1 
ATOM   1226 C CA  . VAL B 1 74 ? -6.979  0.369   -13.274 1.00 10.74 ? 222  VAL B CA  1 
ATOM   1227 C C   . VAL B 1 74 ? -7.586  -1.027  -13.134 1.00 11.46 ? 222  VAL B C   1 
ATOM   1228 O O   . VAL B 1 74 ? -8.789  -1.156  -13.098 1.00 11.40 ? 222  VAL B O   1 
ATOM   1229 C CB  . VAL B 1 74 ? -7.307  1.182   -12.020 1.00 10.72 ? 222  VAL B CB  1 
ATOM   1230 C CG1 . VAL B 1 74 ? -6.845  0.454   -10.772 1.00 10.78 ? 222  VAL B CG1 1 
ATOM   1231 C CG2 . VAL B 1 74 ? -6.660  2.564   -12.108 1.00 10.83 ? 222  VAL B CG2 1 
ATOM   1232 N N   . GLU B 1 75 ? -6.744  -2.048  -13.094 1.00 11.26 ? 223  GLU B N   1 
ATOM   1233 C CA  . GLU B 1 75 ? -7.242  -3.392  -12.847 1.00 12.07 ? 223  GLU B CA  1 
ATOM   1234 C C   . GLU B 1 75 ? -6.784  -3.840  -11.480 1.00 11.83 ? 223  GLU B C   1 
ATOM   1235 O O   . GLU B 1 75 ? -5.599  -3.840  -11.220 1.00 11.56 ? 223  GLU B O   1 
ATOM   1236 C CB  . GLU B 1 75 ? -6.739  -4.359  -13.914 1.00 12.56 ? 223  GLU B CB  1 
ATOM   1237 C CG  . GLU B 1 75 ? -7.234  -5.774  -13.631 1.00 13.28 ? 223  GLU B CG  1 
ATOM   1238 C CD  . GLU B 1 75 ? -6.755  -6.816  -14.630 1.00 14.23 ? 223  GLU B CD  1 
ATOM   1239 O OE1 . GLU B 1 75 ? -5.915  -6.500  -15.499 1.00 15.20 ? 223  GLU B OE1 1 
ATOM   1240 O OE2 . GLU B 1 75 ? -7.216  -7.975  -14.522 1.00 14.73 ? 223  GLU B OE2 1 
ATOM   1241 N N   . VAL B 1 76 ? -7.722  -4.199  -10.609 1.00 12.29 ? 224  VAL B N   1 
ATOM   1242 C CA  . VAL B 1 76 ? -7.323  -4.734  -9.302  1.00 13.11 ? 224  VAL B CA  1 
ATOM   1243 C C   . VAL B 1 76 ? -7.182  -6.248  -9.325  1.00 13.56 ? 224  VAL B C   1 
ATOM   1244 O O   . VAL B 1 76 ? -7.806  -6.917  -10.156 1.00 13.80 ? 224  VAL B O   1 
ATOM   1245 C CB  . VAL B 1 76 ? -8.259  -4.282  -8.171  1.00 13.43 ? 224  VAL B CB  1 
ATOM   1246 C CG1 . VAL B 1 76 ? -8.104  -2.781  -7.956  1.00 13.97 ? 224  VAL B CG1 1 
ATOM   1247 C CG2 . VAL B 1 76 ? -9.706  -4.653  -8.446  1.00 13.28 ? 224  VAL B CG2 1 
ATOM   1248 N N   . GLY B 1 77 ? -6.352  -6.752  -8.419  1.00 13.99 ? 225  GLY B N   1 
ATOM   1249 C CA  . GLY B 1 77 ? -6.178  -8.202  -8.239  1.00 15.32 ? 225  GLY B CA  1 
ATOM   1250 C C   . GLY B 1 77 ? -4.808  -8.606  -7.721  1.00 16.94 ? 225  GLY B C   1 
ATOM   1251 O O   . GLY B 1 77 ? -4.206  -7.878  -6.925  1.00 19.03 ? 225  GLY B O   1 
ATOM   1252 N N   . ASP B 1 78 ? -4.323  -9.759  -8.194  1.00 17.47 ? 226  ASP B N   1 
ATOM   1253 C CA  . ASP B 1 78 ? -3.044  -10.356 -7.776  1.00 18.29 ? 226  ASP B CA  1 
ATOM   1254 C C   . ASP B 1 78 ? -1.904  -9.711  -8.535  1.00 18.42 ? 226  ASP B C   1 
ATOM   1255 O O   . ASP B 1 78 ? -1.465  -10.201 -9.598  1.00 18.98 ? 226  ASP B O   1 
ATOM   1256 C CB  . ASP B 1 78 ? -3.074  -11.883 -7.989  1.00 19.79 ? 226  ASP B CB  1 
ATOM   1257 C CG  . ASP B 1 78 ? -1.779  -12.590 -7.547  1.00 20.60 ? 226  ASP B CG  1 
ATOM   1258 O OD1 . ASP B 1 78 ? -0.921  -11.974 -6.881  1.00 21.97 ? 226  ASP B OD1 1 
ATOM   1259 O OD2 . ASP B 1 78 ? -1.617  -13.786 -7.879  1.00 21.99 ? 226  ASP B OD2 1 
ATOM   1260 N N   . PHE B 1 79 ? -1.428  -8.597  -7.977  1.00 17.11 ? 227  PHE B N   1 
ATOM   1261 C CA  . PHE B 1 79 ? -0.392  -7.807  -8.612  1.00 17.45 ? 227  PHE B CA  1 
ATOM   1262 C C   . PHE B 1 79 ? 0.681   -7.415  -7.584  1.00 18.49 ? 227  PHE B C   1 
ATOM   1263 O O   . PHE B 1 79 ? 0.819   -6.243  -7.215  1.00 17.00 ? 227  PHE B O   1 
ATOM   1264 C CB  . PHE B 1 79 ? -1.018  -6.584  -9.311  1.00 16.57 ? 227  PHE B CB  1 
ATOM   1265 C CG  . PHE B 1 79 ? -1.963  -6.953  -10.419 1.00 16.11 ? 227  PHE B CG  1 
ATOM   1266 C CD1 . PHE B 1 79 ? -1.491  -7.589  -11.568 1.00 16.37 ? 227  PHE B CD1 1 
ATOM   1267 C CD2 . PHE B 1 79 ? -3.332  -6.687  -10.308 1.00 15.76 ? 227  PHE B CD2 1 
ATOM   1268 C CE1 . PHE B 1 79 ? -2.363  -7.944  -12.585 1.00 15.55 ? 227  PHE B CE1 1 
ATOM   1269 C CE2 . PHE B 1 79 ? -4.209  -7.037  -11.327 1.00 15.74 ? 227  PHE B CE2 1 
ATOM   1270 C CZ  . PHE B 1 79 ? -3.725  -7.678  -12.461 1.00 15.84 ? 227  PHE B CZ  1 
ATOM   1271 N N   . PRO B 1 80 ? 1.453   -8.410  -7.130  1.00 19.30 ? 228  PRO B N   1 
ATOM   1272 C CA  . PRO B 1 80 ? 2.487   -8.096  -6.153  1.00 19.45 ? 228  PRO B CA  1 
ATOM   1273 C C   . PRO B 1 80 ? 3.607   -7.310  -6.818  1.00 19.42 ? 228  PRO B C   1 
ATOM   1274 O O   . PRO B 1 80 ? 3.737   -7.334  -8.059  1.00 18.74 ? 228  PRO B O   1 
ATOM   1275 C CB  . PRO B 1 80 ? 2.970   -9.478  -5.692  1.00 20.60 ? 228  PRO B CB  1 
ATOM   1276 C CG  . PRO B 1 80 ? 2.693   -10.380 -6.843  1.00 20.40 ? 228  PRO B CG  1 
ATOM   1277 C CD  . PRO B 1 80 ? 1.540   -9.799  -7.622  1.00 19.95 ? 228  PRO B CD  1 
ATOM   1278 N N   . PRO B 1 81 ? 4.398   -6.585  -6.015  1.00 18.34 ? 229  PRO B N   1 
ATOM   1279 C CA  . PRO B 1 81 ? 5.510   -5.792  -6.524  1.00 20.22 ? 229  PRO B CA  1 
ATOM   1280 C C   . PRO B 1 81 ? 6.529   -6.652  -7.252  1.00 21.99 ? 229  PRO B C   1 
ATOM   1281 O O   . PRO B 1 81 ? 6.645   -7.848  -6.973  1.00 20.58 ? 229  PRO B O   1 
ATOM   1282 C CB  . PRO B 1 81 ? 6.155   -5.248  -5.255  1.00 19.11 ? 229  PRO B CB  1 
ATOM   1283 C CG  . PRO B 1 81 ? 5.081   -5.271  -4.248  1.00 19.27 ? 229  PRO B CG  1 
ATOM   1284 C CD  . PRO B 1 81 ? 4.284   -6.486  -4.551  1.00 19.11 ? 229  PRO B CD  1 
ATOM   1285 N N   . GLU B 1 82 ? 7.281   -6.017  -8.144  1.00 25.35 ? 230  GLU B N   1 
ATOM   1286 C CA  . GLU B 1 82 ? 8.304   -6.675  -8.965  1.00 30.58 ? 230  GLU B CA  1 
ATOM   1287 C C   . GLU B 1 82 ? 9.543   -7.119  -8.167  1.00 33.78 ? 230  GLU B C   1 
ATOM   1288 O O   . GLU B 1 82 ? 9.840   -6.569  -7.100  1.00 32.69 ? 230  GLU B O   1 
ATOM   1289 C CB  . GLU B 1 82 ? 8.697   -5.729  -10.106 1.00 32.80 ? 230  GLU B CB  1 
ATOM   1290 C CG  . GLU B 1 82 ? 9.316   -6.398  -11.327 1.00 37.09 ? 230  GLU B CG  1 
ATOM   1291 C CD  . GLU B 1 82 ? 10.755  -5.970  -11.553 1.00 39.67 ? 230  GLU B CD  1 
ATOM   1292 O OE1 . GLU B 1 82 ? 11.006  -4.741  -11.557 1.00 39.77 ? 230  GLU B OE1 1 
ATOM   1293 O OE2 . GLU B 1 82 ? 11.630  -6.854  -11.733 1.00 41.57 ? 230  GLU B OE2 1 
ATOM   1294 N N   . VAL B 1 83 ? 10.246  -8.128  -8.698  1.00 37.17 ? 231  VAL B N   1 
ATOM   1295 C CA  . VAL B 1 83 ? 11.549  -8.601  -8.181  1.00 39.27 ? 231  VAL B CA  1 
ATOM   1296 C C   . VAL B 1 83 ? 11.536  -8.922  -6.689  1.00 39.99 ? 231  VAL B C   1 
ATOM   1297 O O   . VAL B 1 83 ? 12.317  -9.746  -6.217  1.00 42.81 ? 231  VAL B O   1 
ATOM   1298 C CB  . VAL B 1 83 ? 12.702  -7.611  -8.490  1.00 37.70 ? 231  VAL B CB  1 
HETATM 1299 C C   . FMT C 2 .  ? 1.760   -6.012  14.817  1.00 8.39  ? 1233 FMT A C   1 
HETATM 1300 O O1  . FMT C 2 .  ? 2.866   -5.764  15.329  1.00 11.36 ? 1233 FMT A O1  1 
HETATM 1301 O O2  . FMT C 2 .  ? 1.335   -7.106  14.542  1.00 9.66  ? 1233 FMT A O2  1 
HETATM 1302 C C   . FMT D 2 .  ? 9.428   -15.806 -0.877  1.00 28.03 ? 1234 FMT A C   1 
HETATM 1303 O O1  . FMT D 2 .  ? 8.368   -15.197 -0.621  1.00 28.64 ? 1234 FMT A O1  1 
HETATM 1304 O O2  . FMT D 2 .  ? 10.553  -15.285 -1.029  1.00 28.75 ? 1234 FMT A O2  1 
HETATM 1305 C C   . FMT E 2 .  ? 16.786  -4.576  7.277   1.00 30.87 ? 1235 FMT A C   1 
HETATM 1306 O O1  . FMT E 2 .  ? 15.628  -4.213  7.579   1.00 29.39 ? 1235 FMT A O1  1 
HETATM 1307 O O2  . FMT E 2 .  ? 17.418  -5.538  7.779   1.00 33.05 ? 1235 FMT A O2  1 
HETATM 1308 C C   . FMT F 2 .  ? 4.573   -1.814  17.038  1.00 21.93 ? 1236 FMT A C   1 
HETATM 1309 O O1  . FMT F 2 .  ? 5.207   -0.982  16.360  1.00 23.52 ? 1236 FMT A O1  1 
HETATM 1310 O O2  . FMT F 2 .  ? 5.078   -2.825  17.596  1.00 21.30 ? 1236 FMT A O2  1 
HETATM 1311 C C   . FMT G 2 .  ? -4.114  -10.937 -4.071  1.00 35.80 ? 1232 FMT B C   1 
HETATM 1312 O O1  . FMT G 2 .  ? -4.817  -10.988 -5.107  1.00 33.80 ? 1232 FMT B O1  1 
HETATM 1313 O O2  . FMT G 2 .  ? -2.891  -10.686 -4.017  1.00 35.12 ? 1232 FMT B O2  1 
HETATM 1314 C C   . FMT H 2 .  ? -5.779  -1.495  -16.234 1.00 17.99 ? 1233 FMT B C   1 
HETATM 1315 O O1  . FMT H 2 .  ? -6.850  -1.680  -16.861 1.00 20.20 ? 1233 FMT B O1  1 
HETATM 1316 O O2  . FMT H 2 .  ? -4.724  -2.173  -16.284 1.00 20.48 ? 1233 FMT B O2  1 
HETATM 1317 C C   . FMT I 2 .  ? 3.828   5.130   1.127   1.00 29.57 ? 1234 FMT B C   1 
HETATM 1318 O O1  . FMT I 2 .  ? 2.789   5.725   1.495   1.00 29.41 ? 1234 FMT B O1  1 
HETATM 1319 O O2  . FMT I 2 .  ? 4.903   5.662   0.751   1.00 32.53 ? 1234 FMT B O2  1 
HETATM 1320 O O   . HOH J 3 .  ? 9.918   2.033   -0.140  1.00 34.49 ? 2001 HOH A O   1 
HETATM 1321 O O   . HOH J 3 .  ? 12.257  -3.457  -4.132  1.00 28.92 ? 2002 HOH A O   1 
HETATM 1322 O O   . HOH J 3 .  ? 7.713   0.610   -1.366  1.00 20.83 ? 2003 HOH A O   1 
HETATM 1323 O O   . HOH J 3 .  ? 10.489  -5.239  -2.717  1.00 21.21 ? 2004 HOH A O   1 
HETATM 1324 O O   . HOH J 3 .  ? 8.519   -2.276  -4.346  1.00 19.34 ? 2005 HOH A O   1 
HETATM 1325 O O   . HOH J 3 .  ? 4.074   -7.007  -0.950  1.00 19.83 ? 2006 HOH A O   1 
HETATM 1326 O O   . HOH J 3 .  ? 6.868   -10.785 -0.381  1.00 18.56 ? 2007 HOH A O   1 
HETATM 1327 O O   . HOH J 3 .  ? 14.247  -7.489  -0.283  1.00 19.34 ? 2008 HOH A O   1 
HETATM 1328 O O   . HOH J 3 .  ? 13.180  -9.646  0.996   1.00 15.43 ? 2009 HOH A O   1 
HETATM 1329 O O   . HOH J 3 .  ? 12.983  -8.070  13.604  1.00 14.93 ? 2010 HOH A O   1 
HETATM 1330 O O   . HOH J 3 .  ? 12.250  -10.322 15.593  1.00 22.06 ? 2011 HOH A O   1 
HETATM 1331 O O   . HOH J 3 .  ? 6.939   -4.745  17.889  0.50 10.24 ? 2012 HOH A O   1 
HETATM 1332 O O   . HOH J 3 .  ? 13.854  -5.656  14.639  1.00 12.90 ? 2013 HOH A O   1 
HETATM 1333 O O   . HOH J 3 .  ? 15.579  -7.044  20.483  1.00 23.99 ? 2014 HOH A O   1 
HETATM 1334 O O   . HOH J 3 .  ? 4.861   -11.159 18.505  1.00 31.12 ? 2015 HOH A O   1 
HETATM 1335 O O   . HOH J 3 .  ? 11.541  -10.503 20.165  1.00 26.85 ? 2016 HOH A O   1 
HETATM 1336 O O   . HOH J 3 .  ? 10.140  -17.096 17.071  1.00 20.76 ? 2017 HOH A O   1 
HETATM 1337 O O   . HOH J 3 .  ? 6.503   -16.642 12.142  1.00 10.96 ? 2018 HOH A O   1 
HETATM 1338 O O   . HOH J 3 .  ? 13.541  -10.761 17.967  1.00 31.72 ? 2019 HOH A O   1 
HETATM 1339 O O   . HOH J 3 .  ? 15.919  -12.075 15.844  1.00 42.56 ? 2020 HOH A O   1 
HETATM 1340 O O   . HOH J 3 .  ? 13.274  -17.395 16.308  1.00 15.02 ? 2021 HOH A O   1 
HETATM 1341 O O   . HOH J 3 .  ? 15.220  -13.735 18.697  1.00 35.03 ? 2022 HOH A O   1 
HETATM 1342 O O   . HOH J 3 .  ? 4.116   -15.157 10.569  1.00 9.86  ? 2023 HOH A O   1 
HETATM 1343 O O   . HOH J 3 .  ? 2.831   -13.011 4.187   1.00 14.52 ? 2024 HOH A O   1 
HETATM 1344 O O   . HOH J 3 .  ? -0.771  -0.850  0.852   1.00 20.99 ? 2025 HOH A O   1 
HETATM 1345 O O   . HOH J 3 .  ? 0.222   -4.289  -0.673  1.00 20.99 ? 2026 HOH A O   1 
HETATM 1346 O O   . HOH J 3 .  ? -1.334  -8.053  -1.179  1.00 30.32 ? 2027 HOH A O   1 
HETATM 1347 O O   . HOH J 3 .  ? 2.325   -10.736 -2.925  1.00 25.54 ? 2028 HOH A O   1 
HETATM 1348 O O   . HOH J 3 .  ? 5.133   -9.535  -2.439  1.00 22.47 ? 2029 HOH A O   1 
HETATM 1349 O O   . HOH J 3 .  ? 0.856   -8.163  -3.090  1.00 19.48 ? 2030 HOH A O   1 
HETATM 1350 O O   . HOH J 3 .  ? 3.512   1.729   0.458   1.00 13.88 ? 2031 HOH A O   1 
HETATM 1351 O O   . HOH J 3 .  ? 3.993   8.466   2.669   1.00 14.63 ? 2032 HOH A O   1 
HETATM 1352 O O   . HOH J 3 .  ? -1.738  6.390   5.435   1.00 30.95 ? 2033 HOH A O   1 
HETATM 1353 O O   . HOH J 3 .  ? 2.228   8.573   10.714  1.00 16.37 ? 2034 HOH A O   1 
HETATM 1354 O O   . HOH J 3 .  ? -4.321  8.098   8.683   1.00 27.29 ? 2035 HOH A O   1 
HETATM 1355 O O   . HOH J 3 .  ? -0.591  10.558  14.398  1.00 22.32 ? 2036 HOH A O   1 
HETATM 1356 O O   . HOH J 3 .  ? -8.068  5.762   10.254  1.00 21.77 ? 2037 HOH A O   1 
HETATM 1357 O O   . HOH J 3 .  ? -2.411  8.421   18.501  1.00 25.14 ? 2038 HOH A O   1 
HETATM 1358 O O   . HOH J 3 .  ? 8.109   12.351  13.019  1.00 37.48 ? 2039 HOH A O   1 
HETATM 1359 O O   . HOH J 3 .  ? -1.815  -13.248 0.867   1.00 24.76 ? 2040 HOH A O   1 
HETATM 1360 O O   . HOH J 3 .  ? -3.030  -9.253  1.149   1.00 29.37 ? 2041 HOH A O   1 
HETATM 1361 O O   . HOH J 3 .  ? -1.131  -14.104 5.052   1.00 13.81 ? 2042 HOH A O   1 
HETATM 1362 O O   . HOH J 3 .  ? 0.773   -17.747 4.620   1.00 18.13 ? 2043 HOH A O   1 
HETATM 1363 O O   . HOH J 3 .  ? 3.343   -18.294 3.823   1.00 23.78 ? 2044 HOH A O   1 
HETATM 1364 O O   . HOH J 3 .  ? 5.665   -19.471 6.158   1.00 23.76 ? 2045 HOH A O   1 
HETATM 1365 O O   . HOH J 3 .  ? 6.819   -19.044 11.055  1.00 19.04 ? 2046 HOH A O   1 
HETATM 1366 O O   . HOH J 3 .  ? 3.776   -20.596 8.094   1.00 21.34 ? 2047 HOH A O   1 
HETATM 1367 O O   . HOH J 3 .  ? 1.023   -10.765 17.849  1.00 22.09 ? 2048 HOH A O   1 
HETATM 1368 O O   . HOH J 3 .  ? -6.441  -8.970  15.644  1.00 18.70 ? 2049 HOH A O   1 
HETATM 1369 O O   . HOH J 3 .  ? -5.119  -3.994  15.403  1.00 13.84 ? 2050 HOH A O   1 
HETATM 1370 O O   . HOH J 3 .  ? 1.132   -6.294  22.922  1.00 13.74 ? 2051 HOH A O   1 
HETATM 1371 O O   . HOH J 3 .  ? -7.708  -8.880  13.279  1.00 11.01 ? 2052 HOH A O   1 
HETATM 1372 O O   . HOH J 3 .  ? -3.156  -4.244  11.043  1.00 12.38 ? 2053 HOH A O   1 
HETATM 1373 O O   . HOH J 3 .  ? -6.269  -3.555  12.173  1.00 14.04 ? 2054 HOH A O   1 
HETATM 1374 O O   . HOH J 3 .  ? -8.849  -6.342  13.199  1.00 23.90 ? 2055 HOH A O   1 
HETATM 1375 O O   . HOH J 3 .  ? -11.204 -7.090  7.877   1.00 22.84 ? 2056 HOH A O   1 
HETATM 1376 O O   . HOH J 3 .  ? -4.265  -0.319  13.072  1.00 12.93 ? 2057 HOH A O   1 
HETATM 1377 O O   . HOH J 3 .  ? -9.383  -0.927  12.526  1.00 17.35 ? 2058 HOH A O   1 
HETATM 1378 O O   . HOH J 3 .  ? -11.907 5.052   10.105  1.00 25.01 ? 2059 HOH A O   1 
HETATM 1379 O O   . HOH J 3 .  ? -12.097 6.118   6.031   1.00 31.01 ? 2060 HOH A O   1 
HETATM 1380 O O   . HOH J 3 .  ? -6.787  4.624   3.721   1.00 18.33 ? 2061 HOH A O   1 
HETATM 1381 O O   . HOH J 3 .  ? -5.001  2.776   1.679   1.00 27.55 ? 2062 HOH A O   1 
HETATM 1382 O O   . HOH J 3 .  ? -11.968 -3.607  4.040   1.00 22.15 ? 2063 HOH A O   1 
HETATM 1383 O O   . HOH J 3 .  ? -8.654  -7.254  2.730   1.00 25.20 ? 2064 HOH A O   1 
HETATM 1384 O O   . HOH J 3 .  ? -12.455 -4.779  6.812   1.00 22.23 ? 2065 HOH A O   1 
HETATM 1385 O O   . HOH J 3 .  ? -9.898  -8.216  5.826   1.00 25.10 ? 2066 HOH A O   1 
HETATM 1386 O O   . HOH J 3 .  ? -1.961  -5.658  0.061   1.00 37.31 ? 2067 HOH A O   1 
HETATM 1387 O O   . HOH J 3 .  ? -5.632  -6.685  -4.637  1.00 20.10 ? 2068 HOH A O   1 
HETATM 1388 O O   . HOH J 3 .  ? 2.257   -5.754  -2.013  1.00 17.61 ? 2069 HOH A O   1 
HETATM 1389 O O   . HOH J 3 .  ? 12.879  -11.574 -0.957  1.00 20.48 ? 2070 HOH A O   1 
HETATM 1390 O O   . HOH J 3 .  ? -7.540  -16.531 3.556   1.00 22.32 ? 2071 HOH A O   1 
HETATM 1391 O O   . HOH J 3 .  ? -5.229  -11.262 1.728   1.00 29.72 ? 2072 HOH A O   1 
HETATM 1392 O O   . HOH J 3 .  ? 11.476  -8.138  21.622  1.00 30.13 ? 2073 HOH A O   1 
HETATM 1393 O O   . HOH J 3 .  ? 9.769   -18.893 19.105  1.00 36.92 ? 2074 HOH A O   1 
HETATM 1394 O O   . HOH J 3 .  ? 1.902   -14.307 2.055   1.00 22.83 ? 2075 HOH A O   1 
HETATM 1395 O O   . HOH J 3 .  ? 4.321   -12.679 -3.991  1.00 34.16 ? 2076 HOH A O   1 
HETATM 1396 O O   . HOH J 3 .  ? -8.190  -12.066 17.144  1.00 14.86 ? 2077 HOH A O   1 
HETATM 1397 O O   . HOH J 3 .  ? -1.824  5.850   2.759   1.00 21.59 ? 2078 HOH A O   1 
HETATM 1398 O O   . HOH J 3 .  ? -0.449  12.453  16.638  1.00 29.29 ? 2079 HOH A O   1 
HETATM 1399 O O   . HOH J 3 .  ? -0.734  -3.405  13.994  1.00 12.66 ? 2080 HOH A O   1 
HETATM 1400 O O   . HOH J 3 .  ? 2.965   -3.163  15.636  1.00 13.00 ? 2081 HOH A O   1 
HETATM 1401 O O   . HOH J 3 .  ? -1.605  -16.680 0.964   1.00 28.40 ? 2082 HOH A O   1 
HETATM 1402 O O   . HOH J 3 .  ? -0.008  -15.759 3.188   1.00 21.56 ? 2083 HOH A O   1 
HETATM 1403 O O   . HOH J 3 .  ? 2.812   -19.980 1.865   1.00 36.80 ? 2084 HOH A O   1 
HETATM 1404 O O   . HOH J 3 .  ? 3.763   -16.441 1.665   1.00 29.32 ? 2085 HOH A O   1 
HETATM 1405 O O   . HOH J 3 .  ? 8.674   -20.904 10.118  1.00 30.33 ? 2086 HOH A O   1 
HETATM 1406 O O   . HOH J 3 .  ? -0.767  -10.730 19.988  1.00 21.38 ? 2087 HOH A O   1 
HETATM 1407 O O   . HOH J 3 .  ? 11.660  2.980   13.383  1.00 15.47 ? 2088 HOH A O   1 
HETATM 1408 O O   . HOH J 3 .  ? 15.163  0.730   11.120  1.00 23.42 ? 2089 HOH A O   1 
HETATM 1409 O O   . HOH J 3 .  ? -3.410  -2.871  13.658  1.00 9.92  ? 2090 HOH A O   1 
HETATM 1410 O O   . HOH J 3 .  ? 11.688  2.634   16.081  0.50 19.24 ? 2091 HOH A O   1 
HETATM 1411 O O   . HOH J 3 .  ? 14.040  4.551   15.970  1.00 34.60 ? 2092 HOH A O   1 
HETATM 1412 O O   . HOH J 3 .  ? 9.138   0.519   17.910  1.00 12.22 ? 2093 HOH A O   1 
HETATM 1413 O O   . HOH J 3 .  ? -10.088 -9.937  14.060  1.00 14.02 ? 2094 HOH A O   1 
HETATM 1414 O O   . HOH J 3 .  ? -9.323  5.781   2.781   1.00 15.43 ? 2095 HOH A O   1 
HETATM 1415 O O   . HOH J 3 .  ? -10.858 -10.685 4.778   1.00 24.64 ? 2096 HOH A O   1 
HETATM 1416 O O   . HOH J 3 .  ? 15.292  -9.112  13.907  1.00 14.75 ? 2097 HOH A O   1 
HETATM 1417 O O   . HOH J 3 .  ? 18.548  -9.377  6.809   1.00 28.31 ? 2098 HOH A O   1 
HETATM 1418 O O   . HOH J 3 .  ? 18.367  -6.197  4.928   1.00 29.20 ? 2099 HOH A O   1 
HETATM 1419 O O   . HOH J 3 .  ? 15.080  -17.060 -1.770  1.00 23.92 ? 2100 HOH A O   1 
HETATM 1420 O O   . HOH J 3 .  ? 12.707  -14.082 0.401   1.00 17.46 ? 2101 HOH A O   1 
HETATM 1421 O O   . HOH J 3 .  ? 20.086  -15.493 0.904   1.00 21.66 ? 2102 HOH A O   1 
HETATM 1422 O O   . HOH J 3 .  ? 17.326  -14.768 -3.055  1.00 33.64 ? 2103 HOH A O   1 
HETATM 1423 O O   . HOH J 3 .  ? 14.790  0.779   8.111   1.00 30.86 ? 2104 HOH A O   1 
HETATM 1424 O O   . HOH J 3 .  ? 11.485  5.002   17.855  1.00 29.76 ? 2105 HOH A O   1 
HETATM 1425 O O   . HOH J 3 .  ? 13.015  -19.400 -2.170  1.00 23.56 ? 2106 HOH A O   1 
HETATM 1426 O O   . HOH J 3 .  ? 21.189  -12.961 0.600   1.00 27.68 ? 2107 HOH A O   1 
HETATM 1427 O O   . HOH J 3 .  ? 12.230  -21.835 1.400   1.00 22.33 ? 2108 HOH A O   1 
HETATM 1428 O O   . HOH J 3 .  ? 8.812   -20.619 -0.564  1.00 17.38 ? 2109 HOH A O   1 
HETATM 1429 O O   . HOH J 3 .  ? 11.335  -21.114 -0.854  1.00 35.79 ? 2110 HOH A O   1 
HETATM 1430 O O   . HOH J 3 .  ? 5.798   -22.351 4.447   1.00 18.26 ? 2111 HOH A O   1 
HETATM 1431 O O   . HOH J 3 .  ? 8.005   -20.653 6.798   1.00 17.03 ? 2112 HOH A O   1 
HETATM 1432 O O   . HOH J 3 .  ? 5.546   -25.592 3.437   1.00 16.46 ? 2113 HOH A O   1 
HETATM 1433 O O   . HOH J 3 .  ? 11.761  -26.593 6.915   1.00 11.82 ? 2114 HOH A O   1 
HETATM 1434 O O   . HOH J 3 .  ? 10.179  -19.729 8.045   1.00 27.43 ? 2115 HOH A O   1 
HETATM 1435 O O   . HOH J 3 .  ? 12.093  -23.375 -1.911  1.00 36.93 ? 2116 HOH A O   1 
HETATM 1436 O O   . HOH J 3 .  ? 13.811  -24.315 -0.015  1.00 24.05 ? 2117 HOH A O   1 
HETATM 1437 O O   . HOH J 3 .  ? 4.601   -21.885 1.586   1.00 26.31 ? 2118 HOH A O   1 
HETATM 1438 O O   . HOH J 3 .  ? 6.222   -28.110 2.309   1.00 13.00 ? 2119 HOH A O   1 
HETATM 1439 O O   . HOH J 3 .  ? 14.895  -31.138 4.533   1.00 9.09  ? 2120 HOH A O   1 
HETATM 1440 O O   . HOH J 3 .  ? 5.877   -15.582 -0.069  1.00 26.94 ? 2121 HOH A O   1 
HETATM 1441 O O   . HOH K 3 .  ? 8.256   6.725   -1.994  1.00 28.34 ? 2001 HOH B O   1 
HETATM 1442 O O   . HOH K 3 .  ? -11.211 -5.776  -5.175  1.00 24.84 ? 2002 HOH B O   1 
HETATM 1443 O O   . HOH K 3 .  ? -14.296 1.302   -3.261  1.00 22.27 ? 2003 HOH B O   1 
HETATM 1444 O O   . HOH K 3 .  ? -11.425 -0.138  1.341   1.00 14.15 ? 2004 HOH B O   1 
HETATM 1445 O O   . HOH K 3 .  ? -12.495 1.645   -0.953  1.00 18.90 ? 2005 HOH B O   1 
HETATM 1446 O O   . HOH K 3 .  ? -1.993  -2.464  -0.946  1.00 18.61 ? 2006 HOH B O   1 
HETATM 1447 O O   . HOH K 3 .  ? 6.336   1.097   -15.354 1.00 27.89 ? 2007 HOH B O   1 
HETATM 1448 O O   . HOH K 3 .  ? 6.183   -1.654  -16.182 1.00 29.32 ? 2008 HOH B O   1 
HETATM 1449 O O   . HOH K 3 .  ? 3.998   -4.862  -14.317 1.00 22.26 ? 2009 HOH B O   1 
HETATM 1450 O O   . HOH K 3 .  ? -2.528  -5.047  -18.475 1.00 24.18 ? 2010 HOH B O   1 
HETATM 1451 O O   . HOH K 3 .  ? 3.523   -6.421  -17.846 1.00 36.95 ? 2011 HOH B O   1 
HETATM 1452 O O   . HOH K 3 .  ? 2.424   9.256   -15.036 1.00 18.92 ? 2012 HOH B O   1 
HETATM 1453 O O   . HOH K 3 .  ? 5.391   -1.264  -12.022 1.00 20.82 ? 2013 HOH B O   1 
HETATM 1454 O O   . HOH K 3 .  ? 4.997   1.361   -10.173 1.00 14.24 ? 2014 HOH B O   1 
HETATM 1455 O O   . HOH K 3 .  ? 1.661   0.222   -1.339  1.00 22.22 ? 2015 HOH B O   1 
HETATM 1456 O O   . HOH K 3 .  ? -9.049  7.031   0.614   1.00 23.13 ? 2016 HOH B O   1 
HETATM 1457 O O   . HOH K 3 .  ? -5.349  5.647   1.513   1.00 19.30 ? 2017 HOH B O   1 
HETATM 1458 O O   . HOH K 3 .  ? 0.351   6.136   1.445   1.00 26.05 ? 2018 HOH B O   1 
HETATM 1459 O O   . HOH K 3 .  ? -11.315 6.507   -1.012  1.00 14.81 ? 2019 HOH B O   1 
HETATM 1460 O O   . HOH K 3 .  ? -15.808 5.339   -3.271  1.00 31.22 ? 2020 HOH B O   1 
HETATM 1461 O O   . HOH K 3 .  ? -13.851 7.889   -1.178  1.00 24.33 ? 2021 HOH B O   1 
HETATM 1462 O O   . HOH K 3 .  ? -16.845 10.021  -3.791  1.00 20.43 ? 2022 HOH B O   1 
HETATM 1463 O O   . HOH K 3 .  ? -11.496 14.168  -3.442  1.00 28.13 ? 2023 HOH B O   1 
HETATM 1464 O O   . HOH K 3 .  ? -20.251 10.074  -9.657  1.00 15.43 ? 2024 HOH B O   1 
HETATM 1465 O O   . HOH K 3 .  ? -19.201 13.724  -3.339  1.00 29.33 ? 2025 HOH B O   1 
HETATM 1466 O O   . HOH K 3 .  ? -14.951 13.744  -9.651  1.00 12.55 ? 2026 HOH B O   1 
HETATM 1467 O O   . HOH K 3 .  ? -15.884 17.473  -10.088 1.00 31.20 ? 2027 HOH B O   1 
HETATM 1468 O O   . HOH K 3 .  ? -11.125 18.548  -5.207  1.00 29.64 ? 2028 HOH B O   1 
HETATM 1469 O O   . HOH K 3 .  ? -10.951 22.670  -10.692 1.00 30.46 ? 2029 HOH B O   1 
HETATM 1470 O O   . HOH K 3 .  ? -8.971  20.956  -4.689  1.00 32.55 ? 2030 HOH B O   1 
HETATM 1471 O O   . HOH K 3 .  ? -11.085 23.670  -8.302  1.00 31.22 ? 2031 HOH B O   1 
HETATM 1472 O O   . HOH K 3 .  ? -10.146 16.307  -14.871 1.00 19.52 ? 2032 HOH B O   1 
HETATM 1473 O O   . HOH K 3 .  ? -17.308 12.714  -16.587 1.00 29.88 ? 2033 HOH B O   1 
HETATM 1474 O O   . HOH K 3 .  ? -18.971 13.506  -9.832  1.00 24.25 ? 2034 HOH B O   1 
HETATM 1475 O O   . HOH K 3 .  ? -15.204 7.539   -13.885 1.00 18.16 ? 2035 HOH B O   1 
HETATM 1476 O O   . HOH K 3 .  ? -17.275 7.786   -2.739  1.00 36.00 ? 2036 HOH B O   1 
HETATM 1477 O O   . HOH K 3 .  ? 2.756   1.145   -4.056  1.00 12.74 ? 2037 HOH B O   1 
HETATM 1478 O O   . HOH K 3 .  ? 5.857   3.918   -3.370  1.00 18.65 ? 2038 HOH B O   1 
HETATM 1479 O O   . HOH K 3 .  ? 8.629   0.367   -3.909  1.00 24.93 ? 2039 HOH B O   1 
HETATM 1480 O O   . HOH K 3 .  ? 10.426  1.782   -5.932  1.00 32.62 ? 2040 HOH B O   1 
HETATM 1481 O O   . HOH K 3 .  ? 6.786   -3.147  -8.456  1.00 17.33 ? 2041 HOH B O   1 
HETATM 1482 O O   . HOH K 3 .  ? 6.090   0.973   -12.863 1.00 24.76 ? 2042 HOH B O   1 
HETATM 1483 O O   . HOH K 3 .  ? 10.719  2.822   -12.312 1.00 22.00 ? 2043 HOH B O   1 
HETATM 1484 O O   . HOH K 3 .  ? 7.199   -2.716  -11.083 1.00 24.09 ? 2044 HOH B O   1 
HETATM 1485 O O   . HOH K 3 .  ? 12.436  3.092   -8.284  1.00 21.83 ? 2045 HOH B O   1 
HETATM 1486 O O   . HOH K 3 .  ? 10.584  7.631   -13.077 1.00 8.68  ? 2046 HOH B O   1 
HETATM 1487 O O   . HOH K 3 .  ? 7.223   10.432  -12.260 1.00 17.86 ? 2047 HOH B O   1 
HETATM 1488 O O   . HOH K 3 .  ? 3.408   16.416  -13.157 1.00 13.59 ? 2048 HOH B O   1 
HETATM 1489 O O   . HOH K 3 .  ? 2.759   16.987  -9.423  1.00 29.28 ? 2049 HOH B O   1 
HETATM 1490 O O   . HOH K 3 .  ? 1.981   9.521   -18.161 1.00 24.90 ? 2050 HOH B O   1 
HETATM 1491 O O   . HOH K 3 .  ? 5.164   10.319  -15.159 1.00 17.38 ? 2051 HOH B O   1 
HETATM 1492 O O   . HOH K 3 .  ? 3.504   12.177  -20.012 1.00 18.02 ? 2052 HOH B O   1 
HETATM 1493 O O   . HOH K 3 .  ? 4.753   15.349  -7.353  1.00 23.95 ? 2053 HOH B O   1 
HETATM 1494 O O   . HOH K 3 .  ? -0.937  15.315  -7.471  1.00 14.23 ? 2054 HOH B O   1 
HETATM 1495 O O   . HOH K 3 .  ? 0.137   13.027  -0.235  1.00 12.68 ? 2055 HOH B O   1 
HETATM 1496 O O   . HOH K 3 .  ? 3.468   14.419  -1.235  1.00 31.16 ? 2056 HOH B O   1 
HETATM 1497 O O   . HOH K 3 .  ? 1.450   19.245  -5.862  1.00 30.23 ? 2057 HOH B O   1 
HETATM 1498 O O   . HOH K 3 .  ? 5.062   17.672  -4.337  1.00 35.15 ? 2058 HOH B O   1 
HETATM 1499 O O   . HOH K 3 .  ? 1.045   19.619  -3.117  1.00 41.58 ? 2059 HOH B O   1 
HETATM 1500 O O   . HOH K 3 .  ? -1.068  18.958  -7.057  1.00 18.47 ? 2060 HOH B O   1 
HETATM 1501 O O   . HOH K 3 .  ? -1.979  20.709  -4.314  1.00 20.45 ? 2061 HOH B O   1 
HETATM 1502 O O   . HOH K 3 .  ? -2.492  21.050  -7.773  1.00 14.88 ? 2062 HOH B O   1 
HETATM 1503 O O   . HOH K 3 .  ? -8.317  22.721  -2.109  1.00 31.28 ? 2063 HOH B O   1 
HETATM 1504 O O   . HOH K 3 .  ? -8.627  24.766  -4.893  1.00 24.46 ? 2064 HOH B O   1 
HETATM 1505 O O   . HOH K 3 .  ? -7.815  21.951  0.952   1.00 37.94 ? 2065 HOH B O   1 
HETATM 1506 O O   . HOH K 3 .  ? -2.329  19.641  0.497   1.00 29.10 ? 2066 HOH B O   1 
HETATM 1507 O O   . HOH K 3 .  ? -3.383  22.744  1.138   1.00 32.00 ? 2067 HOH B O   1 
HETATM 1508 O O   . HOH K 3 .  ? -5.726  24.257  0.728   1.00 28.56 ? 2068 HOH B O   1 
HETATM 1509 O O   . HOH K 3 .  ? -6.122  18.717  2.570   1.00 22.03 ? 2069 HOH B O   1 
HETATM 1510 O O   . HOH K 3 .  ? -8.552  16.076  2.210   1.00 36.33 ? 2070 HOH B O   1 
HETATM 1511 O O   . HOH K 3 .  ? 1.681   15.022  4.543   1.00 44.09 ? 2071 HOH B O   1 
HETATM 1512 O O   . HOH K 3 .  ? 3.660   18.427  0.580   1.00 24.72 ? 2072 HOH B O   1 
HETATM 1513 O O   . HOH K 3 .  ? -9.609  11.800  0.833   1.00 22.59 ? 2073 HOH B O   1 
HETATM 1514 O O   . HOH K 3 .  ? -7.429  9.113   1.608   1.00 26.43 ? 2074 HOH B O   1 
HETATM 1515 O O   . HOH K 3 .  ? -3.783  7.790   1.987   1.00 18.82 ? 2075 HOH B O   1 
HETATM 1516 O O   . HOH K 3 .  ? -12.759 4.330   0.089   1.00 16.15 ? 2076 HOH B O   1 
HETATM 1517 O O   . HOH K 3 .  ? 2.665   -7.142  -13.093 1.00 26.26 ? 2077 HOH B O   1 
HETATM 1518 O O   . HOH K 3 .  ? 10.054  11.584  -5.152  1.00 27.56 ? 2078 HOH B O   1 
HETATM 1519 O O   . HOH K 3 .  ? -14.339 10.391  -0.897  1.00 36.08 ? 2079 HOH B O   1 
HETATM 1520 O O   . HOH K 3 .  ? 10.806  11.461  -10.269 1.00 20.19 ? 2080 HOH B O   1 
HETATM 1521 O O   . HOH K 3 .  ? -11.221 13.324  -0.675  1.00 33.97 ? 2081 HOH B O   1 
HETATM 1522 O O   . HOH K 3 .  ? -16.979 15.357  -8.714  1.00 25.53 ? 2082 HOH B O   1 
HETATM 1523 O O   . HOH K 3 .  ? -17.813 18.798  -12.247 1.00 40.01 ? 2083 HOH B O   1 
HETATM 1524 O O   . HOH K 3 .  ? -14.003 12.698  -0.426  1.00 33.30 ? 2084 HOH B O   1 
HETATM 1525 O O   . HOH K 3 .  ? 11.636  4.020   -5.816  1.00 30.73 ? 2085 HOH B O   1 
HETATM 1526 O O   . HOH K 3 .  ? -18.587 15.218  -17.595 1.00 38.15 ? 2086 HOH B O   1 
HETATM 1527 O O   . HOH K 3 .  ? -5.693  10.259  -15.655 1.00 26.40 ? 2087 HOH B O   1 
HETATM 1528 O O   . HOH K 3 .  ? -4.549  12.757  -13.555 1.00 13.30 ? 2088 HOH B O   1 
HETATM 1529 O O   . HOH K 3 .  ? 11.893  5.110   -12.660 1.00 16.81 ? 2089 HOH B O   1 
HETATM 1530 O O   . HOH K 3 .  ? -9.655  -1.467  -15.886 1.00 29.58 ? 2090 HOH B O   1 
HETATM 1531 O O   . HOH K 3 .  ? -11.456 -1.150  -13.868 1.00 21.58 ? 2091 HOH B O   1 
HETATM 1532 O O   . HOH K 3 .  ? 4.350   19.090  -12.363 1.00 23.64 ? 2092 HOH B O   1 
HETATM 1533 O O   . HOH K 3 .  ? 6.660   17.645  -1.996  1.00 35.37 ? 2093 HOH B O   1 
HETATM 1534 O O   . HOH K 3 .  ? -4.933  8.234   -19.691 1.00 22.61 ? 2094 HOH B O   1 
HETATM 1535 O O   . HOH K 3 .  ? -10.314 -3.914  -14.829 1.00 30.79 ? 2095 HOH B O   1 
HETATM 1536 O O   . HOH K 3 .  ? -4.864  -4.556  -17.086 1.00 18.92 ? 2096 HOH B O   1 
HETATM 1537 O O   . HOH K 3 .  ? -6.375  -10.326 -12.937 1.00 22.47 ? 2097 HOH B O   1 
HETATM 1538 O O   . HOH K 3 .  ? -9.955  -8.392  -14.083 1.00 20.24 ? 2098 HOH B O   1 
HETATM 1539 O O   . HOH K 3 .  ? -10.406 -4.361  -11.871 1.00 23.58 ? 2099 HOH B O   1 
HETATM 1540 O O   . HOH K 3 .  ? -10.277 -7.017  -11.624 1.00 29.40 ? 2100 HOH B O   1 
HETATM 1541 O O   . HOH K 3 .  ? -5.989  -11.264 -9.764  1.00 28.26 ? 2101 HOH B O   1 
HETATM 1542 O O   . HOH K 3 .  ? -2.716  -11.862 -11.638 1.00 24.55 ? 2102 HOH B O   1 
HETATM 1543 O O   . HOH K 3 .  ? -4.025  -15.016 -8.518  1.00 17.66 ? 2103 HOH B O   1 
HETATM 1544 O O   . HOH K 3 .  ? -5.080  -13.655 -10.655 1.00 27.44 ? 2104 HOH B O   1 
HETATM 1545 O O   . HOH K 3 .  ? 6.661   -9.504  -4.459  1.00 27.72 ? 2105 HOH B O   1 
HETATM 1546 O O   . HOH K 3 .  ? -5.261  -13.553 -6.085  1.00 27.23 ? 2106 HOH B O   1 
HETATM 1547 O O   . HOH K 3 .  ? -3.343  -11.716 -0.968  1.00 44.33 ? 2107 HOH B O   1 
HETATM 1548 O O   . HOH K 3 .  ? 7.835   4.046   0.384   1.00 37.83 ? 2108 HOH B O   1 
# 
loop_
_pdbx_poly_seq_scheme.asym_id 
_pdbx_poly_seq_scheme.entity_id 
_pdbx_poly_seq_scheme.seq_id 
_pdbx_poly_seq_scheme.mon_id 
_pdbx_poly_seq_scheme.ndb_seq_num 
_pdbx_poly_seq_scheme.pdb_seq_num 
_pdbx_poly_seq_scheme.auth_seq_num 
_pdbx_poly_seq_scheme.pdb_mon_id 
_pdbx_poly_seq_scheme.auth_mon_id 
_pdbx_poly_seq_scheme.pdb_strand_id 
_pdbx_poly_seq_scheme.pdb_ins_code 
_pdbx_poly_seq_scheme.hetero 
A 1 1  GLY 1  149 ?   ?   ?   A . n 
A 1 2  HIS 2  150 ?   ?   ?   A . n 
A 1 3  MET 3  151 ?   ?   ?   A . n 
A 1 4  GLU 4  152 ?   ?   ?   A . n 
A 1 5  THR 5  153 153 THR THR A . n 
A 1 6  ILE 6  154 154 ILE ILE A . n 
A 1 7  HIS 7  155 155 HIS HIS A . n 
A 1 8  VAL 8  156 156 VAL VAL A . n 
A 1 9  GLY 9  157 157 GLY GLY A . n 
A 1 10 ASP 10 158 158 ASP ASP A . n 
A 1 11 ARG 11 159 159 ARG ARG A . n 
A 1 12 CYS 12 160 160 CYS CYS A . n 
A 1 13 LEU 13 161 161 LEU LEU A . n 
A 1 14 CYS 14 162 162 CYS CYS A . n 
A 1 15 ARG 15 163 163 ARG ARG A . n 
A 1 16 PRO 16 164 164 PRO PRO A . n 
A 1 17 GLY 17 165 165 GLY GLY A . n 
A 1 18 ASP 18 166 166 ASP ASP A . n 
A 1 19 ARG 19 167 167 ARG ARG A . n 
A 1 20 LEU 20 168 168 LEU LEU A . n 
A 1 21 GLY 21 169 169 GLY GLY A . n 
A 1 22 SER 22 170 170 SER SER A . n 
A 1 23 VAL 23 171 171 VAL VAL A . n 
A 1 24 ARG 24 172 172 ARG ARG A . n 
A 1 25 PHE 25 173 173 PHE PHE A . n 
A 1 26 VAL 26 174 174 VAL VAL A . n 
A 1 27 GLY 27 175 175 GLY GLY A . n 
A 1 28 ARG 28 176 176 ARG ARG A . n 
A 1 29 VAL 29 177 177 VAL VAL A . n 
A 1 30 ALA 30 178 178 ALA ALA A . n 
A 1 31 SER 31 179 179 SER SER A . n 
A 1 32 LEU 32 180 180 LEU LEU A . n 
A 1 33 LYS 33 181 181 LYS LYS A . n 
A 1 34 PRO 34 182 182 PRO PRO A . n 
A 1 35 GLY 35 183 183 GLY GLY A . n 
A 1 36 TYR 36 184 184 TYR TYR A . n 
A 1 37 TRP 37 185 185 TRP TRP A . n 
A 1 38 VAL 38 186 186 VAL VAL A . n 
A 1 39 GLY 39 187 187 GLY GLY A . n 
A 1 40 VAL 40 188 188 VAL VAL A . n 
A 1 41 GLU 41 189 189 GLU GLU A . n 
A 1 42 PHE 42 190 190 PHE PHE A . n 
A 1 43 ASP 43 191 191 ASP ASP A . n 
A 1 44 GLU 44 192 192 GLU GLU A . n 
A 1 45 PRO 45 193 193 PRO PRO A . n 
A 1 46 VAL 46 194 194 VAL VAL A . n 
A 1 47 GLY 47 195 195 GLY GLY A . n 
A 1 48 LYS 48 196 196 LYS LYS A . n 
A 1 49 GLY 49 197 197 GLY GLY A . n 
A 1 50 ASP 50 198 198 ASP ASP A . n 
A 1 51 GLY 51 199 199 GLY GLY A . n 
A 1 52 THR 52 200 200 THR THR A . n 
A 1 53 VAL 53 201 201 VAL VAL A . n 
A 1 54 LYS 54 202 202 LYS LYS A . n 
A 1 55 GLY 55 203 203 GLY GLY A . n 
A 1 56 THR 56 204 204 THR THR A . n 
A 1 57 ARG 57 205 205 ARG ARG A . n 
A 1 58 VAL 58 206 206 VAL VAL A . n 
A 1 59 PHE 59 207 207 PHE PHE A . n 
A 1 60 GLN 60 208 208 GLN GLN A . n 
A 1 61 CYS 61 209 209 CYS CYS A . n 
A 1 62 GLN 62 210 210 GLN GLN A . n 
A 1 63 PRO 63 211 211 PRO PRO A . n 
A 1 64 ASN 64 212 212 ASN ASN A . n 
A 1 65 TYR 65 213 213 TYR TYR A . n 
A 1 66 GLY 66 214 214 GLY GLY A . n 
A 1 67 GLY 67 215 215 GLY GLY A . n 
A 1 68 PHE 68 216 216 PHE PHE A . n 
A 1 69 LEU 69 217 217 LEU LEU A . n 
A 1 70 ARG 70 218 218 ARG ARG A . n 
A 1 71 PRO 71 219 219 PRO PRO A . n 
A 1 72 ASP 72 220 220 ASP ASP A . n 
A 1 73 GLN 73 221 221 GLN GLN A . n 
A 1 74 VAL 74 222 222 VAL VAL A . n 
A 1 75 GLU 75 223 223 GLU GLU A . n 
A 1 76 VAL 76 224 224 VAL VAL A . n 
A 1 77 GLY 77 225 225 GLY GLY A . n 
A 1 78 ASP 78 226 226 ASP ASP A . n 
A 1 79 PHE 79 227 227 PHE PHE A . n 
A 1 80 PRO 80 228 228 PRO PRO A . n 
A 1 81 PRO 81 229 229 PRO PRO A . n 
A 1 82 GLU 82 230 230 GLU GLU A . n 
A 1 83 VAL 83 231 231 VAL VAL A . n 
A 1 84 PHE 84 232 232 PHE PHE A . n 
B 1 1  GLY 1  149 ?   ?   ?   B . n 
B 1 2  HIS 2  150 ?   ?   ?   B . n 
B 1 3  MET 3  151 ?   ?   ?   B . n 
B 1 4  GLU 4  152 ?   ?   ?   B . n 
B 1 5  THR 5  153 153 THR THR B . n 
B 1 6  ILE 6  154 154 ILE ILE B . n 
B 1 7  HIS 7  155 155 HIS HIS B . n 
B 1 8  VAL 8  156 156 VAL VAL B . n 
B 1 9  GLY 9  157 157 GLY GLY B . n 
B 1 10 ASP 10 158 158 ASP ASP B . n 
B 1 11 ARG 11 159 159 ARG ARG B . n 
B 1 12 CYS 12 160 160 CYS CYS B . n 
B 1 13 LEU 13 161 161 LEU LEU B . n 
B 1 14 CYS 14 162 162 CYS CYS B . n 
B 1 15 ARG 15 163 163 ARG ARG B . n 
B 1 16 PRO 16 164 164 PRO PRO B . n 
B 1 17 GLY 17 165 165 GLY GLY B . n 
B 1 18 ASP 18 166 166 ASP ASP B . n 
B 1 19 ARG 19 167 167 ARG ARG B . n 
B 1 20 LEU 20 168 168 LEU LEU B . n 
B 1 21 GLY 21 169 169 GLY GLY B . n 
B 1 22 SER 22 170 170 SER SER B . n 
B 1 23 VAL 23 171 171 VAL VAL B . n 
B 1 24 ARG 24 172 172 ARG ARG B . n 
B 1 25 PHE 25 173 173 PHE PHE B . n 
B 1 26 VAL 26 174 174 VAL VAL B . n 
B 1 27 GLY 27 175 175 GLY GLY B . n 
B 1 28 ARG 28 176 176 ARG ARG B . n 
B 1 29 VAL 29 177 177 VAL VAL B . n 
B 1 30 ALA 30 178 178 ALA ALA B . n 
B 1 31 SER 31 179 179 SER SER B . n 
B 1 32 LEU 32 180 180 LEU LEU B . n 
B 1 33 LYS 33 181 181 LYS LYS B . n 
B 1 34 PRO 34 182 182 PRO PRO B . n 
B 1 35 GLY 35 183 183 GLY GLY B . n 
B 1 36 TYR 36 184 184 TYR TYR B . n 
B 1 37 TRP 37 185 185 TRP TRP B . n 
B 1 38 VAL 38 186 186 VAL VAL B . n 
B 1 39 GLY 39 187 187 GLY GLY B . n 
B 1 40 VAL 40 188 188 VAL VAL B . n 
B 1 41 GLU 41 189 189 GLU GLU B . n 
B 1 42 PHE 42 190 190 PHE PHE B . n 
B 1 43 ASP 43 191 191 ASP ASP B . n 
B 1 44 GLU 44 192 192 GLU GLU B . n 
B 1 45 PRO 45 193 193 PRO PRO B . n 
B 1 46 VAL 46 194 194 VAL VAL B . n 
B 1 47 GLY 47 195 195 GLY GLY B . n 
B 1 48 LYS 48 196 196 LYS LYS B . n 
B 1 49 GLY 49 197 197 GLY GLY B . n 
B 1 50 ASP 50 198 198 ASP ASP B . n 
B 1 51 GLY 51 199 199 GLY GLY B . n 
B 1 52 THR 52 200 200 THR THR B . n 
B 1 53 VAL 53 201 201 VAL VAL B . n 
B 1 54 LYS 54 202 202 LYS LYS B . n 
B 1 55 GLY 55 203 203 GLY GLY B . n 
B 1 56 THR 56 204 204 THR THR B . n 
B 1 57 ARG 57 205 205 ARG ARG B . n 
B 1 58 VAL 58 206 206 VAL VAL B . n 
B 1 59 PHE 59 207 207 PHE PHE B . n 
B 1 60 GLN 60 208 208 GLN GLN B . n 
B 1 61 CYS 61 209 209 CYS CYS B . n 
B 1 62 GLN 62 210 210 GLN GLN B . n 
B 1 63 PRO 63 211 211 PRO PRO B . n 
B 1 64 ASN 64 212 212 ASN ASN B . n 
B 1 65 TYR 65 213 213 TYR TYR B . n 
B 1 66 GLY 66 214 214 GLY GLY B . n 
B 1 67 GLY 67 215 215 GLY GLY B . n 
B 1 68 PHE 68 216 216 PHE PHE B . n 
B 1 69 LEU 69 217 217 LEU LEU B . n 
B 1 70 ARG 70 218 218 ARG ARG B . n 
B 1 71 PRO 71 219 219 PRO PRO B . n 
B 1 72 ASP 72 220 220 ASP ASP B . n 
B 1 73 GLN 73 221 221 GLN GLN B . n 
B 1 74 VAL 74 222 222 VAL VAL B . n 
B 1 75 GLU 75 223 223 GLU GLU B . n 
B 1 76 VAL 76 224 224 VAL VAL B . n 
B 1 77 GLY 77 225 225 GLY GLY B . n 
B 1 78 ASP 78 226 226 ASP ASP B . n 
B 1 79 PHE 79 227 227 PHE PHE B . n 
B 1 80 PRO 80 228 228 PRO PRO B . n 
B 1 81 PRO 81 229 229 PRO PRO B . n 
B 1 82 GLU 82 230 230 GLU GLU B . n 
B 1 83 VAL 83 231 231 VAL VAL B . n 
B 1 84 PHE 84 232 ?   ?   ?   B . n 
# 
loop_
_pdbx_nonpoly_scheme.asym_id 
_pdbx_nonpoly_scheme.entity_id 
_pdbx_nonpoly_scheme.mon_id 
_pdbx_nonpoly_scheme.ndb_seq_num 
_pdbx_nonpoly_scheme.pdb_seq_num 
_pdbx_nonpoly_scheme.auth_seq_num 
_pdbx_nonpoly_scheme.pdb_mon_id 
_pdbx_nonpoly_scheme.auth_mon_id 
_pdbx_nonpoly_scheme.pdb_strand_id 
_pdbx_nonpoly_scheme.pdb_ins_code 
C 2 FMT 1   1233 1233 FMT FMT A . 
D 2 FMT 1   1234 1234 FMT FMT A . 
E 2 FMT 1   1235 1235 FMT FMT A . 
F 2 FMT 1   1236 1236 FMT FMT A . 
G 2 FMT 1   1232 1232 FMT FMT B . 
H 2 FMT 1   1233 1233 FMT FMT B . 
I 2 FMT 1   1234 1234 FMT FMT B . 
J 3 HOH 1   2001 2001 HOH HOH A . 
J 3 HOH 2   2002 2002 HOH HOH A . 
J 3 HOH 3   2003 2003 HOH HOH A . 
J 3 HOH 4   2004 2004 HOH HOH A . 
J 3 HOH 5   2005 2005 HOH HOH A . 
J 3 HOH 6   2006 2006 HOH HOH A . 
J 3 HOH 7   2007 2007 HOH HOH A . 
J 3 HOH 8   2008 2008 HOH HOH A . 
J 3 HOH 9   2009 2009 HOH HOH A . 
J 3 HOH 10  2010 2010 HOH HOH A . 
J 3 HOH 11  2011 2011 HOH HOH A . 
J 3 HOH 12  2012 2012 HOH HOH A . 
J 3 HOH 13  2013 2013 HOH HOH A . 
J 3 HOH 14  2014 2014 HOH HOH A . 
J 3 HOH 15  2015 2015 HOH HOH A . 
J 3 HOH 16  2016 2016 HOH HOH A . 
J 3 HOH 17  2017 2017 HOH HOH A . 
J 3 HOH 18  2018 2018 HOH HOH A . 
J 3 HOH 19  2019 2019 HOH HOH A . 
J 3 HOH 20  2020 2020 HOH HOH A . 
J 3 HOH 21  2021 2021 HOH HOH A . 
J 3 HOH 22  2022 2022 HOH HOH A . 
J 3 HOH 23  2023 2023 HOH HOH A . 
J 3 HOH 24  2024 2024 HOH HOH A . 
J 3 HOH 25  2025 2025 HOH HOH A . 
J 3 HOH 26  2026 2026 HOH HOH A . 
J 3 HOH 27  2027 2027 HOH HOH A . 
J 3 HOH 28  2028 2028 HOH HOH A . 
J 3 HOH 29  2029 2029 HOH HOH A . 
J 3 HOH 30  2030 2030 HOH HOH A . 
J 3 HOH 31  2031 2031 HOH HOH A . 
J 3 HOH 32  2032 2032 HOH HOH A . 
J 3 HOH 33  2033 2033 HOH HOH A . 
J 3 HOH 34  2034 2034 HOH HOH A . 
J 3 HOH 35  2035 2035 HOH HOH A . 
J 3 HOH 36  2036 2036 HOH HOH A . 
J 3 HOH 37  2037 2037 HOH HOH A . 
J 3 HOH 38  2038 2038 HOH HOH A . 
J 3 HOH 39  2039 2039 HOH HOH A . 
J 3 HOH 40  2040 2040 HOH HOH A . 
J 3 HOH 41  2041 2041 HOH HOH A . 
J 3 HOH 42  2042 2042 HOH HOH A . 
J 3 HOH 43  2043 2043 HOH HOH A . 
J 3 HOH 44  2044 2044 HOH HOH A . 
J 3 HOH 45  2045 2045 HOH HOH A . 
J 3 HOH 46  2046 2046 HOH HOH A . 
J 3 HOH 47  2047 2047 HOH HOH A . 
J 3 HOH 48  2048 2048 HOH HOH A . 
J 3 HOH 49  2049 2049 HOH HOH A . 
J 3 HOH 50  2050 2050 HOH HOH A . 
J 3 HOH 51  2051 2051 HOH HOH A . 
J 3 HOH 52  2052 2052 HOH HOH A . 
J 3 HOH 53  2053 2053 HOH HOH A . 
J 3 HOH 54  2054 2054 HOH HOH A . 
J 3 HOH 55  2055 2055 HOH HOH A . 
J 3 HOH 56  2056 2056 HOH HOH A . 
J 3 HOH 57  2057 2057 HOH HOH A . 
J 3 HOH 58  2058 2058 HOH HOH A . 
J 3 HOH 59  2059 2059 HOH HOH A . 
J 3 HOH 60  2060 2060 HOH HOH A . 
J 3 HOH 61  2061 2061 HOH HOH A . 
J 3 HOH 62  2062 2062 HOH HOH A . 
J 3 HOH 63  2063 2063 HOH HOH A . 
J 3 HOH 64  2064 2064 HOH HOH A . 
J 3 HOH 65  2065 2065 HOH HOH A . 
J 3 HOH 66  2066 2066 HOH HOH A . 
J 3 HOH 67  2067 2067 HOH HOH A . 
J 3 HOH 68  2068 2068 HOH HOH A . 
J 3 HOH 69  2069 2069 HOH HOH A . 
J 3 HOH 70  2070 2070 HOH HOH A . 
J 3 HOH 71  2071 2071 HOH HOH A . 
J 3 HOH 72  2072 2072 HOH HOH A . 
J 3 HOH 73  2073 2073 HOH HOH A . 
J 3 HOH 74  2074 2074 HOH HOH A . 
J 3 HOH 75  2075 2075 HOH HOH A . 
J 3 HOH 76  2076 2076 HOH HOH A . 
J 3 HOH 77  2077 2077 HOH HOH A . 
J 3 HOH 78  2078 2078 HOH HOH A . 
J 3 HOH 79  2079 2079 HOH HOH A . 
J 3 HOH 80  2080 2080 HOH HOH A . 
J 3 HOH 81  2081 2081 HOH HOH A . 
J 3 HOH 82  2082 2082 HOH HOH A . 
J 3 HOH 83  2083 2083 HOH HOH A . 
J 3 HOH 84  2084 2084 HOH HOH A . 
J 3 HOH 85  2085 2085 HOH HOH A . 
J 3 HOH 86  2086 2086 HOH HOH A . 
J 3 HOH 87  2087 2087 HOH HOH A . 
J 3 HOH 88  2088 2088 HOH HOH A . 
J 3 HOH 89  2089 2089 HOH HOH A . 
J 3 HOH 90  2090 2090 HOH HOH A . 
J 3 HOH 91  2091 2091 HOH HOH A . 
J 3 HOH 92  2092 2092 HOH HOH A . 
J 3 HOH 93  2093 2093 HOH HOH A . 
J 3 HOH 94  2094 2094 HOH HOH A . 
J 3 HOH 95  2095 2095 HOH HOH A . 
J 3 HOH 96  2096 2096 HOH HOH A . 
J 3 HOH 97  2097 2097 HOH HOH A . 
J 3 HOH 98  2098 2098 HOH HOH A . 
J 3 HOH 99  2099 2099 HOH HOH A . 
J 3 HOH 100 2100 2100 HOH HOH A . 
J 3 HOH 101 2101 2101 HOH HOH A . 
J 3 HOH 102 2102 2102 HOH HOH A . 
J 3 HOH 103 2103 2103 HOH HOH A . 
J 3 HOH 104 2104 2104 HOH HOH A . 
J 3 HOH 105 2105 2105 HOH HOH A . 
J 3 HOH 106 2106 2106 HOH HOH A . 
J 3 HOH 107 2107 2107 HOH HOH A . 
J 3 HOH 108 2108 2108 HOH HOH A . 
J 3 HOH 109 2109 2109 HOH HOH A . 
J 3 HOH 110 2110 2110 HOH HOH A . 
J 3 HOH 111 2111 2111 HOH HOH A . 
J 3 HOH 112 2112 2112 HOH HOH A . 
J 3 HOH 113 2113 2113 HOH HOH A . 
J 3 HOH 114 2114 2114 HOH HOH A . 
J 3 HOH 115 2115 2115 HOH HOH A . 
J 3 HOH 116 2116 2116 HOH HOH A . 
J 3 HOH 117 2117 2117 HOH HOH A . 
J 3 HOH 118 2118 2118 HOH HOH A . 
J 3 HOH 119 2119 2119 HOH HOH A . 
J 3 HOH 120 2120 2120 HOH HOH A . 
J 3 HOH 121 2121 2121 HOH HOH A . 
K 3 HOH 1   2001 2001 HOH HOH B . 
K 3 HOH 2   2002 2002 HOH HOH B . 
K 3 HOH 3   2003 2003 HOH HOH B . 
K 3 HOH 4   2004 2004 HOH HOH B . 
K 3 HOH 5   2005 2005 HOH HOH B . 
K 3 HOH 6   2006 2006 HOH HOH B . 
K 3 HOH 7   2007 2007 HOH HOH B . 
K 3 HOH 8   2008 2008 HOH HOH B . 
K 3 HOH 9   2009 2009 HOH HOH B . 
K 3 HOH 10  2010 2010 HOH HOH B . 
K 3 HOH 11  2011 2011 HOH HOH B . 
K 3 HOH 12  2012 2012 HOH HOH B . 
K 3 HOH 13  2013 2013 HOH HOH B . 
K 3 HOH 14  2014 2014 HOH HOH B . 
K 3 HOH 15  2015 2015 HOH HOH B . 
K 3 HOH 16  2016 2016 HOH HOH B . 
K 3 HOH 17  2017 2017 HOH HOH B . 
K 3 HOH 18  2018 2018 HOH HOH B . 
K 3 HOH 19  2019 2019 HOH HOH B . 
K 3 HOH 20  2020 2020 HOH HOH B . 
K 3 HOH 21  2021 2021 HOH HOH B . 
K 3 HOH 22  2022 2022 HOH HOH B . 
K 3 HOH 23  2023 2023 HOH HOH B . 
K 3 HOH 24  2024 2024 HOH HOH B . 
K 3 HOH 25  2025 2025 HOH HOH B . 
K 3 HOH 26  2026 2026 HOH HOH B . 
K 3 HOH 27  2027 2027 HOH HOH B . 
K 3 HOH 28  2028 2028 HOH HOH B . 
K 3 HOH 29  2029 2029 HOH HOH B . 
K 3 HOH 30  2030 2030 HOH HOH B . 
K 3 HOH 31  2031 2031 HOH HOH B . 
K 3 HOH 32  2032 2032 HOH HOH B . 
K 3 HOH 33  2033 2033 HOH HOH B . 
K 3 HOH 34  2034 2034 HOH HOH B . 
K 3 HOH 35  2035 2035 HOH HOH B . 
K 3 HOH 36  2036 2036 HOH HOH B . 
K 3 HOH 37  2037 2037 HOH HOH B . 
K 3 HOH 38  2038 2038 HOH HOH B . 
K 3 HOH 39  2039 2039 HOH HOH B . 
K 3 HOH 40  2040 2040 HOH HOH B . 
K 3 HOH 41  2041 2041 HOH HOH B . 
K 3 HOH 42  2042 2042 HOH HOH B . 
K 3 HOH 43  2043 2043 HOH HOH B . 
K 3 HOH 44  2044 2044 HOH HOH B . 
K 3 HOH 45  2045 2045 HOH HOH B . 
K 3 HOH 46  2046 2046 HOH HOH B . 
K 3 HOH 47  2047 2047 HOH HOH B . 
K 3 HOH 48  2048 2048 HOH HOH B . 
K 3 HOH 49  2049 2049 HOH HOH B . 
K 3 HOH 50  2050 2050 HOH HOH B . 
K 3 HOH 51  2051 2051 HOH HOH B . 
K 3 HOH 52  2052 2052 HOH HOH B . 
K 3 HOH 53  2053 2053 HOH HOH B . 
K 3 HOH 54  2054 2054 HOH HOH B . 
K 3 HOH 55  2055 2055 HOH HOH B . 
K 3 HOH 56  2056 2056 HOH HOH B . 
K 3 HOH 57  2057 2057 HOH HOH B . 
K 3 HOH 58  2058 2058 HOH HOH B . 
K 3 HOH 59  2059 2059 HOH HOH B . 
K 3 HOH 60  2060 2060 HOH HOH B . 
K 3 HOH 61  2061 2061 HOH HOH B . 
K 3 HOH 62  2062 2062 HOH HOH B . 
K 3 HOH 63  2063 2063 HOH HOH B . 
K 3 HOH 64  2064 2064 HOH HOH B . 
K 3 HOH 65  2065 2065 HOH HOH B . 
K 3 HOH 66  2066 2066 HOH HOH B . 
K 3 HOH 67  2067 2067 HOH HOH B . 
K 3 HOH 68  2068 2068 HOH HOH B . 
K 3 HOH 69  2069 2069 HOH HOH B . 
K 3 HOH 70  2070 2070 HOH HOH B . 
K 3 HOH 71  2071 2071 HOH HOH B . 
K 3 HOH 72  2072 2072 HOH HOH B . 
K 3 HOH 73  2073 2073 HOH HOH B . 
K 3 HOH 74  2074 2074 HOH HOH B . 
K 3 HOH 75  2075 2075 HOH HOH B . 
K 3 HOH 76  2076 2076 HOH HOH B . 
K 3 HOH 77  2077 2077 HOH HOH B . 
K 3 HOH 78  2078 2078 HOH HOH B . 
K 3 HOH 79  2079 2079 HOH HOH B . 
K 3 HOH 80  2080 2080 HOH HOH B . 
K 3 HOH 81  2081 2081 HOH HOH B . 
K 3 HOH 82  2082 2082 HOH HOH B . 
K 3 HOH 83  2083 2083 HOH HOH B . 
K 3 HOH 84  2084 2084 HOH HOH B . 
K 3 HOH 85  2085 2085 HOH HOH B . 
K 3 HOH 86  2086 2086 HOH HOH B . 
K 3 HOH 87  2087 2087 HOH HOH B . 
K 3 HOH 88  2088 2088 HOH HOH B . 
K 3 HOH 89  2089 2089 HOH HOH B . 
K 3 HOH 90  2090 2090 HOH HOH B . 
K 3 HOH 91  2091 2091 HOH HOH B . 
K 3 HOH 92  2092 2092 HOH HOH B . 
K 3 HOH 93  2093 2093 HOH HOH B . 
K 3 HOH 94  2094 2094 HOH HOH B . 
K 3 HOH 95  2095 2095 HOH HOH B . 
K 3 HOH 96  2096 2096 HOH HOH B . 
K 3 HOH 97  2097 2097 HOH HOH B . 
K 3 HOH 98  2098 2098 HOH HOH B . 
K 3 HOH 99  2099 2099 HOH HOH B . 
K 3 HOH 100 2100 2100 HOH HOH B . 
K 3 HOH 101 2101 2101 HOH HOH B . 
K 3 HOH 102 2102 2102 HOH HOH B . 
K 3 HOH 103 2103 2103 HOH HOH B . 
K 3 HOH 104 2104 2104 HOH HOH B . 
K 3 HOH 105 2105 2105 HOH HOH B . 
K 3 HOH 106 2106 2106 HOH HOH B . 
K 3 HOH 107 2107 2107 HOH HOH B . 
K 3 HOH 108 2108 2108 HOH HOH B . 
# 
loop_
_pdbx_struct_assembly.id 
_pdbx_struct_assembly.details 
_pdbx_struct_assembly.method_details 
_pdbx_struct_assembly.oligomeric_details 
_pdbx_struct_assembly.oligomeric_count 
1 author_and_software_defined_assembly PISA monomeric 1 
2 author_and_software_defined_assembly PISA monomeric 1 
# 
loop_
_pdbx_struct_assembly_gen.assembly_id 
_pdbx_struct_assembly_gen.oper_expression 
_pdbx_struct_assembly_gen.asym_id_list 
1 1 A,C,D,E,F,J 
2 1 B,G,H,I,K   
# 
_pdbx_struct_oper_list.id                   1 
_pdbx_struct_oper_list.type                 'identity operation' 
_pdbx_struct_oper_list.name                 1_555 
_pdbx_struct_oper_list.symmetry_operation   x,y,z 
_pdbx_struct_oper_list.matrix[1][1]         1.0000000000 
_pdbx_struct_oper_list.matrix[1][2]         0.0000000000 
_pdbx_struct_oper_list.matrix[1][3]         0.0000000000 
_pdbx_struct_oper_list.vector[1]            0.0000000000 
_pdbx_struct_oper_list.matrix[2][1]         0.0000000000 
_pdbx_struct_oper_list.matrix[2][2]         1.0000000000 
_pdbx_struct_oper_list.matrix[2][3]         0.0000000000 
_pdbx_struct_oper_list.vector[2]            0.0000000000 
_pdbx_struct_oper_list.matrix[3][1]         0.0000000000 
_pdbx_struct_oper_list.matrix[3][2]         0.0000000000 
_pdbx_struct_oper_list.matrix[3][3]         1.0000000000 
_pdbx_struct_oper_list.vector[3]            0.0000000000 
# 
loop_
_pdbx_audit_revision_history.ordinal 
_pdbx_audit_revision_history.data_content_type 
_pdbx_audit_revision_history.major_revision 
_pdbx_audit_revision_history.minor_revision 
_pdbx_audit_revision_history.revision_date 
1 'Structure model' 1 0 2012-10-24 
2 'Structure model' 1 1 2013-05-15 
3 'Structure model' 1 2 2013-07-17 
4 'Structure model' 1 3 2019-10-16 
5 'Structure model' 1 4 2023-12-20 
# 
_pdbx_audit_revision_details.ordinal             1 
_pdbx_audit_revision_details.revision_ordinal    1 
_pdbx_audit_revision_details.data_content_type   'Structure model' 
_pdbx_audit_revision_details.provider            repository 
_pdbx_audit_revision_details.type                'Initial release' 
_pdbx_audit_revision_details.description         ? 
_pdbx_audit_revision_details.details             ? 
# 
loop_
_pdbx_audit_revision_group.ordinal 
_pdbx_audit_revision_group.revision_ordinal 
_pdbx_audit_revision_group.data_content_type 
_pdbx_audit_revision_group.group 
1 2 'Structure model' 'Data collection'        
2 2 'Structure model' 'Database references'    
3 3 'Structure model' 'Database references'    
4 4 'Structure model' 'Data collection'        
5 4 'Structure model' Other                    
6 5 'Structure model' 'Data collection'        
7 5 'Structure model' 'Database references'    
8 5 'Structure model' 'Derived calculations'   
9 5 'Structure model' 'Refinement description' 
# 
loop_
_pdbx_audit_revision_category.ordinal 
_pdbx_audit_revision_category.revision_ordinal 
_pdbx_audit_revision_category.data_content_type 
_pdbx_audit_revision_category.category 
1 4 'Structure model' pdbx_database_status          
2 4 'Structure model' reflns_shell                  
3 5 'Structure model' chem_comp_atom                
4 5 'Structure model' chem_comp_bond                
5 5 'Structure model' database_2                    
6 5 'Structure model' pdbx_initial_refinement_model 
7 5 'Structure model' struct_site                   
# 
loop_
_pdbx_audit_revision_item.ordinal 
_pdbx_audit_revision_item.revision_ordinal 
_pdbx_audit_revision_item.data_content_type 
_pdbx_audit_revision_item.item 
1 4 'Structure model' '_pdbx_database_status.status_code_sf' 
2 4 'Structure model' '_reflns_shell.Rmerge_I_obs'           
3 5 'Structure model' '_database_2.pdbx_DOI'                 
4 5 'Structure model' '_database_2.pdbx_database_accession'  
5 5 'Structure model' '_struct_site.pdbx_auth_asym_id'       
6 5 'Structure model' '_struct_site.pdbx_auth_comp_id'       
7 5 'Structure model' '_struct_site.pdbx_auth_seq_id'        
# 
loop_
_software.name 
_software.classification 
_software.version 
_software.citation_id 
_software.pdbx_ordinal 
_software.date 
_software.type 
_software.location 
_software.language 
REFMAC  refinement       5.6.0117 ? 1 ? ? ? ? 
iMOSFLM 'data reduction' .        ? 2 ? ? ? ? 
SCALA   'data scaling'   .        ? 3 ? ? ? ? 
PHASER  phasing          .        ? 4 ? ? ? ? 
# 
_pdbx_entry_details.entry_id                 4B6M 
_pdbx_entry_details.compound_details         ? 
_pdbx_entry_details.source_details           ? 
_pdbx_entry_details.nonpolymer_details       ? 
_pdbx_entry_details.sequence_details         'THE M231V DIFFERENCE IS OWING TO STRAIN VARIATION' 
_pdbx_entry_details.has_ligand_of_interest   ? 
# 
loop_
_pdbx_validate_torsion.id 
_pdbx_validate_torsion.PDB_model_num 
_pdbx_validate_torsion.auth_comp_id 
_pdbx_validate_torsion.auth_asym_id 
_pdbx_validate_torsion.auth_seq_id 
_pdbx_validate_torsion.PDB_ins_code 
_pdbx_validate_torsion.label_alt_id 
_pdbx_validate_torsion.phi 
_pdbx_validate_torsion.psi 
1 1 LEU A 180 ? ? -98.17  -106.37 
2 1 CYS A 209 ? ? -174.28 149.25  
3 1 ASN A 212 ? ? 80.09   2.09    
4 1 VAL A 231 ? ? -131.79 -32.60  
# 
loop_
_pdbx_unobs_or_zero_occ_atoms.id 
_pdbx_unobs_or_zero_occ_atoms.PDB_model_num 
_pdbx_unobs_or_zero_occ_atoms.polymer_flag 
_pdbx_unobs_or_zero_occ_atoms.occupancy_flag 
_pdbx_unobs_or_zero_occ_atoms.auth_asym_id 
_pdbx_unobs_or_zero_occ_atoms.auth_comp_id 
_pdbx_unobs_or_zero_occ_atoms.auth_seq_id 
_pdbx_unobs_or_zero_occ_atoms.PDB_ins_code 
_pdbx_unobs_or_zero_occ_atoms.auth_atom_id 
_pdbx_unobs_or_zero_occ_atoms.label_alt_id 
_pdbx_unobs_or_zero_occ_atoms.label_asym_id 
_pdbx_unobs_or_zero_occ_atoms.label_comp_id 
_pdbx_unobs_or_zero_occ_atoms.label_seq_id 
_pdbx_unobs_or_zero_occ_atoms.label_atom_id 
1 1 Y 1 B VAL 231 ? CG1 ? B VAL 83 CG1 
2 1 Y 1 B VAL 231 ? CG2 ? B VAL 83 CG2 
# 
loop_
_pdbx_unobs_or_zero_occ_residues.id 
_pdbx_unobs_or_zero_occ_residues.PDB_model_num 
_pdbx_unobs_or_zero_occ_residues.polymer_flag 
_pdbx_unobs_or_zero_occ_residues.occupancy_flag 
_pdbx_unobs_or_zero_occ_residues.auth_asym_id 
_pdbx_unobs_or_zero_occ_residues.auth_comp_id 
_pdbx_unobs_or_zero_occ_residues.auth_seq_id 
_pdbx_unobs_or_zero_occ_residues.PDB_ins_code 
_pdbx_unobs_or_zero_occ_residues.label_asym_id 
_pdbx_unobs_or_zero_occ_residues.label_comp_id 
_pdbx_unobs_or_zero_occ_residues.label_seq_id 
1 1 Y 1 A GLY 149 ? A GLY 1  
2 1 Y 1 A HIS 150 ? A HIS 2  
3 1 Y 1 A MET 151 ? A MET 3  
4 1 Y 1 A GLU 152 ? A GLU 4  
5 1 Y 1 B GLY 149 ? B GLY 1  
6 1 Y 1 B HIS 150 ? B HIS 2  
7 1 Y 1 B MET 151 ? B MET 3  
8 1 Y 1 B GLU 152 ? B GLU 4  
9 1 Y 1 B PHE 232 ? B PHE 84 
# 
loop_
_chem_comp_atom.comp_id 
_chem_comp_atom.atom_id 
_chem_comp_atom.type_symbol 
_chem_comp_atom.pdbx_aromatic_flag 
_chem_comp_atom.pdbx_stereo_config 
_chem_comp_atom.pdbx_ordinal 
ALA N    N N N 1   
ALA CA   C N S 2   
ALA C    C N N 3   
ALA O    O N N 4   
ALA CB   C N N 5   
ALA OXT  O N N 6   
ALA H    H N N 7   
ALA H2   H N N 8   
ALA HA   H N N 9   
ALA HB1  H N N 10  
ALA HB2  H N N 11  
ALA HB3  H N N 12  
ALA HXT  H N N 13  
ARG N    N N N 14  
ARG CA   C N S 15  
ARG C    C N N 16  
ARG O    O N N 17  
ARG CB   C N N 18  
ARG CG   C N N 19  
ARG CD   C N N 20  
ARG NE   N N N 21  
ARG CZ   C N N 22  
ARG NH1  N N N 23  
ARG NH2  N N N 24  
ARG OXT  O N N 25  
ARG H    H N N 26  
ARG H2   H N N 27  
ARG HA   H N N 28  
ARG HB2  H N N 29  
ARG HB3  H N N 30  
ARG HG2  H N N 31  
ARG HG3  H N N 32  
ARG HD2  H N N 33  
ARG HD3  H N N 34  
ARG HE   H N N 35  
ARG HH11 H N N 36  
ARG HH12 H N N 37  
ARG HH21 H N N 38  
ARG HH22 H N N 39  
ARG HXT  H N N 40  
ASN N    N N N 41  
ASN CA   C N S 42  
ASN C    C N N 43  
ASN O    O N N 44  
ASN CB   C N N 45  
ASN CG   C N N 46  
ASN OD1  O N N 47  
ASN ND2  N N N 48  
ASN OXT  O N N 49  
ASN H    H N N 50  
ASN H2   H N N 51  
ASN HA   H N N 52  
ASN HB2  H N N 53  
ASN HB3  H N N 54  
ASN HD21 H N N 55  
ASN HD22 H N N 56  
ASN HXT  H N N 57  
ASP N    N N N 58  
ASP CA   C N S 59  
ASP C    C N N 60  
ASP O    O N N 61  
ASP CB   C N N 62  
ASP CG   C N N 63  
ASP OD1  O N N 64  
ASP OD2  O N N 65  
ASP OXT  O N N 66  
ASP H    H N N 67  
ASP H2   H N N 68  
ASP HA   H N N 69  
ASP HB2  H N N 70  
ASP HB3  H N N 71  
ASP HD2  H N N 72  
ASP HXT  H N N 73  
CYS N    N N N 74  
CYS CA   C N R 75  
CYS C    C N N 76  
CYS O    O N N 77  
CYS CB   C N N 78  
CYS SG   S N N 79  
CYS OXT  O N N 80  
CYS H    H N N 81  
CYS H2   H N N 82  
CYS HA   H N N 83  
CYS HB2  H N N 84  
CYS HB3  H N N 85  
CYS HG   H N N 86  
CYS HXT  H N N 87  
FMT C    C N N 88  
FMT O1   O N N 89  
FMT O2   O N N 90  
FMT H    H N N 91  
FMT HO2  H N N 92  
GLN N    N N N 93  
GLN CA   C N S 94  
GLN C    C N N 95  
GLN O    O N N 96  
GLN CB   C N N 97  
GLN CG   C N N 98  
GLN CD   C N N 99  
GLN OE1  O N N 100 
GLN NE2  N N N 101 
GLN OXT  O N N 102 
GLN H    H N N 103 
GLN H2   H N N 104 
GLN HA   H N N 105 
GLN HB2  H N N 106 
GLN HB3  H N N 107 
GLN HG2  H N N 108 
GLN HG3  H N N 109 
GLN HE21 H N N 110 
GLN HE22 H N N 111 
GLN HXT  H N N 112 
GLU N    N N N 113 
GLU CA   C N S 114 
GLU C    C N N 115 
GLU O    O N N 116 
GLU CB   C N N 117 
GLU CG   C N N 118 
GLU CD   C N N 119 
GLU OE1  O N N 120 
GLU OE2  O N N 121 
GLU OXT  O N N 122 
GLU H    H N N 123 
GLU H2   H N N 124 
GLU HA   H N N 125 
GLU HB2  H N N 126 
GLU HB3  H N N 127 
GLU HG2  H N N 128 
GLU HG3  H N N 129 
GLU HE2  H N N 130 
GLU HXT  H N N 131 
GLY N    N N N 132 
GLY CA   C N N 133 
GLY C    C N N 134 
GLY O    O N N 135 
GLY OXT  O N N 136 
GLY H    H N N 137 
GLY H2   H N N 138 
GLY HA2  H N N 139 
GLY HA3  H N N 140 
GLY HXT  H N N 141 
HIS N    N N N 142 
HIS CA   C N S 143 
HIS C    C N N 144 
HIS O    O N N 145 
HIS CB   C N N 146 
HIS CG   C Y N 147 
HIS ND1  N Y N 148 
HIS CD2  C Y N 149 
HIS CE1  C Y N 150 
HIS NE2  N Y N 151 
HIS OXT  O N N 152 
HIS H    H N N 153 
HIS H2   H N N 154 
HIS HA   H N N 155 
HIS HB2  H N N 156 
HIS HB3  H N N 157 
HIS HD1  H N N 158 
HIS HD2  H N N 159 
HIS HE1  H N N 160 
HIS HE2  H N N 161 
HIS HXT  H N N 162 
HOH O    O N N 163 
HOH H1   H N N 164 
HOH H2   H N N 165 
ILE N    N N N 166 
ILE CA   C N S 167 
ILE C    C N N 168 
ILE O    O N N 169 
ILE CB   C N S 170 
ILE CG1  C N N 171 
ILE CG2  C N N 172 
ILE CD1  C N N 173 
ILE OXT  O N N 174 
ILE H    H N N 175 
ILE H2   H N N 176 
ILE HA   H N N 177 
ILE HB   H N N 178 
ILE HG12 H N N 179 
ILE HG13 H N N 180 
ILE HG21 H N N 181 
ILE HG22 H N N 182 
ILE HG23 H N N 183 
ILE HD11 H N N 184 
ILE HD12 H N N 185 
ILE HD13 H N N 186 
ILE HXT  H N N 187 
LEU N    N N N 188 
LEU CA   C N S 189 
LEU C    C N N 190 
LEU O    O N N 191 
LEU CB   C N N 192 
LEU CG   C N N 193 
LEU CD1  C N N 194 
LEU CD2  C N N 195 
LEU OXT  O N N 196 
LEU H    H N N 197 
LEU H2   H N N 198 
LEU HA   H N N 199 
LEU HB2  H N N 200 
LEU HB3  H N N 201 
LEU HG   H N N 202 
LEU HD11 H N N 203 
LEU HD12 H N N 204 
LEU HD13 H N N 205 
LEU HD21 H N N 206 
LEU HD22 H N N 207 
LEU HD23 H N N 208 
LEU HXT  H N N 209 
LYS N    N N N 210 
LYS CA   C N S 211 
LYS C    C N N 212 
LYS O    O N N 213 
LYS CB   C N N 214 
LYS CG   C N N 215 
LYS CD   C N N 216 
LYS CE   C N N 217 
LYS NZ   N N N 218 
LYS OXT  O N N 219 
LYS H    H N N 220 
LYS H2   H N N 221 
LYS HA   H N N 222 
LYS HB2  H N N 223 
LYS HB3  H N N 224 
LYS HG2  H N N 225 
LYS HG3  H N N 226 
LYS HD2  H N N 227 
LYS HD3  H N N 228 
LYS HE2  H N N 229 
LYS HE3  H N N 230 
LYS HZ1  H N N 231 
LYS HZ2  H N N 232 
LYS HZ3  H N N 233 
LYS HXT  H N N 234 
MET N    N N N 235 
MET CA   C N S 236 
MET C    C N N 237 
MET O    O N N 238 
MET CB   C N N 239 
MET CG   C N N 240 
MET SD   S N N 241 
MET CE   C N N 242 
MET OXT  O N N 243 
MET H    H N N 244 
MET H2   H N N 245 
MET HA   H N N 246 
MET HB2  H N N 247 
MET HB3  H N N 248 
MET HG2  H N N 249 
MET HG3  H N N 250 
MET HE1  H N N 251 
MET HE2  H N N 252 
MET HE3  H N N 253 
MET HXT  H N N 254 
PHE N    N N N 255 
PHE CA   C N S 256 
PHE C    C N N 257 
PHE O    O N N 258 
PHE CB   C N N 259 
PHE CG   C Y N 260 
PHE CD1  C Y N 261 
PHE CD2  C Y N 262 
PHE CE1  C Y N 263 
PHE CE2  C Y N 264 
PHE CZ   C Y N 265 
PHE OXT  O N N 266 
PHE H    H N N 267 
PHE H2   H N N 268 
PHE HA   H N N 269 
PHE HB2  H N N 270 
PHE HB3  H N N 271 
PHE HD1  H N N 272 
PHE HD2  H N N 273 
PHE HE1  H N N 274 
PHE HE2  H N N 275 
PHE HZ   H N N 276 
PHE HXT  H N N 277 
PRO N    N N N 278 
PRO CA   C N S 279 
PRO C    C N N 280 
PRO O    O N N 281 
PRO CB   C N N 282 
PRO CG   C N N 283 
PRO CD   C N N 284 
PRO OXT  O N N 285 
PRO H    H N N 286 
PRO HA   H N N 287 
PRO HB2  H N N 288 
PRO HB3  H N N 289 
PRO HG2  H N N 290 
PRO HG3  H N N 291 
PRO HD2  H N N 292 
PRO HD3  H N N 293 
PRO HXT  H N N 294 
SER N    N N N 295 
SER CA   C N S 296 
SER C    C N N 297 
SER O    O N N 298 
SER CB   C N N 299 
SER OG   O N N 300 
SER OXT  O N N 301 
SER H    H N N 302 
SER H2   H N N 303 
SER HA   H N N 304 
SER HB2  H N N 305 
SER HB3  H N N 306 
SER HG   H N N 307 
SER HXT  H N N 308 
THR N    N N N 309 
THR CA   C N S 310 
THR C    C N N 311 
THR O    O N N 312 
THR CB   C N R 313 
THR OG1  O N N 314 
THR CG2  C N N 315 
THR OXT  O N N 316 
THR H    H N N 317 
THR H2   H N N 318 
THR HA   H N N 319 
THR HB   H N N 320 
THR HG1  H N N 321 
THR HG21 H N N 322 
THR HG22 H N N 323 
THR HG23 H N N 324 
THR HXT  H N N 325 
TRP N    N N N 326 
TRP CA   C N S 327 
TRP C    C N N 328 
TRP O    O N N 329 
TRP CB   C N N 330 
TRP CG   C Y N 331 
TRP CD1  C Y N 332 
TRP CD2  C Y N 333 
TRP NE1  N Y N 334 
TRP CE2  C Y N 335 
TRP CE3  C Y N 336 
TRP CZ2  C Y N 337 
TRP CZ3  C Y N 338 
TRP CH2  C Y N 339 
TRP OXT  O N N 340 
TRP H    H N N 341 
TRP H2   H N N 342 
TRP HA   H N N 343 
TRP HB2  H N N 344 
TRP HB3  H N N 345 
TRP HD1  H N N 346 
TRP HE1  H N N 347 
TRP HE3  H N N 348 
TRP HZ2  H N N 349 
TRP HZ3  H N N 350 
TRP HH2  H N N 351 
TRP HXT  H N N 352 
TYR N    N N N 353 
TYR CA   C N S 354 
TYR C    C N N 355 
TYR O    O N N 356 
TYR CB   C N N 357 
TYR CG   C Y N 358 
TYR CD1  C Y N 359 
TYR CD2  C Y N 360 
TYR CE1  C Y N 361 
TYR CE2  C Y N 362 
TYR CZ   C Y N 363 
TYR OH   O N N 364 
TYR OXT  O N N 365 
TYR H    H N N 366 
TYR H2   H N N 367 
TYR HA   H N N 368 
TYR HB2  H N N 369 
TYR HB3  H N N 370 
TYR HD1  H N N 371 
TYR HD2  H N N 372 
TYR HE1  H N N 373 
TYR HE2  H N N 374 
TYR HH   H N N 375 
TYR HXT  H N N 376 
VAL N    N N N 377 
VAL CA   C N S 378 
VAL C    C N N 379 
VAL O    O N N 380 
VAL CB   C N N 381 
VAL CG1  C N N 382 
VAL CG2  C N N 383 
VAL OXT  O N N 384 
VAL H    H N N 385 
VAL H2   H N N 386 
VAL HA   H N N 387 
VAL HB   H N N 388 
VAL HG11 H N N 389 
VAL HG12 H N N 390 
VAL HG13 H N N 391 
VAL HG21 H N N 392 
VAL HG22 H N N 393 
VAL HG23 H N N 394 
VAL HXT  H N N 395 
# 
loop_
_chem_comp_bond.comp_id 
_chem_comp_bond.atom_id_1 
_chem_comp_bond.atom_id_2 
_chem_comp_bond.value_order 
_chem_comp_bond.pdbx_aromatic_flag 
_chem_comp_bond.pdbx_stereo_config 
_chem_comp_bond.pdbx_ordinal 
ALA N   CA   sing N N 1   
ALA N   H    sing N N 2   
ALA N   H2   sing N N 3   
ALA CA  C    sing N N 4   
ALA CA  CB   sing N N 5   
ALA CA  HA   sing N N 6   
ALA C   O    doub N N 7   
ALA C   OXT  sing N N 8   
ALA CB  HB1  sing N N 9   
ALA CB  HB2  sing N N 10  
ALA CB  HB3  sing N N 11  
ALA OXT HXT  sing N N 12  
ARG N   CA   sing N N 13  
ARG N   H    sing N N 14  
ARG N   H2   sing N N 15  
ARG CA  C    sing N N 16  
ARG CA  CB   sing N N 17  
ARG CA  HA   sing N N 18  
ARG C   O    doub N N 19  
ARG C   OXT  sing N N 20  
ARG CB  CG   sing N N 21  
ARG CB  HB2  sing N N 22  
ARG CB  HB3  sing N N 23  
ARG CG  CD   sing N N 24  
ARG CG  HG2  sing N N 25  
ARG CG  HG3  sing N N 26  
ARG CD  NE   sing N N 27  
ARG CD  HD2  sing N N 28  
ARG CD  HD3  sing N N 29  
ARG NE  CZ   sing N N 30  
ARG NE  HE   sing N N 31  
ARG CZ  NH1  sing N N 32  
ARG CZ  NH2  doub N N 33  
ARG NH1 HH11 sing N N 34  
ARG NH1 HH12 sing N N 35  
ARG NH2 HH21 sing N N 36  
ARG NH2 HH22 sing N N 37  
ARG OXT HXT  sing N N 38  
ASN N   CA   sing N N 39  
ASN N   H    sing N N 40  
ASN N   H2   sing N N 41  
ASN CA  C    sing N N 42  
ASN CA  CB   sing N N 43  
ASN CA  HA   sing N N 44  
ASN C   O    doub N N 45  
ASN C   OXT  sing N N 46  
ASN CB  CG   sing N N 47  
ASN CB  HB2  sing N N 48  
ASN CB  HB3  sing N N 49  
ASN CG  OD1  doub N N 50  
ASN CG  ND2  sing N N 51  
ASN ND2 HD21 sing N N 52  
ASN ND2 HD22 sing N N 53  
ASN OXT HXT  sing N N 54  
ASP N   CA   sing N N 55  
ASP N   H    sing N N 56  
ASP N   H2   sing N N 57  
ASP CA  C    sing N N 58  
ASP CA  CB   sing N N 59  
ASP CA  HA   sing N N 60  
ASP C   O    doub N N 61  
ASP C   OXT  sing N N 62  
ASP CB  CG   sing N N 63  
ASP CB  HB2  sing N N 64  
ASP CB  HB3  sing N N 65  
ASP CG  OD1  doub N N 66  
ASP CG  OD2  sing N N 67  
ASP OD2 HD2  sing N N 68  
ASP OXT HXT  sing N N 69  
CYS N   CA   sing N N 70  
CYS N   H    sing N N 71  
CYS N   H2   sing N N 72  
CYS CA  C    sing N N 73  
CYS CA  CB   sing N N 74  
CYS CA  HA   sing N N 75  
CYS C   O    doub N N 76  
CYS C   OXT  sing N N 77  
CYS CB  SG   sing N N 78  
CYS CB  HB2  sing N N 79  
CYS CB  HB3  sing N N 80  
CYS SG  HG   sing N N 81  
CYS OXT HXT  sing N N 82  
FMT C   O1   doub N N 83  
FMT C   O2   sing N N 84  
FMT C   H    sing N N 85  
FMT O2  HO2  sing N N 86  
GLN N   CA   sing N N 87  
GLN N   H    sing N N 88  
GLN N   H2   sing N N 89  
GLN CA  C    sing N N 90  
GLN CA  CB   sing N N 91  
GLN CA  HA   sing N N 92  
GLN C   O    doub N N 93  
GLN C   OXT  sing N N 94  
GLN CB  CG   sing N N 95  
GLN CB  HB2  sing N N 96  
GLN CB  HB3  sing N N 97  
GLN CG  CD   sing N N 98  
GLN CG  HG2  sing N N 99  
GLN CG  HG3  sing N N 100 
GLN CD  OE1  doub N N 101 
GLN CD  NE2  sing N N 102 
GLN NE2 HE21 sing N N 103 
GLN NE2 HE22 sing N N 104 
GLN OXT HXT  sing N N 105 
GLU N   CA   sing N N 106 
GLU N   H    sing N N 107 
GLU N   H2   sing N N 108 
GLU CA  C    sing N N 109 
GLU CA  CB   sing N N 110 
GLU CA  HA   sing N N 111 
GLU C   O    doub N N 112 
GLU C   OXT  sing N N 113 
GLU CB  CG   sing N N 114 
GLU CB  HB2  sing N N 115 
GLU CB  HB3  sing N N 116 
GLU CG  CD   sing N N 117 
GLU CG  HG2  sing N N 118 
GLU CG  HG3  sing N N 119 
GLU CD  OE1  doub N N 120 
GLU CD  OE2  sing N N 121 
GLU OE2 HE2  sing N N 122 
GLU OXT HXT  sing N N 123 
GLY N   CA   sing N N 124 
GLY N   H    sing N N 125 
GLY N   H2   sing N N 126 
GLY CA  C    sing N N 127 
GLY CA  HA2  sing N N 128 
GLY CA  HA3  sing N N 129 
GLY C   O    doub N N 130 
GLY C   OXT  sing N N 131 
GLY OXT HXT  sing N N 132 
HIS N   CA   sing N N 133 
HIS N   H    sing N N 134 
HIS N   H2   sing N N 135 
HIS CA  C    sing N N 136 
HIS CA  CB   sing N N 137 
HIS CA  HA   sing N N 138 
HIS C   O    doub N N 139 
HIS C   OXT  sing N N 140 
HIS CB  CG   sing N N 141 
HIS CB  HB2  sing N N 142 
HIS CB  HB3  sing N N 143 
HIS CG  ND1  sing Y N 144 
HIS CG  CD2  doub Y N 145 
HIS ND1 CE1  doub Y N 146 
HIS ND1 HD1  sing N N 147 
HIS CD2 NE2  sing Y N 148 
HIS CD2 HD2  sing N N 149 
HIS CE1 NE2  sing Y N 150 
HIS CE1 HE1  sing N N 151 
HIS NE2 HE2  sing N N 152 
HIS OXT HXT  sing N N 153 
HOH O   H1   sing N N 154 
HOH O   H2   sing N N 155 
ILE N   CA   sing N N 156 
ILE N   H    sing N N 157 
ILE N   H2   sing N N 158 
ILE CA  C    sing N N 159 
ILE CA  CB   sing N N 160 
ILE CA  HA   sing N N 161 
ILE C   O    doub N N 162 
ILE C   OXT  sing N N 163 
ILE CB  CG1  sing N N 164 
ILE CB  CG2  sing N N 165 
ILE CB  HB   sing N N 166 
ILE CG1 CD1  sing N N 167 
ILE CG1 HG12 sing N N 168 
ILE CG1 HG13 sing N N 169 
ILE CG2 HG21 sing N N 170 
ILE CG2 HG22 sing N N 171 
ILE CG2 HG23 sing N N 172 
ILE CD1 HD11 sing N N 173 
ILE CD1 HD12 sing N N 174 
ILE CD1 HD13 sing N N 175 
ILE OXT HXT  sing N N 176 
LEU N   CA   sing N N 177 
LEU N   H    sing N N 178 
LEU N   H2   sing N N 179 
LEU CA  C    sing N N 180 
LEU CA  CB   sing N N 181 
LEU CA  HA   sing N N 182 
LEU C   O    doub N N 183 
LEU C   OXT  sing N N 184 
LEU CB  CG   sing N N 185 
LEU CB  HB2  sing N N 186 
LEU CB  HB3  sing N N 187 
LEU CG  CD1  sing N N 188 
LEU CG  CD2  sing N N 189 
LEU CG  HG   sing N N 190 
LEU CD1 HD11 sing N N 191 
LEU CD1 HD12 sing N N 192 
LEU CD1 HD13 sing N N 193 
LEU CD2 HD21 sing N N 194 
LEU CD2 HD22 sing N N 195 
LEU CD2 HD23 sing N N 196 
LEU OXT HXT  sing N N 197 
LYS N   CA   sing N N 198 
LYS N   H    sing N N 199 
LYS N   H2   sing N N 200 
LYS CA  C    sing N N 201 
LYS CA  CB   sing N N 202 
LYS CA  HA   sing N N 203 
LYS C   O    doub N N 204 
LYS C   OXT  sing N N 205 
LYS CB  CG   sing N N 206 
LYS CB  HB2  sing N N 207 
LYS CB  HB3  sing N N 208 
LYS CG  CD   sing N N 209 
LYS CG  HG2  sing N N 210 
LYS CG  HG3  sing N N 211 
LYS CD  CE   sing N N 212 
LYS CD  HD2  sing N N 213 
LYS CD  HD3  sing N N 214 
LYS CE  NZ   sing N N 215 
LYS CE  HE2  sing N N 216 
LYS CE  HE3  sing N N 217 
LYS NZ  HZ1  sing N N 218 
LYS NZ  HZ2  sing N N 219 
LYS NZ  HZ3  sing N N 220 
LYS OXT HXT  sing N N 221 
MET N   CA   sing N N 222 
MET N   H    sing N N 223 
MET N   H2   sing N N 224 
MET CA  C    sing N N 225 
MET CA  CB   sing N N 226 
MET CA  HA   sing N N 227 
MET C   O    doub N N 228 
MET C   OXT  sing N N 229 
MET CB  CG   sing N N 230 
MET CB  HB2  sing N N 231 
MET CB  HB3  sing N N 232 
MET CG  SD   sing N N 233 
MET CG  HG2  sing N N 234 
MET CG  HG3  sing N N 235 
MET SD  CE   sing N N 236 
MET CE  HE1  sing N N 237 
MET CE  HE2  sing N N 238 
MET CE  HE3  sing N N 239 
MET OXT HXT  sing N N 240 
PHE N   CA   sing N N 241 
PHE N   H    sing N N 242 
PHE N   H2   sing N N 243 
PHE CA  C    sing N N 244 
PHE CA  CB   sing N N 245 
PHE CA  HA   sing N N 246 
PHE C   O    doub N N 247 
PHE C   OXT  sing N N 248 
PHE CB  CG   sing N N 249 
PHE CB  HB2  sing N N 250 
PHE CB  HB3  sing N N 251 
PHE CG  CD1  doub Y N 252 
PHE CG  CD2  sing Y N 253 
PHE CD1 CE1  sing Y N 254 
PHE CD1 HD1  sing N N 255 
PHE CD2 CE2  doub Y N 256 
PHE CD2 HD2  sing N N 257 
PHE CE1 CZ   doub Y N 258 
PHE CE1 HE1  sing N N 259 
PHE CE2 CZ   sing Y N 260 
PHE CE2 HE2  sing N N 261 
PHE CZ  HZ   sing N N 262 
PHE OXT HXT  sing N N 263 
PRO N   CA   sing N N 264 
PRO N   CD   sing N N 265 
PRO N   H    sing N N 266 
PRO CA  C    sing N N 267 
PRO CA  CB   sing N N 268 
PRO CA  HA   sing N N 269 
PRO C   O    doub N N 270 
PRO C   OXT  sing N N 271 
PRO CB  CG   sing N N 272 
PRO CB  HB2  sing N N 273 
PRO CB  HB3  sing N N 274 
PRO CG  CD   sing N N 275 
PRO CG  HG2  sing N N 276 
PRO CG  HG3  sing N N 277 
PRO CD  HD2  sing N N 278 
PRO CD  HD3  sing N N 279 
PRO OXT HXT  sing N N 280 
SER N   CA   sing N N 281 
SER N   H    sing N N 282 
SER N   H2   sing N N 283 
SER CA  C    sing N N 284 
SER CA  CB   sing N N 285 
SER CA  HA   sing N N 286 
SER C   O    doub N N 287 
SER C   OXT  sing N N 288 
SER CB  OG   sing N N 289 
SER CB  HB2  sing N N 290 
SER CB  HB3  sing N N 291 
SER OG  HG   sing N N 292 
SER OXT HXT  sing N N 293 
THR N   CA   sing N N 294 
THR N   H    sing N N 295 
THR N   H2   sing N N 296 
THR CA  C    sing N N 297 
THR CA  CB   sing N N 298 
THR CA  HA   sing N N 299 
THR C   O    doub N N 300 
THR C   OXT  sing N N 301 
THR CB  OG1  sing N N 302 
THR CB  CG2  sing N N 303 
THR CB  HB   sing N N 304 
THR OG1 HG1  sing N N 305 
THR CG2 HG21 sing N N 306 
THR CG2 HG22 sing N N 307 
THR CG2 HG23 sing N N 308 
THR OXT HXT  sing N N 309 
TRP N   CA   sing N N 310 
TRP N   H    sing N N 311 
TRP N   H2   sing N N 312 
TRP CA  C    sing N N 313 
TRP CA  CB   sing N N 314 
TRP CA  HA   sing N N 315 
TRP C   O    doub N N 316 
TRP C   OXT  sing N N 317 
TRP CB  CG   sing N N 318 
TRP CB  HB2  sing N N 319 
TRP CB  HB3  sing N N 320 
TRP CG  CD1  doub Y N 321 
TRP CG  CD2  sing Y N 322 
TRP CD1 NE1  sing Y N 323 
TRP CD1 HD1  sing N N 324 
TRP CD2 CE2  doub Y N 325 
TRP CD2 CE3  sing Y N 326 
TRP NE1 CE2  sing Y N 327 
TRP NE1 HE1  sing N N 328 
TRP CE2 CZ2  sing Y N 329 
TRP CE3 CZ3  doub Y N 330 
TRP CE3 HE3  sing N N 331 
TRP CZ2 CH2  doub Y N 332 
TRP CZ2 HZ2  sing N N 333 
TRP CZ3 CH2  sing Y N 334 
TRP CZ3 HZ3  sing N N 335 
TRP CH2 HH2  sing N N 336 
TRP OXT HXT  sing N N 337 
TYR N   CA   sing N N 338 
TYR N   H    sing N N 339 
TYR N   H2   sing N N 340 
TYR CA  C    sing N N 341 
TYR CA  CB   sing N N 342 
TYR CA  HA   sing N N 343 
TYR C   O    doub N N 344 
TYR C   OXT  sing N N 345 
TYR CB  CG   sing N N 346 
TYR CB  HB2  sing N N 347 
TYR CB  HB3  sing N N 348 
TYR CG  CD1  doub Y N 349 
TYR CG  CD2  sing Y N 350 
TYR CD1 CE1  sing Y N 351 
TYR CD1 HD1  sing N N 352 
TYR CD2 CE2  doub Y N 353 
TYR CD2 HD2  sing N N 354 
TYR CE1 CZ   doub Y N 355 
TYR CE1 HE1  sing N N 356 
TYR CE2 CZ   sing Y N 357 
TYR CE2 HE2  sing N N 358 
TYR CZ  OH   sing N N 359 
TYR OH  HH   sing N N 360 
TYR OXT HXT  sing N N 361 
VAL N   CA   sing N N 362 
VAL N   H    sing N N 363 
VAL N   H2   sing N N 364 
VAL CA  C    sing N N 365 
VAL CA  CB   sing N N 366 
VAL CA  HA   sing N N 367 
VAL C   O    doub N N 368 
VAL C   OXT  sing N N 369 
VAL CB  CG1  sing N N 370 
VAL CB  CG2  sing N N 371 
VAL CB  HB   sing N N 372 
VAL CG1 HG11 sing N N 373 
VAL CG1 HG12 sing N N 374 
VAL CG1 HG13 sing N N 375 
VAL CG2 HG21 sing N N 376 
VAL CG2 HG22 sing N N 377 
VAL CG2 HG23 sing N N 378 
VAL OXT HXT  sing N N 379 
# 
loop_
_pdbx_entity_nonpoly.entity_id 
_pdbx_entity_nonpoly.name 
_pdbx_entity_nonpoly.comp_id 
2 'FORMIC ACID' FMT 
3 water         HOH 
# 
_pdbx_initial_refinement_model.id               1 
_pdbx_initial_refinement_model.entity_id_list   ? 
_pdbx_initial_refinement_model.type             'experimental model' 
_pdbx_initial_refinement_model.source_name      PDB 
_pdbx_initial_refinement_model.accession_code   1WHG 
_pdbx_initial_refinement_model.details          'PDB ENTRY 1WHG' 
# 
